data_2DJ4
#
_entry.id   2DJ4
#
_entity_poly.entity_id   1
_entity_poly.type   'polypeptide(L)'
_entity_poly.pdbx_seq_one_letter_code
;GSSGSSGVVDPSKVKIAGPGLGSGVRARVLQSFTVDSSKAGLAPLEVRVLGPRGLVEPVNVVDNGDGTHTVTYTPSQEGP
YMVSVKYADEEIPRSPFKVKVLPTYDAS
;
_entity_poly.pdbx_strand_id   A
#
# COMPACT_ATOMS: atom_id res chain seq x y z
N GLY A 1 12.21 -4.07 -27.43
CA GLY A 1 12.73 -5.41 -27.21
C GLY A 1 13.51 -5.52 -25.91
N SER A 2 13.76 -6.76 -25.48
CA SER A 2 14.50 -6.99 -24.25
C SER A 2 15.99 -7.09 -24.52
N SER A 3 16.75 -6.14 -24.00
CA SER A 3 18.20 -6.12 -24.18
C SER A 3 18.90 -5.58 -22.95
N GLY A 4 19.98 -6.24 -22.55
CA GLY A 4 20.73 -5.82 -21.38
C GLY A 4 20.76 -6.87 -20.29
N SER A 5 21.84 -6.90 -19.52
CA SER A 5 21.99 -7.87 -18.45
C SER A 5 22.27 -7.17 -17.11
N SER A 6 21.23 -6.96 -16.33
CA SER A 6 21.36 -6.30 -15.03
C SER A 6 20.34 -6.83 -14.04
N GLY A 7 20.73 -6.89 -12.77
CA GLY A 7 19.83 -7.39 -11.74
C GLY A 7 19.79 -6.48 -10.53
N VAL A 8 19.60 -5.18 -10.76
CA VAL A 8 19.54 -4.21 -9.67
C VAL A 8 18.11 -3.99 -9.21
N VAL A 9 17.96 -3.56 -7.96
CA VAL A 9 16.64 -3.31 -7.39
C VAL A 9 16.29 -1.83 -7.45
N ASP A 10 15.14 -1.51 -8.04
CA ASP A 10 14.69 -0.14 -8.15
C ASP A 10 13.37 0.07 -7.42
N PRO A 11 13.46 0.53 -6.16
CA PRO A 11 12.29 0.78 -5.33
C PRO A 11 11.47 1.98 -5.82
N SER A 12 11.93 2.61 -6.90
CA SER A 12 11.26 3.76 -7.46
C SER A 12 10.38 3.36 -8.65
N LYS A 13 10.38 2.06 -8.95
CA LYS A 13 9.59 1.54 -10.06
C LYS A 13 8.33 0.84 -9.56
N VAL A 14 8.22 0.69 -8.25
CA VAL A 14 7.07 0.04 -7.64
C VAL A 14 5.97 1.05 -7.32
N LYS A 15 4.76 0.75 -7.76
CA LYS A 15 3.62 1.62 -7.52
C LYS A 15 2.44 0.84 -6.95
N ILE A 16 1.37 1.55 -6.62
CA ILE A 16 0.17 0.92 -6.07
C ILE A 16 -1.09 1.64 -6.53
N ALA A 17 -2.09 0.87 -6.94
CA ALA A 17 -3.35 1.43 -7.41
C ALA A 17 -4.54 0.59 -6.94
N GLY A 18 -5.43 1.21 -6.18
CA GLY A 18 -6.60 0.50 -5.68
C GLY A 18 -7.53 1.39 -4.90
N PRO A 19 -8.73 0.90 -4.60
CA PRO A 19 -9.74 1.64 -3.84
C PRO A 19 -9.35 1.83 -2.39
N GLY A 20 -8.53 0.92 -1.87
CA GLY A 20 -8.10 1.00 -0.48
C GLY A 20 -7.25 2.22 -0.22
N LEU A 21 -6.59 2.72 -1.26
CA LEU A 21 -5.73 3.90 -1.14
C LEU A 21 -6.46 5.15 -1.60
N GLY A 22 -7.63 4.96 -2.22
CA GLY A 22 -8.41 6.09 -2.69
C GLY A 22 -8.96 6.93 -1.55
N SER A 23 -9.71 7.97 -1.91
CA SER A 23 -10.30 8.86 -0.91
C SER A 23 -11.70 8.39 -0.52
N GLY A 24 -12.18 7.38 -1.22
CA GLY A 24 -13.51 6.85 -0.93
C GLY A 24 -13.47 5.66 0.00
N VAL A 25 -12.71 5.80 1.09
CA VAL A 25 -12.59 4.72 2.08
C VAL A 25 -13.52 4.96 3.26
N ARG A 26 -14.13 3.88 3.74
CA ARG A 26 -15.05 3.97 4.86
C ARG A 26 -14.59 3.07 6.02
N ALA A 27 -14.84 3.52 7.24
CA ALA A 27 -14.45 2.75 8.43
C ALA A 27 -15.18 1.42 8.48
N ARG A 28 -14.55 0.42 9.11
CA ARG A 28 -15.13 -0.91 9.22
C ARG A 28 -15.53 -1.45 7.86
N VAL A 29 -14.72 -1.15 6.84
CA VAL A 29 -14.98 -1.61 5.49
C VAL A 29 -13.78 -2.33 4.90
N LEU A 30 -14.03 -3.29 4.03
CA LEU A 30 -12.96 -4.06 3.40
C LEU A 30 -12.21 -3.20 2.38
N GLN A 31 -10.96 -2.88 2.69
CA GLN A 31 -10.14 -2.07 1.80
C GLN A 31 -8.95 -2.88 1.27
N SER A 32 -8.80 -2.89 -0.06
CA SER A 32 -7.71 -3.62 -0.69
C SER A 32 -7.19 -2.88 -1.92
N PHE A 33 -5.94 -3.15 -2.28
CA PHE A 33 -5.34 -2.51 -3.44
C PHE A 33 -4.33 -3.44 -4.11
N THR A 34 -3.68 -2.94 -5.16
CA THR A 34 -2.70 -3.72 -5.89
C THR A 34 -1.33 -3.04 -5.89
N VAL A 35 -0.30 -3.80 -5.52
CA VAL A 35 1.05 -3.27 -5.48
C VAL A 35 1.90 -3.83 -6.62
N ASP A 36 2.17 -2.99 -7.62
CA ASP A 36 2.97 -3.40 -8.77
C ASP A 36 4.46 -3.15 -8.51
N SER A 37 5.22 -4.24 -8.38
CA SER A 37 6.66 -4.14 -8.13
C SER A 37 7.44 -4.97 -9.14
N SER A 38 6.85 -5.20 -10.30
CA SER A 38 7.49 -5.98 -11.35
C SER A 38 8.68 -5.24 -11.93
N LYS A 39 8.56 -3.92 -12.01
CA LYS A 39 9.63 -3.08 -12.53
C LYS A 39 10.64 -2.73 -11.45
N ALA A 40 10.31 -3.06 -10.21
CA ALA A 40 11.18 -2.79 -9.08
C ALA A 40 12.25 -3.86 -8.94
N GLY A 41 11.89 -5.10 -9.24
CA GLY A 41 12.84 -6.20 -9.14
C GLY A 41 12.27 -7.38 -8.36
N LEU A 42 13.13 -8.05 -7.60
CA LEU A 42 12.71 -9.20 -6.81
C LEU A 42 12.74 -8.87 -5.31
N ALA A 43 12.77 -7.58 -5.00
CA ALA A 43 12.79 -7.13 -3.62
C ALA A 43 11.42 -7.27 -2.97
N PRO A 44 11.40 -7.53 -1.65
CA PRO A 44 10.16 -7.70 -0.89
C PRO A 44 9.39 -6.39 -0.74
N LEU A 45 8.16 -6.49 -0.28
CA LEU A 45 7.32 -5.30 -0.09
C LEU A 45 6.78 -5.25 1.33
N GLU A 46 6.98 -4.12 1.99
CA GLU A 46 6.51 -3.93 3.37
C GLU A 46 5.37 -2.92 3.42
N VAL A 47 4.46 -3.11 4.36
CA VAL A 47 3.33 -2.21 4.52
C VAL A 47 3.03 -1.95 6.00
N ARG A 48 2.44 -0.80 6.29
CA ARG A 48 2.11 -0.42 7.65
C ARG A 48 0.98 0.61 7.68
N VAL A 49 0.04 0.43 8.61
CA VAL A 49 -1.09 1.34 8.74
C VAL A 49 -1.09 2.02 10.10
N LEU A 50 -0.94 3.34 10.09
CA LEU A 50 -0.92 4.11 11.34
C LEU A 50 -2.17 4.98 11.45
N GLY A 51 -2.91 4.80 12.54
CA GLY A 51 -4.12 5.57 12.75
C GLY A 51 -3.85 7.06 12.80
N PRO A 52 -4.92 7.85 12.96
CA PRO A 52 -4.82 9.32 13.02
C PRO A 52 -4.14 9.80 14.29
N ARG A 53 -4.45 9.15 15.40
CA ARG A 53 -3.86 9.52 16.69
C ARG A 53 -2.53 8.81 16.91
N GLY A 54 -2.39 7.64 16.31
CA GLY A 54 -1.16 6.87 16.45
C GLY A 54 -1.42 5.40 16.71
N LEU A 55 -2.49 4.87 16.12
CA LEU A 55 -2.84 3.47 16.29
C LEU A 55 -2.04 2.59 15.34
N VAL A 56 -1.90 1.32 15.70
CA VAL A 56 -1.16 0.36 14.87
C VAL A 56 -2.06 -0.79 14.43
N GLU A 57 -2.35 -0.85 13.13
CA GLU A 57 -3.20 -1.90 12.59
C GLU A 57 -2.39 -2.82 11.67
N PRO A 58 -2.72 -4.12 11.70
CA PRO A 58 -2.04 -5.13 10.89
C PRO A 58 -2.37 -4.99 9.40
N VAL A 59 -1.64 -5.72 8.57
CA VAL A 59 -1.86 -5.67 7.13
C VAL A 59 -1.67 -7.05 6.51
N ASN A 60 -2.27 -7.25 5.34
CA ASN A 60 -2.18 -8.53 4.63
C ASN A 60 -1.32 -8.38 3.38
N VAL A 61 -0.55 -9.43 3.08
CA VAL A 61 0.32 -9.43 1.90
C VAL A 61 0.18 -10.72 1.11
N VAL A 62 -0.22 -10.61 -0.14
CA VAL A 62 -0.39 -11.78 -1.00
C VAL A 62 0.20 -11.53 -2.39
N ASP A 63 0.99 -12.48 -2.87
CA ASP A 63 1.61 -12.37 -4.19
C ASP A 63 0.69 -12.89 -5.28
N ASN A 64 0.47 -12.09 -6.31
CA ASN A 64 -0.39 -12.47 -7.42
C ASN A 64 0.25 -13.56 -8.27
N GLY A 65 1.55 -13.41 -8.52
CA GLY A 65 2.27 -14.38 -9.32
C GLY A 65 2.67 -13.85 -10.67
N ASP A 66 1.99 -12.80 -11.12
CA ASP A 66 2.27 -12.19 -12.41
C ASP A 66 3.27 -11.04 -12.26
N GLY A 67 3.06 -10.22 -11.23
CA GLY A 67 3.94 -9.10 -10.99
C GLY A 67 3.32 -8.04 -10.10
N THR A 68 2.52 -8.48 -9.13
CA THR A 68 1.86 -7.57 -8.21
C THR A 68 1.58 -8.24 -6.87
N HIS A 69 1.04 -7.48 -5.93
CA HIS A 69 0.73 -8.00 -4.60
C HIS A 69 -0.55 -7.37 -4.06
N THR A 70 -1.43 -8.22 -3.51
CA THR A 70 -2.69 -7.74 -2.95
C THR A 70 -2.58 -7.54 -1.44
N VAL A 71 -3.07 -6.40 -0.98
CA VAL A 71 -3.03 -6.07 0.44
C VAL A 71 -4.42 -5.71 0.96
N THR A 72 -5.00 -6.60 1.75
CA THR A 72 -6.33 -6.38 2.31
C THR A 72 -6.25 -5.86 3.73
N TYR A 73 -7.14 -4.93 4.09
CA TYR A 73 -7.16 -4.36 5.42
C TYR A 73 -8.52 -3.74 5.73
N THR A 74 -8.73 -3.39 6.99
CA THR A 74 -10.00 -2.78 7.41
C THR A 74 -9.76 -1.74 8.51
N PRO A 75 -10.04 -0.47 8.18
CA PRO A 75 -9.87 0.65 9.12
C PRO A 75 -10.89 0.61 10.24
N SER A 76 -10.49 0.06 11.39
CA SER A 76 -11.38 -0.04 12.54
C SER A 76 -12.30 1.18 12.63
N GLN A 77 -11.70 2.37 12.49
CA GLN A 77 -12.47 3.62 12.56
C GLN A 77 -12.10 4.53 11.40
N GLU A 78 -12.66 5.74 11.41
CA GLU A 78 -12.39 6.72 10.36
C GLU A 78 -11.39 7.76 10.83
N GLY A 79 -10.92 8.58 9.90
CA GLY A 79 -9.96 9.62 10.25
C GLY A 79 -8.76 9.62 9.33
N PRO A 80 -7.85 10.60 9.53
CA PRO A 80 -6.64 10.73 8.72
C PRO A 80 -5.65 9.61 8.98
N TYR A 81 -5.78 8.51 8.25
CA TYR A 81 -4.89 7.37 8.40
C TYR A 81 -3.63 7.54 7.57
N MET A 82 -2.69 6.62 7.72
CA MET A 82 -1.44 6.67 6.98
C MET A 82 -0.93 5.26 6.68
N VAL A 83 -0.83 4.94 5.39
CA VAL A 83 -0.36 3.62 4.97
C VAL A 83 1.04 3.71 4.38
N SER A 84 2.04 3.35 5.17
CA SER A 84 3.43 3.40 4.72
C SER A 84 3.79 2.12 3.99
N VAL A 85 4.70 2.24 3.02
CA VAL A 85 5.13 1.09 2.23
C VAL A 85 6.62 1.19 1.91
N LYS A 86 7.31 0.05 2.00
CA LYS A 86 8.74 0.00 1.73
C LYS A 86 9.05 -1.08 0.69
N TYR A 87 10.28 -1.07 0.19
CA TYR A 87 10.71 -2.05 -0.81
C TYR A 87 12.23 -2.21 -0.78
N ALA A 88 12.68 -3.33 -0.23
CA ALA A 88 14.11 -3.63 -0.15
C ALA A 88 14.81 -2.65 0.78
N ASP A 89 14.18 -2.35 1.92
CA ASP A 89 14.75 -1.43 2.89
C ASP A 89 14.87 -0.02 2.30
N GLU A 90 13.94 0.33 1.43
CA GLU A 90 13.95 1.64 0.80
C GLU A 90 12.52 2.17 0.62
N GLU A 91 12.14 3.12 1.46
CA GLU A 91 10.81 3.71 1.39
C GLU A 91 10.51 4.24 -0.01
N ILE A 92 9.61 3.56 -0.71
CA ILE A 92 9.23 3.96 -2.05
C ILE A 92 8.94 5.46 -2.13
N PRO A 93 9.14 6.03 -3.32
CA PRO A 93 8.90 7.47 -3.55
C PRO A 93 7.42 7.83 -3.51
N ARG A 94 6.59 6.84 -3.20
CA ARG A 94 5.15 7.05 -3.13
C ARG A 94 4.65 6.89 -1.69
N SER A 95 5.55 6.51 -0.79
CA SER A 95 5.19 6.32 0.61
C SER A 95 5.85 7.39 1.48
N PRO A 96 5.23 7.67 2.63
CA PRO A 96 3.98 7.00 3.05
C PRO A 96 2.80 7.42 2.19
N PHE A 97 1.63 6.86 2.49
CA PHE A 97 0.42 7.17 1.75
C PHE A 97 -0.65 7.76 2.67
N LYS A 98 -1.06 8.98 2.38
CA LYS A 98 -2.08 9.66 3.18
C LYS A 98 -3.47 9.23 2.76
N VAL A 99 -4.11 8.40 3.58
CA VAL A 99 -5.45 7.91 3.29
C VAL A 99 -6.45 8.38 4.35
N LYS A 100 -7.26 9.36 3.99
CA LYS A 100 -8.26 9.90 4.90
C LYS A 100 -9.51 9.04 4.91
N VAL A 101 -9.65 8.23 5.96
CA VAL A 101 -10.80 7.35 6.11
C VAL A 101 -12.07 8.14 6.40
N LEU A 102 -13.21 7.61 5.97
CA LEU A 102 -14.49 8.27 6.17
C LEU A 102 -15.42 7.40 7.03
N PRO A 103 -16.35 8.05 7.73
CA PRO A 103 -17.32 7.36 8.60
C PRO A 103 -18.34 6.56 7.79
N THR A 104 -18.41 5.25 8.06
CA THR A 104 -19.34 4.38 7.37
C THR A 104 -20.64 5.11 7.04
N TYR A 105 -21.05 6.01 7.93
CA TYR A 105 -22.28 6.77 7.76
C TYR A 105 -21.98 8.14 7.18
N ASP A 106 -22.55 8.43 6.00
CA ASP A 106 -22.35 9.71 5.35
C ASP A 106 -23.35 10.74 5.84
N ALA A 107 -22.84 11.83 6.41
CA ALA A 107 -23.69 12.89 6.93
C ALA A 107 -24.15 13.83 5.81
N SER A 108 -25.15 13.39 5.05
CA SER A 108 -25.67 14.18 3.95
C SER A 108 -26.62 15.26 4.46
N GLY A 1 21.25 -3.71 -29.26
CA GLY A 1 20.63 -4.29 -28.08
C GLY A 1 20.91 -3.48 -26.82
N SER A 2 19.86 -3.14 -26.09
CA SER A 2 20.00 -2.36 -24.86
C SER A 2 19.25 -3.03 -23.71
N SER A 3 19.52 -2.57 -22.49
CA SER A 3 18.88 -3.11 -21.31
C SER A 3 18.67 -4.62 -21.44
N GLY A 4 19.69 -5.30 -21.96
CA GLY A 4 19.61 -6.74 -22.13
C GLY A 4 19.82 -7.49 -20.84
N SER A 5 21.03 -7.98 -20.62
CA SER A 5 21.35 -8.72 -19.41
C SER A 5 21.66 -7.78 -18.25
N SER A 6 20.76 -7.74 -17.27
CA SER A 6 20.92 -6.87 -16.12
C SER A 6 20.00 -7.31 -14.98
N GLY A 7 20.38 -6.97 -13.75
CA GLY A 7 19.57 -7.33 -12.60
C GLY A 7 19.77 -6.38 -11.43
N VAL A 8 19.07 -5.26 -11.45
CA VAL A 8 19.17 -4.27 -10.39
C VAL A 8 17.81 -3.97 -9.78
N VAL A 9 17.81 -3.65 -8.49
CA VAL A 9 16.57 -3.33 -7.78
C VAL A 9 16.28 -1.84 -7.81
N ASP A 10 15.05 -1.48 -8.19
CA ASP A 10 14.65 -0.09 -8.25
C ASP A 10 13.34 0.13 -7.49
N PRO A 11 13.46 0.57 -6.23
CA PRO A 11 12.30 0.83 -5.37
C PRO A 11 11.50 2.05 -5.82
N SER A 12 12.00 2.72 -6.86
CA SER A 12 11.34 3.91 -7.39
C SER A 12 10.51 3.58 -8.61
N LYS A 13 10.35 2.28 -8.88
CA LYS A 13 9.57 1.82 -10.02
C LYS A 13 8.32 1.08 -9.55
N VAL A 14 8.22 0.83 -8.25
CA VAL A 14 7.07 0.14 -7.69
C VAL A 14 5.92 1.10 -7.43
N LYS A 15 4.76 0.78 -7.99
CA LYS A 15 3.57 1.62 -7.82
C LYS A 15 2.44 0.82 -7.18
N ILE A 16 1.35 1.52 -6.86
CA ILE A 16 0.20 0.88 -6.23
C ILE A 16 -1.10 1.54 -6.68
N ALA A 17 -2.11 0.73 -6.96
CA ALA A 17 -3.40 1.24 -7.39
C ALA A 17 -4.55 0.42 -6.80
N GLY A 18 -5.60 1.10 -6.35
CA GLY A 18 -6.73 0.42 -5.76
C GLY A 18 -7.64 1.35 -4.98
N PRO A 19 -8.82 0.86 -4.61
CA PRO A 19 -9.81 1.65 -3.86
C PRO A 19 -9.35 1.91 -2.42
N GLY A 20 -8.58 0.99 -1.87
CA GLY A 20 -8.09 1.14 -0.51
C GLY A 20 -7.40 2.47 -0.30
N LEU A 21 -6.51 2.82 -1.22
CA LEU A 21 -5.77 4.07 -1.12
C LEU A 21 -6.65 5.26 -1.52
N GLY A 22 -7.62 5.00 -2.39
CA GLY A 22 -8.52 6.06 -2.83
C GLY A 22 -9.05 6.88 -1.67
N SER A 23 -9.71 7.99 -2.00
CA SER A 23 -10.27 8.86 -0.98
C SER A 23 -11.68 8.41 -0.59
N GLY A 24 -12.20 7.44 -1.33
CA GLY A 24 -13.53 6.94 -1.05
C GLY A 24 -13.52 5.72 -0.14
N VAL A 25 -12.79 5.83 0.97
CA VAL A 25 -12.69 4.73 1.93
C VAL A 25 -13.59 4.97 3.12
N ARG A 26 -14.19 3.89 3.62
CA ARG A 26 -15.08 3.97 4.77
C ARG A 26 -14.55 3.15 5.94
N ALA A 27 -14.83 3.61 7.15
CA ALA A 27 -14.38 2.91 8.35
C ALA A 27 -15.09 1.58 8.51
N ARG A 28 -14.40 0.61 9.12
CA ARG A 28 -14.97 -0.72 9.33
C ARG A 28 -15.43 -1.33 8.01
N VAL A 29 -14.62 -1.14 6.97
CA VAL A 29 -14.94 -1.68 5.66
C VAL A 29 -13.73 -2.37 5.04
N LEU A 30 -13.98 -3.40 4.24
CA LEU A 30 -12.91 -4.14 3.58
C LEU A 30 -12.22 -3.29 2.53
N GLN A 31 -10.95 -2.98 2.76
CA GLN A 31 -10.17 -2.16 1.83
C GLN A 31 -8.96 -2.93 1.33
N SER A 32 -8.80 -2.98 0.00
CA SER A 32 -7.67 -3.68 -0.61
C SER A 32 -7.20 -2.96 -1.86
N PHE A 33 -5.91 -3.09 -2.16
CA PHE A 33 -5.33 -2.45 -3.34
C PHE A 33 -4.33 -3.38 -4.03
N THR A 34 -3.72 -2.88 -5.09
CA THR A 34 -2.75 -3.66 -5.85
C THR A 34 -1.39 -2.98 -5.88
N VAL A 35 -0.34 -3.75 -5.62
CA VAL A 35 1.02 -3.22 -5.62
C VAL A 35 1.86 -3.84 -6.73
N ASP A 36 2.14 -3.06 -7.76
CA ASP A 36 2.93 -3.53 -8.89
C ASP A 36 4.42 -3.25 -8.67
N SER A 37 5.18 -4.29 -8.38
CA SER A 37 6.62 -4.15 -8.14
C SER A 37 7.41 -4.91 -9.19
N SER A 38 6.77 -5.20 -10.32
CA SER A 38 7.43 -5.93 -11.41
C SER A 38 8.61 -5.14 -11.96
N LYS A 39 8.42 -3.83 -12.13
CA LYS A 39 9.46 -2.97 -12.65
C LYS A 39 10.50 -2.65 -11.57
N ALA A 40 10.14 -2.93 -10.32
CA ALA A 40 11.05 -2.68 -9.19
C ALA A 40 12.10 -3.77 -9.08
N GLY A 41 11.73 -5.00 -9.47
CA GLY A 41 12.66 -6.11 -9.41
C GLY A 41 12.09 -7.29 -8.65
N LEU A 42 12.92 -7.94 -7.86
CA LEU A 42 12.50 -9.10 -7.09
C LEU A 42 12.63 -8.84 -5.59
N ALA A 43 12.62 -7.56 -5.22
CA ALA A 43 12.73 -7.18 -3.82
C ALA A 43 11.39 -7.33 -3.10
N PRO A 44 11.45 -7.58 -1.79
CA PRO A 44 10.25 -7.75 -0.96
C PRO A 44 9.48 -6.44 -0.78
N LEU A 45 8.26 -6.55 -0.27
CA LEU A 45 7.42 -5.37 -0.04
C LEU A 45 6.93 -5.33 1.39
N GLU A 46 6.92 -4.14 1.98
CA GLU A 46 6.48 -3.96 3.36
C GLU A 46 5.32 -2.97 3.43
N VAL A 47 4.40 -3.22 4.35
CA VAL A 47 3.23 -2.36 4.52
C VAL A 47 2.99 -2.04 5.99
N ARG A 48 2.60 -0.81 6.27
CA ARG A 48 2.34 -0.38 7.64
C ARG A 48 1.21 0.65 7.68
N VAL A 49 0.24 0.42 8.57
CA VAL A 49 -0.89 1.33 8.71
C VAL A 49 -0.90 1.98 10.09
N LEU A 50 -0.94 3.31 10.12
CA LEU A 50 -0.96 4.04 11.37
C LEU A 50 -2.27 4.81 11.53
N GLY A 51 -2.75 4.90 12.76
CA GLY A 51 -3.99 5.61 13.03
C GLY A 51 -3.77 7.10 13.24
N PRO A 52 -4.88 7.86 13.27
CA PRO A 52 -4.83 9.31 13.46
C PRO A 52 -4.39 9.69 14.87
N ARG A 53 -4.75 8.86 15.84
CA ARG A 53 -4.40 9.12 17.23
C ARG A 53 -3.12 8.38 17.62
N GLY A 54 -2.85 7.27 16.94
CA GLY A 54 -1.66 6.49 17.21
C GLY A 54 -1.94 5.01 17.33
N LEU A 55 -2.99 4.56 16.65
CA LEU A 55 -3.36 3.15 16.67
C LEU A 55 -2.61 2.36 15.62
N VAL A 56 -2.34 1.09 15.91
CA VAL A 56 -1.62 0.22 14.99
C VAL A 56 -2.54 -0.86 14.42
N GLU A 57 -2.67 -0.89 13.10
CA GLU A 57 -3.52 -1.87 12.43
C GLU A 57 -2.68 -2.84 11.62
N PRO A 58 -3.10 -4.12 11.60
CA PRO A 58 -2.41 -5.18 10.87
C PRO A 58 -2.55 -5.01 9.36
N VAL A 59 -1.76 -5.78 8.61
CA VAL A 59 -1.79 -5.71 7.15
C VAL A 59 -1.62 -7.10 6.54
N ASN A 60 -2.09 -7.27 5.30
CA ASN A 60 -1.98 -8.54 4.62
C ASN A 60 -1.08 -8.43 3.39
N VAL A 61 -0.27 -9.46 3.16
CA VAL A 61 0.64 -9.47 2.02
C VAL A 61 0.53 -10.79 1.26
N VAL A 62 -0.07 -10.74 0.07
CA VAL A 62 -0.22 -11.93 -0.76
C VAL A 62 0.20 -11.66 -2.20
N ASP A 63 1.22 -12.38 -2.65
CA ASP A 63 1.72 -12.22 -4.01
C ASP A 63 0.77 -12.86 -5.03
N ASN A 64 0.48 -12.14 -6.10
CA ASN A 64 -0.41 -12.64 -7.14
C ASN A 64 0.26 -13.72 -7.96
N GLY A 65 1.53 -13.49 -8.31
CA GLY A 65 2.27 -14.45 -9.10
C GLY A 65 2.66 -13.92 -10.46
N ASP A 66 1.89 -12.94 -10.95
CA ASP A 66 2.16 -12.34 -12.25
C ASP A 66 3.16 -11.19 -12.13
N GLY A 67 3.02 -10.42 -11.07
CA GLY A 67 3.91 -9.29 -10.86
C GLY A 67 3.30 -8.22 -9.98
N THR A 68 2.48 -8.63 -9.02
CA THR A 68 1.82 -7.70 -8.12
C THR A 68 1.58 -8.33 -6.75
N HIS A 69 1.04 -7.55 -5.83
CA HIS A 69 0.75 -8.03 -4.48
C HIS A 69 -0.50 -7.37 -3.92
N THR A 70 -1.40 -8.19 -3.38
CA THR A 70 -2.65 -7.68 -2.82
C THR A 70 -2.50 -7.39 -1.33
N VAL A 71 -3.09 -6.29 -0.88
CA VAL A 71 -3.02 -5.90 0.53
C VAL A 71 -4.40 -5.59 1.08
N THR A 72 -4.97 -6.54 1.83
CA THR A 72 -6.29 -6.36 2.42
C THR A 72 -6.19 -5.78 3.82
N TYR A 73 -7.09 -4.85 4.14
CA TYR A 73 -7.10 -4.21 5.44
C TYR A 73 -8.43 -3.49 5.69
N THR A 74 -8.73 -3.22 6.96
CA THR A 74 -9.95 -2.53 7.32
C THR A 74 -9.70 -1.49 8.40
N PRO A 75 -9.96 -0.21 8.06
CA PRO A 75 -9.77 0.91 8.99
C PRO A 75 -10.79 0.90 10.12
N SER A 76 -10.45 0.23 11.22
CA SER A 76 -11.34 0.15 12.37
C SER A 76 -12.13 1.44 12.55
N GLN A 77 -11.41 2.56 12.61
CA GLN A 77 -12.05 3.86 12.77
C GLN A 77 -11.68 4.80 11.62
N GLU A 78 -12.50 5.81 11.40
CA GLU A 78 -12.27 6.78 10.34
C GLU A 78 -11.22 7.81 10.75
N GLY A 79 -10.85 8.67 9.82
CA GLY A 79 -9.86 9.69 10.10
C GLY A 79 -8.69 9.65 9.15
N PRO A 80 -7.74 10.59 9.31
CA PRO A 80 -6.56 10.68 8.46
C PRO A 80 -5.58 9.53 8.71
N TYR A 81 -5.80 8.43 8.02
CA TYR A 81 -4.93 7.25 8.17
C TYR A 81 -3.64 7.42 7.37
N MET A 82 -2.69 6.52 7.60
CA MET A 82 -1.41 6.57 6.91
C MET A 82 -0.89 5.16 6.63
N VAL A 83 -0.72 4.84 5.35
CA VAL A 83 -0.23 3.53 4.96
C VAL A 83 1.19 3.63 4.37
N SER A 84 2.18 3.36 5.21
CA SER A 84 3.57 3.41 4.78
C SER A 84 3.97 2.13 4.06
N VAL A 85 4.79 2.28 3.02
CA VAL A 85 5.25 1.13 2.25
C VAL A 85 6.75 1.21 1.96
N LYS A 86 7.41 0.07 1.94
CA LYS A 86 8.85 0.02 1.68
C LYS A 86 9.17 -1.05 0.65
N TYR A 87 10.41 -1.03 0.15
CA TYR A 87 10.84 -2.00 -0.85
C TYR A 87 12.36 -2.20 -0.79
N ALA A 88 12.77 -3.34 -0.25
CA ALA A 88 14.20 -3.66 -0.14
C ALA A 88 14.91 -2.66 0.77
N ASP A 89 14.28 -2.37 1.92
CA ASP A 89 14.86 -1.43 2.88
C ASP A 89 14.99 -0.04 2.27
N GLU A 90 14.04 0.31 1.40
CA GLU A 90 14.06 1.62 0.75
C GLU A 90 12.64 2.16 0.59
N GLU A 91 12.28 3.13 1.42
CA GLU A 91 10.95 3.74 1.37
C GLU A 91 10.66 4.28 -0.02
N ILE A 92 9.72 3.65 -0.71
CA ILE A 92 9.34 4.07 -2.06
C ILE A 92 9.07 5.57 -2.11
N PRO A 93 9.27 6.16 -3.29
CA PRO A 93 9.05 7.60 -3.50
C PRO A 93 7.58 7.98 -3.43
N ARG A 94 6.73 7.01 -3.12
CA ARG A 94 5.30 7.24 -3.02
C ARG A 94 4.80 7.02 -1.60
N SER A 95 5.73 6.66 -0.70
CA SER A 95 5.37 6.41 0.69
C SER A 95 6.05 7.44 1.60
N PRO A 96 5.43 7.69 2.77
CA PRO A 96 4.18 7.03 3.16
C PRO A 96 2.99 7.48 2.31
N PHE A 97 1.86 6.81 2.48
CA PHE A 97 0.66 7.15 1.73
C PHE A 97 -0.40 7.75 2.65
N LYS A 98 -1.09 8.77 2.14
CA LYS A 98 -2.14 9.44 2.91
C LYS A 98 -3.52 8.95 2.51
N VAL A 99 -4.17 8.22 3.41
CA VAL A 99 -5.50 7.69 3.14
C VAL A 99 -6.52 8.21 4.15
N LYS A 100 -7.30 9.20 3.73
CA LYS A 100 -8.31 9.79 4.60
C LYS A 100 -9.57 8.92 4.64
N VAL A 101 -9.73 8.16 5.72
CA VAL A 101 -10.88 7.29 5.87
C VAL A 101 -12.13 8.10 6.20
N LEU A 102 -13.28 7.61 5.74
CA LEU A 102 -14.55 8.28 5.99
C LEU A 102 -15.47 7.44 6.86
N PRO A 103 -16.39 8.09 7.57
CA PRO A 103 -17.34 7.42 8.45
C PRO A 103 -18.38 6.60 7.68
N THR A 104 -18.47 5.31 7.99
CA THR A 104 -19.41 4.44 7.33
C THR A 104 -20.72 5.16 7.02
N TYR A 105 -21.07 6.13 7.86
CA TYR A 105 -22.29 6.90 7.68
C TYR A 105 -21.99 8.26 7.08
N ASP A 106 -22.89 8.73 6.21
CA ASP A 106 -22.72 10.03 5.57
C ASP A 106 -23.73 11.04 6.11
N ALA A 107 -23.23 12.13 6.66
CA ALA A 107 -24.09 13.18 7.21
C ALA A 107 -24.02 14.45 6.37
N SER A 108 -24.73 14.45 5.25
CA SER A 108 -24.74 15.60 4.35
C SER A 108 -23.38 16.28 4.32
N GLY A 1 30.88 -2.59 -15.50
CA GLY A 1 29.79 -3.53 -15.39
C GLY A 1 30.08 -4.84 -16.10
N SER A 2 29.03 -5.60 -16.40
CA SER A 2 29.19 -6.89 -17.07
C SER A 2 27.88 -7.32 -17.73
N SER A 3 27.95 -7.61 -19.03
CA SER A 3 26.77 -8.02 -19.78
C SER A 3 26.18 -9.31 -19.21
N GLY A 4 24.87 -9.46 -19.31
CA GLY A 4 24.21 -10.64 -18.80
C GLY A 4 22.76 -10.40 -18.44
N SER A 5 22.38 -10.80 -17.24
CA SER A 5 21.01 -10.63 -16.77
C SER A 5 20.87 -9.33 -15.97
N SER A 6 19.77 -8.62 -16.20
CA SER A 6 19.52 -7.36 -15.50
C SER A 6 19.22 -7.61 -14.02
N GLY A 7 20.26 -7.59 -13.21
CA GLY A 7 20.09 -7.82 -11.78
C GLY A 7 20.20 -6.55 -10.98
N VAL A 8 19.20 -5.67 -11.13
CA VAL A 8 19.19 -4.40 -10.40
C VAL A 8 17.83 -4.15 -9.77
N VAL A 9 17.84 -3.55 -8.58
CA VAL A 9 16.60 -3.25 -7.86
C VAL A 9 16.31 -1.75 -7.87
N ASP A 10 15.07 -1.39 -8.17
CA ASP A 10 14.66 0.00 -8.20
C ASP A 10 13.36 0.20 -7.44
N PRO A 11 13.48 0.62 -6.17
CA PRO A 11 12.31 0.86 -5.31
C PRO A 11 11.52 2.09 -5.74
N SER A 12 11.99 2.76 -6.79
CA SER A 12 11.32 3.95 -7.30
C SER A 12 10.47 3.62 -8.51
N LYS A 13 10.33 2.34 -8.80
CA LYS A 13 9.54 1.88 -9.93
C LYS A 13 8.29 1.14 -9.47
N VAL A 14 8.24 0.85 -8.17
CA VAL A 14 7.10 0.14 -7.59
C VAL A 14 5.97 1.10 -7.26
N LYS A 15 4.80 0.86 -7.85
CA LYS A 15 3.63 1.70 -7.61
C LYS A 15 2.51 0.91 -6.97
N ILE A 16 1.43 1.60 -6.59
CA ILE A 16 0.28 0.96 -5.97
C ILE A 16 -1.01 1.66 -6.35
N ALA A 17 -2.03 0.88 -6.68
CA ALA A 17 -3.33 1.43 -7.05
C ALA A 17 -4.47 0.57 -6.50
N GLY A 18 -5.64 1.19 -6.35
CA GLY A 18 -6.78 0.47 -5.83
C GLY A 18 -7.66 1.33 -4.93
N PRO A 19 -8.77 0.77 -4.46
CA PRO A 19 -9.70 1.47 -3.58
C PRO A 19 -9.13 1.72 -2.19
N GLY A 20 -8.30 0.78 -1.72
CA GLY A 20 -7.70 0.91 -0.42
C GLY A 20 -6.95 2.22 -0.24
N LEU A 21 -6.55 2.82 -1.36
CA LEU A 21 -5.83 4.09 -1.33
C LEU A 21 -6.70 5.22 -1.87
N GLY A 22 -7.73 4.85 -2.63
CA GLY A 22 -8.62 5.85 -3.20
C GLY A 22 -9.30 6.69 -2.13
N SER A 23 -9.91 7.79 -2.55
CA SER A 23 -10.60 8.68 -1.62
C SER A 23 -12.00 8.17 -1.31
N GLY A 24 -12.28 6.94 -1.73
CA GLY A 24 -13.59 6.35 -1.48
C GLY A 24 -13.54 5.23 -0.46
N VAL A 25 -12.80 5.45 0.61
CA VAL A 25 -12.67 4.44 1.67
C VAL A 25 -13.56 4.78 2.86
N ARG A 26 -14.11 3.75 3.49
CA ARG A 26 -14.98 3.95 4.65
C ARG A 26 -14.48 3.13 5.84
N ALA A 27 -14.83 3.58 7.04
CA ALA A 27 -14.42 2.90 8.26
C ALA A 27 -15.18 1.59 8.44
N ARG A 28 -14.53 0.62 9.09
CA ARG A 28 -15.15 -0.68 9.32
C ARG A 28 -15.58 -1.33 8.01
N VAL A 29 -14.76 -1.16 6.97
CA VAL A 29 -15.04 -1.72 5.66
C VAL A 29 -13.82 -2.41 5.08
N LEU A 30 -14.05 -3.47 4.31
CA LEU A 30 -12.96 -4.22 3.69
C LEU A 30 -12.27 -3.40 2.61
N GLN A 31 -11.01 -3.04 2.87
CA GLN A 31 -10.24 -2.24 1.91
C GLN A 31 -9.03 -3.02 1.42
N SER A 32 -8.84 -3.05 0.10
CA SER A 32 -7.71 -3.76 -0.49
C SER A 32 -7.21 -3.03 -1.72
N PHE A 33 -5.92 -3.18 -2.00
CA PHE A 33 -5.30 -2.54 -3.16
C PHE A 33 -4.28 -3.44 -3.81
N THR A 34 -3.70 -2.98 -4.92
CA THR A 34 -2.70 -3.76 -5.65
C THR A 34 -1.37 -3.04 -5.70
N VAL A 35 -0.28 -3.77 -5.47
CA VAL A 35 1.05 -3.19 -5.48
C VAL A 35 1.87 -3.76 -6.65
N ASP A 36 2.06 -2.94 -7.68
CA ASP A 36 2.83 -3.34 -8.85
C ASP A 36 4.32 -3.13 -8.63
N SER A 37 5.04 -4.21 -8.35
CA SER A 37 6.48 -4.13 -8.12
C SER A 37 7.25 -4.91 -9.18
N SER A 38 6.64 -5.05 -10.35
CA SER A 38 7.27 -5.79 -11.45
C SER A 38 8.39 -4.97 -12.07
N LYS A 39 8.27 -3.65 -12.00
CA LYS A 39 9.27 -2.75 -12.57
C LYS A 39 10.32 -2.40 -11.51
N ALA A 40 10.10 -2.84 -10.28
CA ALA A 40 11.03 -2.58 -9.19
C ALA A 40 12.08 -3.67 -9.09
N GLY A 41 11.69 -4.91 -9.39
CA GLY A 41 12.62 -6.02 -9.33
C GLY A 41 12.05 -7.21 -8.60
N LEU A 42 12.89 -7.87 -7.80
CA LEU A 42 12.45 -9.03 -7.04
C LEU A 42 12.57 -8.79 -5.55
N ALA A 43 12.62 -7.52 -5.16
CA ALA A 43 12.73 -7.14 -3.75
C ALA A 43 11.38 -7.26 -3.05
N PRO A 44 11.43 -7.52 -1.74
CA PRO A 44 10.22 -7.66 -0.92
C PRO A 44 9.50 -6.32 -0.71
N LEU A 45 8.29 -6.39 -0.19
CA LEU A 45 7.49 -5.18 0.06
C LEU A 45 6.91 -5.20 1.47
N GLU A 46 7.01 -4.06 2.14
CA GLU A 46 6.48 -3.93 3.51
C GLU A 46 5.28 -2.99 3.54
N VAL A 47 4.41 -3.20 4.52
CA VAL A 47 3.21 -2.38 4.67
C VAL A 47 2.95 -2.05 6.13
N ARG A 48 2.68 -0.79 6.41
CA ARG A 48 2.40 -0.34 7.77
C ARG A 48 1.26 0.67 7.80
N VAL A 49 0.32 0.47 8.71
CA VAL A 49 -0.83 1.35 8.84
C VAL A 49 -0.84 2.03 10.21
N LEU A 50 -0.81 3.36 10.20
CA LEU A 50 -0.82 4.13 11.43
C LEU A 50 -2.07 5.00 11.53
N GLY A 51 -2.78 4.90 12.66
CA GLY A 51 -3.97 5.69 12.85
C GLY A 51 -3.69 7.16 13.04
N PRO A 52 -4.76 7.98 13.13
CA PRO A 52 -4.64 9.42 13.31
C PRO A 52 -4.13 9.79 14.70
N ARG A 53 -4.49 8.98 15.69
CA ARG A 53 -4.06 9.22 17.07
C ARG A 53 -2.78 8.46 17.38
N GLY A 54 -2.56 7.36 16.67
CA GLY A 54 -1.37 6.56 16.89
C GLY A 54 -1.68 5.09 17.03
N LEU A 55 -2.83 4.67 16.50
CA LEU A 55 -3.24 3.27 16.57
C LEU A 55 -2.43 2.41 15.62
N VAL A 56 -2.22 1.15 16.00
CA VAL A 56 -1.45 0.22 15.17
C VAL A 56 -2.34 -0.90 14.66
N GLU A 57 -2.54 -0.91 13.34
CA GLU A 57 -3.37 -1.94 12.71
C GLU A 57 -2.53 -2.85 11.82
N PRO A 58 -2.86 -4.16 11.83
CA PRO A 58 -2.14 -5.15 11.03
C PRO A 58 -2.41 -5.00 9.54
N VAL A 59 -1.72 -5.80 8.72
CA VAL A 59 -1.88 -5.75 7.28
C VAL A 59 -1.76 -7.14 6.67
N ASN A 60 -2.23 -7.28 5.43
CA ASN A 60 -2.18 -8.56 4.73
C ASN A 60 -1.35 -8.45 3.46
N VAL A 61 -0.63 -9.52 3.12
CA VAL A 61 0.20 -9.54 1.93
C VAL A 61 -0.02 -10.81 1.13
N VAL A 62 -0.46 -10.65 -0.13
CA VAL A 62 -0.71 -11.79 -1.00
C VAL A 62 -0.10 -11.58 -2.37
N ASP A 63 0.77 -12.50 -2.78
CA ASP A 63 1.43 -12.40 -4.08
C ASP A 63 0.53 -12.94 -5.18
N ASN A 64 0.32 -12.14 -6.22
CA ASN A 64 -0.53 -12.54 -7.34
C ASN A 64 0.15 -13.61 -8.18
N GLY A 65 1.42 -13.38 -8.52
CA GLY A 65 2.16 -14.32 -9.32
C GLY A 65 2.50 -13.79 -10.71
N ASP A 66 1.81 -12.73 -11.10
CA ASP A 66 2.03 -12.12 -12.41
C ASP A 66 3.01 -10.95 -12.31
N GLY A 67 2.90 -10.19 -11.23
CA GLY A 67 3.77 -9.05 -11.03
C GLY A 67 3.16 -7.99 -10.13
N THR A 68 2.39 -8.44 -9.15
CA THR A 68 1.74 -7.53 -8.21
C THR A 68 1.49 -8.20 -6.86
N HIS A 69 0.97 -7.44 -5.91
CA HIS A 69 0.68 -7.97 -4.58
C HIS A 69 -0.56 -7.30 -3.99
N THR A 70 -1.48 -8.11 -3.48
CA THR A 70 -2.71 -7.60 -2.89
C THR A 70 -2.55 -7.41 -1.39
N VAL A 71 -3.11 -6.32 -0.87
CA VAL A 71 -3.04 -6.02 0.55
C VAL A 71 -4.41 -5.66 1.11
N THR A 72 -4.97 -6.55 1.91
CA THR A 72 -6.28 -6.33 2.51
C THR A 72 -6.16 -5.70 3.89
N TYR A 73 -7.12 -4.86 4.24
CA TYR A 73 -7.11 -4.19 5.53
C TYR A 73 -8.49 -3.61 5.87
N THR A 74 -8.68 -3.22 7.12
CA THR A 74 -9.95 -2.66 7.56
C THR A 74 -9.73 -1.56 8.60
N PRO A 75 -10.01 -0.31 8.20
CA PRO A 75 -9.85 0.86 9.08
C PRO A 75 -10.89 0.87 10.20
N SER A 76 -10.52 0.28 11.34
CA SER A 76 -11.43 0.23 12.49
C SER A 76 -12.28 1.49 12.56
N GLN A 77 -11.63 2.64 12.49
CA GLN A 77 -12.34 3.93 12.54
C GLN A 77 -11.93 4.83 11.39
N GLU A 78 -12.59 5.97 11.27
CA GLU A 78 -12.29 6.93 10.21
C GLU A 78 -11.22 7.91 10.65
N GLY A 79 -10.71 8.70 9.70
CA GLY A 79 -9.69 9.67 10.00
C GLY A 79 -8.51 9.58 9.07
N PRO A 80 -7.58 10.55 9.18
CA PRO A 80 -6.38 10.60 8.33
C PRO A 80 -5.40 9.47 8.66
N TYR A 81 -5.54 8.35 7.96
CA TYR A 81 -4.67 7.21 8.18
C TYR A 81 -3.39 7.33 7.35
N MET A 82 -2.37 6.58 7.73
CA MET A 82 -1.10 6.60 7.03
C MET A 82 -0.62 5.19 6.72
N VAL A 83 -0.58 4.84 5.43
CA VAL A 83 -0.15 3.53 5.00
C VAL A 83 1.26 3.57 4.43
N SER A 84 2.25 3.26 5.28
CA SER A 84 3.64 3.27 4.86
C SER A 84 3.98 2.00 4.08
N VAL A 85 4.86 2.14 3.09
CA VAL A 85 5.28 1.00 2.28
C VAL A 85 6.76 1.10 1.91
N LYS A 86 7.49 0.02 2.14
CA LYS A 86 8.92 -0.02 1.82
C LYS A 86 9.22 -1.08 0.78
N TYR A 87 10.45 -1.07 0.26
CA TYR A 87 10.85 -2.03 -0.76
C TYR A 87 12.37 -2.20 -0.76
N ALA A 88 12.84 -3.32 -0.25
CA ALA A 88 14.28 -3.61 -0.20
C ALA A 88 14.99 -2.64 0.74
N ASP A 89 14.37 -2.35 1.88
CA ASP A 89 14.95 -1.44 2.86
C ASP A 89 15.08 -0.04 2.29
N GLU A 90 14.13 0.35 1.44
CA GLU A 90 14.14 1.67 0.83
C GLU A 90 12.71 2.19 0.64
N GLU A 91 12.32 3.15 1.49
CA GLU A 91 10.99 3.72 1.42
C GLU A 91 10.70 4.25 0.02
N ILE A 92 9.72 3.64 -0.65
CA ILE A 92 9.36 4.06 -2.00
C ILE A 92 9.07 5.55 -2.06
N PRO A 93 9.28 6.15 -3.24
CA PRO A 93 9.04 7.58 -3.46
C PRO A 93 7.55 7.94 -3.42
N ARG A 94 6.72 6.95 -3.11
CA ARG A 94 5.28 7.16 -3.03
C ARG A 94 4.77 6.94 -1.62
N SER A 95 5.68 6.62 -0.71
CA SER A 95 5.33 6.37 0.69
C SER A 95 5.94 7.43 1.61
N PRO A 96 5.30 7.65 2.75
CA PRO A 96 4.07 6.95 3.13
C PRO A 96 2.88 7.36 2.27
N PHE A 97 1.72 6.77 2.55
CA PHE A 97 0.51 7.08 1.81
C PHE A 97 -0.56 7.66 2.72
N LYS A 98 -1.06 8.84 2.38
CA LYS A 98 -2.09 9.50 3.18
C LYS A 98 -3.47 9.01 2.78
N VAL A 99 -3.99 8.04 3.53
CA VAL A 99 -5.31 7.48 3.27
C VAL A 99 -6.35 8.05 4.23
N LYS A 100 -7.17 8.96 3.73
CA LYS A 100 -8.21 9.57 4.55
C LYS A 100 -9.48 8.71 4.56
N VAL A 101 -9.67 7.99 5.65
CA VAL A 101 -10.85 7.13 5.78
C VAL A 101 -12.10 7.95 6.07
N LEU A 102 -13.22 7.51 5.51
CA LEU A 102 -14.49 8.20 5.71
C LEU A 102 -15.41 7.40 6.62
N PRO A 103 -16.34 8.10 7.29
CA PRO A 103 -17.30 7.48 8.21
C PRO A 103 -18.34 6.63 7.47
N THR A 104 -18.41 5.35 7.82
CA THR A 104 -19.36 4.44 7.19
C THR A 104 -20.65 5.16 6.82
N TYR A 105 -21.06 6.10 7.67
CA TYR A 105 -22.28 6.86 7.44
C TYR A 105 -22.07 7.92 6.36
N ASP A 106 -23.06 8.07 5.49
CA ASP A 106 -22.98 9.05 4.41
C ASP A 106 -24.37 9.46 3.94
N ALA A 107 -24.70 10.74 4.12
CA ALA A 107 -26.00 11.26 3.71
C ALA A 107 -25.91 12.01 2.38
N SER A 108 -25.90 11.26 1.29
CA SER A 108 -25.80 11.87 -0.04
C SER A 108 -27.04 12.71 -0.33
N GLY A 1 28.94 2.83 -22.96
CA GLY A 1 27.81 2.24 -22.25
C GLY A 1 27.89 0.73 -22.18
N SER A 2 26.79 0.06 -22.52
CA SER A 2 26.73 -1.39 -22.49
C SER A 2 27.44 -1.94 -21.25
N SER A 3 27.21 -1.28 -20.11
CA SER A 3 27.82 -1.69 -18.85
C SER A 3 27.08 -2.88 -18.25
N GLY A 4 27.54 -4.09 -18.57
CA GLY A 4 26.90 -5.29 -18.06
C GLY A 4 26.63 -5.20 -16.56
N SER A 5 25.47 -5.70 -16.15
CA SER A 5 25.11 -5.68 -14.74
C SER A 5 23.92 -6.61 -14.47
N SER A 6 24.02 -7.39 -13.40
CA SER A 6 22.96 -8.32 -13.04
C SER A 6 22.50 -8.09 -11.61
N GLY A 7 21.22 -8.35 -11.36
CA GLY A 7 20.65 -8.16 -10.04
C GLY A 7 20.59 -6.71 -9.64
N VAL A 8 19.47 -6.06 -9.95
CA VAL A 8 19.28 -4.66 -9.63
C VAL A 8 17.87 -4.40 -9.07
N VAL A 9 17.79 -3.55 -8.06
CA VAL A 9 16.51 -3.22 -7.45
C VAL A 9 16.22 -1.72 -7.53
N ASP A 10 15.00 -1.37 -7.92
CA ASP A 10 14.61 0.02 -8.04
C ASP A 10 13.27 0.27 -7.35
N PRO A 11 13.33 0.75 -6.10
CA PRO A 11 12.13 1.04 -5.30
C PRO A 11 11.36 2.24 -5.83
N SER A 12 11.87 2.84 -6.91
CA SER A 12 11.23 4.00 -7.51
C SER A 12 10.40 3.60 -8.73
N LYS A 13 10.29 2.29 -8.95
CA LYS A 13 9.53 1.76 -10.08
C LYS A 13 8.29 1.02 -9.60
N VAL A 14 8.18 0.84 -8.29
CA VAL A 14 7.03 0.15 -7.71
C VAL A 14 5.88 1.11 -7.46
N LYS A 15 4.70 0.76 -7.98
CA LYS A 15 3.51 1.58 -7.81
C LYS A 15 2.37 0.78 -7.20
N ILE A 16 1.31 1.47 -6.82
CA ILE A 16 0.14 0.82 -6.23
C ILE A 16 -1.15 1.51 -6.65
N ALA A 17 -2.16 0.73 -6.99
CA ALA A 17 -3.46 1.27 -7.39
C ALA A 17 -4.61 0.44 -6.84
N GLY A 18 -5.69 1.10 -6.46
CA GLY A 18 -6.84 0.40 -5.92
C GLY A 18 -7.76 1.32 -5.13
N PRO A 19 -8.95 0.82 -4.78
CA PRO A 19 -9.94 1.58 -4.02
C PRO A 19 -9.51 1.83 -2.58
N GLY A 20 -8.71 0.92 -2.03
CA GLY A 20 -8.25 1.06 -0.67
C GLY A 20 -7.44 2.33 -0.47
N LEU A 21 -6.52 2.59 -1.39
CA LEU A 21 -5.68 3.78 -1.31
C LEU A 21 -6.47 5.03 -1.66
N GLY A 22 -7.50 4.87 -2.47
CA GLY A 22 -8.33 6.00 -2.87
C GLY A 22 -8.80 6.81 -1.69
N SER A 23 -9.37 7.98 -1.97
CA SER A 23 -9.87 8.86 -0.92
C SER A 23 -11.29 8.47 -0.50
N GLY A 24 -11.88 7.55 -1.25
CA GLY A 24 -13.23 7.11 -0.95
C GLY A 24 -13.25 5.90 -0.02
N VAL A 25 -12.43 5.94 1.02
CA VAL A 25 -12.36 4.85 1.98
C VAL A 25 -13.32 5.09 3.15
N ARG A 26 -13.92 4.01 3.63
CA ARG A 26 -14.86 4.09 4.74
C ARG A 26 -14.36 3.28 5.94
N ALA A 27 -14.83 3.65 7.13
CA ALA A 27 -14.43 2.96 8.34
C ALA A 27 -15.10 1.59 8.45
N ARG A 28 -14.39 0.64 9.05
CA ARG A 28 -14.91 -0.71 9.20
C ARG A 28 -15.32 -1.30 7.86
N VAL A 29 -14.58 -0.95 6.82
CA VAL A 29 -14.87 -1.45 5.47
C VAL A 29 -13.67 -2.21 4.90
N LEU A 30 -13.96 -3.16 4.02
CA LEU A 30 -12.92 -3.96 3.39
C LEU A 30 -12.19 -3.16 2.31
N GLN A 31 -10.94 -2.81 2.60
CA GLN A 31 -10.12 -2.05 1.67
C GLN A 31 -8.97 -2.89 1.14
N SER A 32 -8.83 -2.95 -0.19
CA SER A 32 -7.78 -3.72 -0.82
C SER A 32 -7.27 -3.02 -2.07
N PHE A 33 -5.99 -3.22 -2.37
CA PHE A 33 -5.37 -2.60 -3.54
C PHE A 33 -4.32 -3.53 -4.15
N THR A 34 -3.83 -3.15 -5.33
CA THR A 34 -2.82 -3.95 -6.02
C THR A 34 -1.47 -3.22 -6.04
N VAL A 35 -0.41 -3.95 -5.65
CA VAL A 35 0.93 -3.38 -5.63
C VAL A 35 1.79 -3.96 -6.74
N ASP A 36 2.05 -3.14 -7.76
CA ASP A 36 2.87 -3.58 -8.89
C ASP A 36 4.34 -3.26 -8.64
N SER A 37 5.12 -4.30 -8.37
CA SER A 37 6.55 -4.14 -8.11
C SER A 37 7.37 -4.96 -9.09
N SER A 38 6.80 -5.22 -10.26
CA SER A 38 7.49 -6.00 -11.29
C SER A 38 8.64 -5.20 -11.90
N LYS A 39 8.43 -3.89 -12.04
CA LYS A 39 9.45 -3.02 -12.61
C LYS A 39 10.51 -2.66 -11.57
N ALA A 40 10.21 -2.92 -10.31
CA ALA A 40 11.13 -2.64 -9.22
C ALA A 40 12.21 -3.70 -9.13
N GLY A 41 11.83 -4.96 -9.36
CA GLY A 41 12.79 -6.04 -9.30
C GLY A 41 12.23 -7.26 -8.59
N LEU A 42 13.06 -7.88 -7.75
CA LEU A 42 12.64 -9.07 -7.01
C LEU A 42 12.72 -8.82 -5.51
N ALA A 43 12.77 -7.54 -5.12
CA ALA A 43 12.85 -7.17 -3.71
C ALA A 43 11.48 -7.33 -3.03
N PRO A 44 11.51 -7.60 -1.72
CA PRO A 44 10.29 -7.77 -0.92
C PRO A 44 9.52 -6.46 -0.75
N LEU A 45 8.28 -6.57 -0.28
CA LEU A 45 7.44 -5.40 -0.07
C LEU A 45 6.97 -5.32 1.38
N GLU A 46 7.02 -4.13 1.97
CA GLU A 46 6.59 -3.93 3.34
C GLU A 46 5.44 -2.94 3.42
N VAL A 47 4.48 -3.23 4.28
CA VAL A 47 3.31 -2.36 4.44
C VAL A 47 3.05 -2.07 5.92
N ARG A 48 2.60 -0.86 6.20
CA ARG A 48 2.31 -0.46 7.57
C ARG A 48 1.16 0.55 7.61
N VAL A 49 0.31 0.42 8.63
CA VAL A 49 -0.83 1.32 8.79
C VAL A 49 -0.80 2.01 10.14
N LEU A 50 -0.79 3.34 10.11
CA LEU A 50 -0.77 4.13 11.34
C LEU A 50 -2.11 4.81 11.58
N GLY A 51 -2.43 5.05 12.84
CA GLY A 51 -3.68 5.69 13.19
C GLY A 51 -3.57 7.20 13.26
N PRO A 52 -4.71 7.89 13.30
CA PRO A 52 -4.75 9.35 13.38
C PRO A 52 -4.27 9.88 14.72
N ARG A 53 -4.46 9.09 15.77
CA ARG A 53 -4.04 9.48 17.12
C ARG A 53 -3.00 8.52 17.66
N GLY A 54 -2.60 7.55 16.83
CA GLY A 54 -1.62 6.56 17.25
C GLY A 54 -2.22 5.18 17.43
N LEU A 55 -2.71 4.62 16.34
CA LEU A 55 -3.31 3.29 16.37
C LEU A 55 -2.58 2.34 15.44
N VAL A 56 -2.30 1.13 15.92
CA VAL A 56 -1.61 0.11 15.13
C VAL A 56 -2.58 -0.93 14.61
N GLU A 57 -2.51 -1.19 13.30
CA GLU A 57 -3.38 -2.18 12.68
C GLU A 57 -2.59 -3.10 11.74
N PRO A 58 -2.95 -4.38 11.73
CA PRO A 58 -2.28 -5.39 10.90
C PRO A 58 -2.59 -5.19 9.41
N VAL A 59 -1.85 -5.90 8.56
CA VAL A 59 -2.05 -5.80 7.12
C VAL A 59 -1.86 -7.16 6.45
N ASN A 60 -2.54 -7.36 5.33
CA ASN A 60 -2.45 -8.62 4.60
C ASN A 60 -1.52 -8.48 3.40
N VAL A 61 -0.70 -9.51 3.18
CA VAL A 61 0.25 -9.51 2.06
C VAL A 61 0.20 -10.83 1.31
N VAL A 62 -0.27 -10.78 0.06
CA VAL A 62 -0.37 -11.97 -0.77
C VAL A 62 0.17 -11.70 -2.17
N ASP A 63 1.10 -12.55 -2.61
CA ASP A 63 1.70 -12.42 -3.93
C ASP A 63 0.82 -13.07 -5.00
N ASN A 64 0.57 -12.32 -6.07
CA ASN A 64 -0.27 -12.83 -7.17
C ASN A 64 0.47 -13.89 -7.96
N GLY A 65 1.73 -13.60 -8.30
CA GLY A 65 2.53 -14.55 -9.07
C GLY A 65 2.92 -13.99 -10.42
N ASP A 66 2.16 -13.02 -10.91
CA ASP A 66 2.44 -12.42 -12.21
C ASP A 66 3.41 -11.24 -12.07
N GLY A 67 3.22 -10.45 -11.02
CA GLY A 67 4.08 -9.31 -10.78
C GLY A 67 3.42 -8.25 -9.93
N THR A 68 2.59 -8.68 -8.99
CA THR A 68 1.89 -7.76 -8.10
C THR A 68 1.64 -8.41 -6.74
N HIS A 69 1.07 -7.62 -5.82
CA HIS A 69 0.78 -8.11 -4.47
C HIS A 69 -0.47 -7.43 -3.92
N THR A 70 -1.44 -8.24 -3.50
CA THR A 70 -2.69 -7.72 -2.95
C THR A 70 -2.55 -7.44 -1.46
N VAL A 71 -3.16 -6.35 -1.01
CA VAL A 71 -3.11 -5.98 0.40
C VAL A 71 -4.49 -5.65 0.93
N THR A 72 -5.06 -6.57 1.71
CA THR A 72 -6.40 -6.38 2.28
C THR A 72 -6.30 -5.85 3.71
N TYR A 73 -7.12 -4.85 4.02
CA TYR A 73 -7.14 -4.26 5.35
C TYR A 73 -8.49 -3.61 5.64
N THR A 74 -8.65 -3.13 6.87
CA THR A 74 -9.89 -2.48 7.28
C THR A 74 -9.63 -1.46 8.37
N PRO A 75 -9.92 -0.18 8.07
CA PRO A 75 -9.74 0.93 9.02
C PRO A 75 -10.74 0.87 10.17
N SER A 76 -10.30 0.33 11.30
CA SER A 76 -11.14 0.22 12.48
C SER A 76 -12.10 1.40 12.58
N GLN A 77 -11.54 2.60 12.68
CA GLN A 77 -12.33 3.82 12.78
C GLN A 77 -11.91 4.84 11.72
N GLU A 78 -12.76 5.84 11.49
CA GLU A 78 -12.47 6.87 10.51
C GLU A 78 -11.38 7.81 11.02
N GLY A 79 -10.85 8.63 10.11
CA GLY A 79 -9.80 9.58 10.49
C GLY A 79 -8.64 9.55 9.52
N PRO A 80 -7.72 10.52 9.68
CA PRO A 80 -6.53 10.63 8.82
C PRO A 80 -5.54 9.49 9.05
N TYR A 81 -5.66 8.43 8.27
CA TYR A 81 -4.78 7.28 8.39
C TYR A 81 -3.53 7.46 7.52
N MET A 82 -2.59 6.53 7.65
CA MET A 82 -1.35 6.58 6.90
C MET A 82 -0.83 5.18 6.59
N VAL A 83 -0.76 4.85 5.31
CA VAL A 83 -0.28 3.53 4.89
C VAL A 83 1.13 3.62 4.32
N SER A 84 2.11 3.34 5.17
CA SER A 84 3.51 3.38 4.75
C SER A 84 3.88 2.12 3.97
N VAL A 85 4.75 2.29 2.97
CA VAL A 85 5.20 1.18 2.15
C VAL A 85 6.69 1.28 1.85
N LYS A 86 7.38 0.15 1.96
CA LYS A 86 8.81 0.11 1.70
C LYS A 86 9.15 -0.98 0.68
N TYR A 87 10.39 -0.98 0.20
CA TYR A 87 10.84 -1.96 -0.79
C TYR A 87 12.35 -2.14 -0.73
N ALA A 88 12.78 -3.35 -0.41
CA ALA A 88 14.20 -3.65 -0.32
C ALA A 88 14.90 -2.75 0.67
N ASP A 89 14.17 -2.33 1.71
CA ASP A 89 14.72 -1.45 2.73
C ASP A 89 14.87 -0.03 2.20
N GLU A 90 13.96 0.36 1.31
CA GLU A 90 13.99 1.70 0.72
C GLU A 90 12.57 2.24 0.54
N GLU A 91 12.20 3.19 1.39
CA GLU A 91 10.86 3.79 1.32
C GLU A 91 10.58 4.31 -0.08
N ILE A 92 9.60 3.71 -0.74
CA ILE A 92 9.22 4.12 -2.09
C ILE A 92 8.93 5.61 -2.15
N PRO A 93 9.13 6.21 -3.34
CA PRO A 93 8.89 7.64 -3.56
C PRO A 93 7.40 8.00 -3.52
N ARG A 94 6.57 7.00 -3.21
CA ARG A 94 5.13 7.21 -3.14
C ARG A 94 4.63 6.99 -1.72
N SER A 95 5.54 6.68 -0.80
CA SER A 95 5.18 6.45 0.59
C SER A 95 5.79 7.52 1.49
N PRO A 96 5.14 7.77 2.63
CA PRO A 96 3.91 7.07 3.02
C PRO A 96 2.72 7.46 2.15
N PHE A 97 1.58 6.84 2.40
CA PHE A 97 0.36 7.14 1.64
C PHE A 97 -0.72 7.73 2.54
N LYS A 98 -1.11 8.96 2.25
CA LYS A 98 -2.14 9.64 3.03
C LYS A 98 -3.53 9.14 2.64
N VAL A 99 -4.20 8.46 3.57
CA VAL A 99 -5.54 7.94 3.33
C VAL A 99 -6.49 8.35 4.45
N LYS A 100 -7.31 9.35 4.17
CA LYS A 100 -8.29 9.84 5.15
C LYS A 100 -9.56 9.00 5.11
N VAL A 101 -9.70 8.11 6.10
CA VAL A 101 -10.87 7.25 6.18
C VAL A 101 -12.12 8.06 6.49
N LEU A 102 -13.25 7.62 5.94
CA LEU A 102 -14.52 8.30 6.16
C LEU A 102 -15.49 7.42 6.95
N PRO A 103 -16.46 8.06 7.62
CA PRO A 103 -17.45 7.35 8.43
C PRO A 103 -18.44 6.57 7.56
N THR A 104 -18.51 5.26 7.78
CA THR A 104 -19.41 4.40 7.03
C THR A 104 -20.71 5.13 6.70
N TYR A 105 -21.13 6.02 7.58
CA TYR A 105 -22.35 6.78 7.40
C TYR A 105 -22.06 8.25 7.17
N ASP A 106 -23.07 9.00 6.73
CA ASP A 106 -22.92 10.43 6.47
C ASP A 106 -23.95 11.23 7.26
N ALA A 107 -23.81 12.56 7.22
CA ALA A 107 -24.73 13.44 7.93
C ALA A 107 -25.48 14.34 6.95
N SER A 108 -25.91 13.76 5.83
CA SER A 108 -26.65 14.50 4.82
C SER A 108 -28.00 13.87 4.55
N GLY A 1 26.44 -15.36 -25.05
CA GLY A 1 27.11 -14.12 -24.68
C GLY A 1 26.13 -12.99 -24.42
N SER A 2 25.79 -12.80 -23.15
CA SER A 2 24.86 -11.75 -22.76
C SER A 2 25.54 -10.73 -21.85
N SER A 3 24.88 -9.59 -21.66
CA SER A 3 25.42 -8.52 -20.81
C SER A 3 25.40 -8.94 -19.35
N GLY A 4 26.58 -9.19 -18.80
CA GLY A 4 26.67 -9.59 -17.40
C GLY A 4 26.22 -8.49 -16.45
N SER A 5 26.37 -8.74 -15.16
CA SER A 5 25.98 -7.77 -14.15
C SER A 5 24.64 -7.13 -14.51
N SER A 6 23.71 -7.95 -14.99
CA SER A 6 22.39 -7.47 -15.37
C SER A 6 21.35 -7.85 -14.33
N GLY A 7 20.70 -6.83 -13.75
CA GLY A 7 19.69 -7.08 -12.75
C GLY A 7 19.89 -6.23 -11.50
N VAL A 8 19.19 -5.10 -11.45
CA VAL A 8 19.29 -4.19 -10.31
C VAL A 8 17.93 -3.94 -9.69
N VAL A 9 17.93 -3.52 -8.42
CA VAL A 9 16.69 -3.24 -7.71
C VAL A 9 16.36 -1.75 -7.74
N ASP A 10 15.11 -1.42 -8.05
CA ASP A 10 14.69 -0.03 -8.12
C ASP A 10 13.35 0.16 -7.40
N PRO A 11 13.40 0.57 -6.13
CA PRO A 11 12.21 0.79 -5.32
C PRO A 11 11.40 2.00 -5.78
N SER A 12 11.87 2.64 -6.84
CA SER A 12 11.20 3.82 -7.38
C SER A 12 10.34 3.44 -8.59
N LYS A 13 10.43 2.18 -9.01
CA LYS A 13 9.66 1.70 -10.15
C LYS A 13 8.39 0.98 -9.68
N VAL A 14 8.28 0.78 -8.37
CA VAL A 14 7.12 0.11 -7.80
C VAL A 14 5.99 1.10 -7.52
N LYS A 15 4.79 0.75 -7.98
CA LYS A 15 3.62 1.61 -7.79
C LYS A 15 2.47 0.82 -7.16
N ILE A 16 1.40 1.53 -6.80
CA ILE A 16 0.24 0.90 -6.19
C ILE A 16 -1.05 1.57 -6.66
N ALA A 17 -2.04 0.76 -7.02
CA ALA A 17 -3.32 1.28 -7.48
C ALA A 17 -4.48 0.43 -6.94
N GLY A 18 -5.45 1.10 -6.33
CA GLY A 18 -6.60 0.39 -5.77
C GLY A 18 -7.53 1.31 -5.02
N PRO A 19 -8.76 0.84 -4.77
CA PRO A 19 -9.77 1.62 -4.05
C PRO A 19 -9.43 1.78 -2.57
N GLY A 20 -8.64 0.85 -2.03
CA GLY A 20 -8.25 0.91 -0.64
C GLY A 20 -7.44 2.14 -0.32
N LEU A 21 -6.56 2.52 -1.24
CA LEU A 21 -5.71 3.70 -1.05
C LEU A 21 -6.45 4.97 -1.44
N GLY A 22 -7.54 4.82 -2.19
CA GLY A 22 -8.32 5.97 -2.62
C GLY A 22 -8.81 6.80 -1.45
N SER A 23 -9.47 7.91 -1.75
CA SER A 23 -9.99 8.79 -0.72
C SER A 23 -11.42 8.41 -0.34
N GLY A 24 -12.04 7.57 -1.16
CA GLY A 24 -13.41 7.14 -0.90
C GLY A 24 -13.46 5.89 -0.05
N VAL A 25 -12.74 5.91 1.07
CA VAL A 25 -12.71 4.76 1.98
C VAL A 25 -13.65 4.99 3.16
N ARG A 26 -14.23 3.89 3.65
CA ARG A 26 -15.16 3.97 4.78
C ARG A 26 -14.66 3.12 5.94
N ALA A 27 -14.89 3.57 7.16
CA ALA A 27 -14.47 2.85 8.36
C ALA A 27 -15.19 1.51 8.46
N ARG A 28 -14.52 0.54 9.08
CA ARG A 28 -15.10 -0.80 9.24
C ARG A 28 -15.52 -1.37 7.90
N VAL A 29 -14.68 -1.19 6.88
CA VAL A 29 -14.98 -1.70 5.55
C VAL A 29 -13.76 -2.38 4.94
N LEU A 30 -14.01 -3.40 4.13
CA LEU A 30 -12.93 -4.14 3.48
C LEU A 30 -12.24 -3.29 2.41
N GLN A 31 -10.98 -2.95 2.66
CA GLN A 31 -10.20 -2.15 1.72
C GLN A 31 -8.97 -2.90 1.23
N SER A 32 -8.80 -2.94 -0.08
CA SER A 32 -7.67 -3.64 -0.68
C SER A 32 -7.17 -2.92 -1.93
N PHE A 33 -5.92 -3.15 -2.30
CA PHE A 33 -5.33 -2.52 -3.47
C PHE A 33 -4.32 -3.44 -4.13
N THR A 34 -3.72 -2.96 -5.22
CA THR A 34 -2.73 -3.76 -5.95
C THR A 34 -1.38 -3.05 -5.99
N VAL A 35 -0.32 -3.77 -5.65
CA VAL A 35 1.03 -3.21 -5.65
C VAL A 35 1.87 -3.80 -6.76
N ASP A 36 2.16 -2.99 -7.78
CA ASP A 36 2.96 -3.45 -8.91
C ASP A 36 4.44 -3.19 -8.66
N SER A 37 5.20 -4.28 -8.46
CA SER A 37 6.64 -4.18 -8.20
C SER A 37 7.43 -5.02 -9.18
N SER A 38 6.83 -5.27 -10.35
CA SER A 38 7.48 -6.08 -11.39
C SER A 38 8.67 -5.32 -11.99
N LYS A 39 8.54 -4.01 -12.08
CA LYS A 39 9.60 -3.17 -12.64
C LYS A 39 10.62 -2.80 -11.56
N ALA A 40 10.26 -3.04 -10.31
CA ALA A 40 11.15 -2.73 -9.19
C ALA A 40 12.23 -3.79 -9.03
N GLY A 41 11.87 -5.04 -9.31
CA GLY A 41 12.83 -6.12 -9.20
C GLY A 41 12.25 -7.33 -8.50
N LEU A 42 13.05 -7.95 -7.63
CA LEU A 42 12.61 -9.13 -6.89
C LEU A 42 12.68 -8.88 -5.39
N ALA A 43 12.73 -7.61 -5.00
CA ALA A 43 12.80 -7.24 -3.59
C ALA A 43 11.44 -7.36 -2.92
N PRO A 44 11.44 -7.63 -1.61
CA PRO A 44 10.21 -7.78 -0.82
C PRO A 44 9.47 -6.45 -0.65
N LEU A 45 8.23 -6.53 -0.19
CA LEU A 45 7.41 -5.34 0.02
C LEU A 45 6.89 -5.28 1.45
N GLU A 46 6.96 -4.11 2.05
CA GLU A 46 6.49 -3.92 3.42
C GLU A 46 5.39 -2.85 3.49
N VAL A 47 4.48 -3.01 4.44
CA VAL A 47 3.38 -2.07 4.60
C VAL A 47 3.09 -1.83 6.07
N ARG A 48 2.60 -0.62 6.38
CA ARG A 48 2.27 -0.26 7.76
C ARG A 48 1.11 0.72 7.80
N VAL A 49 0.18 0.49 8.72
CA VAL A 49 -0.99 1.35 8.86
C VAL A 49 -1.00 2.04 10.23
N LEU A 50 -1.07 3.36 10.22
CA LEU A 50 -1.09 4.14 11.44
C LEU A 50 -2.33 5.03 11.52
N GLY A 51 -2.99 5.03 12.67
CA GLY A 51 -4.19 5.85 12.83
C GLY A 51 -3.85 7.31 13.07
N PRO A 52 -4.90 8.13 13.24
CA PRO A 52 -4.74 9.56 13.47
C PRO A 52 -4.16 9.87 14.85
N ARG A 53 -4.67 9.20 15.87
CA ARG A 53 -4.21 9.39 17.24
C ARG A 53 -2.86 8.69 17.45
N GLY A 54 -2.68 7.54 16.80
CA GLY A 54 -1.45 6.80 16.94
C GLY A 54 -1.68 5.31 17.10
N LEU A 55 -2.75 4.81 16.49
CA LEU A 55 -3.08 3.39 16.57
C LEU A 55 -2.33 2.59 15.51
N VAL A 56 -2.08 1.32 15.80
CA VAL A 56 -1.37 0.45 14.87
C VAL A 56 -2.24 -0.74 14.47
N GLU A 57 -2.46 -0.88 13.16
CA GLU A 57 -3.27 -1.97 12.64
C GLU A 57 -2.46 -2.85 11.69
N PRO A 58 -2.70 -4.17 11.74
CA PRO A 58 -2.01 -5.14 10.88
C PRO A 58 -2.42 -5.02 9.42
N VAL A 59 -1.68 -5.69 8.54
CA VAL A 59 -1.98 -5.66 7.12
C VAL A 59 -1.83 -7.05 6.50
N ASN A 60 -2.31 -7.21 5.28
CA ASN A 60 -2.24 -8.47 4.57
C ASN A 60 -1.33 -8.37 3.35
N VAL A 61 -0.54 -9.42 3.11
CA VAL A 61 0.37 -9.45 1.98
C VAL A 61 0.28 -10.78 1.23
N VAL A 62 -0.18 -10.71 -0.02
CA VAL A 62 -0.32 -11.90 -0.84
C VAL A 62 0.09 -11.62 -2.28
N ASP A 63 1.12 -12.31 -2.74
CA ASP A 63 1.62 -12.14 -4.10
C ASP A 63 0.69 -12.79 -5.11
N ASN A 64 0.46 -12.11 -6.24
CA ASN A 64 -0.42 -12.62 -7.28
C ASN A 64 0.28 -13.69 -8.11
N GLY A 65 1.53 -13.42 -8.49
CA GLY A 65 2.28 -14.38 -9.29
C GLY A 65 2.63 -13.84 -10.66
N ASP A 66 1.89 -12.83 -11.10
CA ASP A 66 2.12 -12.23 -12.42
C ASP A 66 3.11 -11.08 -12.31
N GLY A 67 2.99 -10.30 -11.23
CA GLY A 67 3.89 -9.16 -11.04
C GLY A 67 3.28 -8.11 -10.14
N THR A 68 2.52 -8.55 -9.15
CA THR A 68 1.87 -7.62 -8.22
C THR A 68 1.62 -8.29 -6.87
N HIS A 69 1.09 -7.52 -5.92
CA HIS A 69 0.81 -8.04 -4.59
C HIS A 69 -0.46 -7.40 -4.02
N THR A 70 -1.36 -8.24 -3.52
CA THR A 70 -2.61 -7.75 -2.94
C THR A 70 -2.45 -7.44 -1.46
N VAL A 71 -3.09 -6.37 -1.02
CA VAL A 71 -3.02 -5.96 0.38
C VAL A 71 -4.40 -5.62 0.92
N THR A 72 -4.97 -6.55 1.69
CA THR A 72 -6.30 -6.36 2.27
C THR A 72 -6.20 -5.80 3.70
N TYR A 73 -7.13 -4.94 4.05
CA TYR A 73 -7.15 -4.33 5.38
C TYR A 73 -8.51 -3.70 5.68
N THR A 74 -8.66 -3.21 6.90
CA THR A 74 -9.92 -2.59 7.32
C THR A 74 -9.68 -1.54 8.39
N PRO A 75 -10.00 -0.28 8.08
CA PRO A 75 -9.82 0.85 9.01
C PRO A 75 -10.80 0.79 10.17
N SER A 76 -10.38 0.17 11.27
CA SER A 76 -11.23 0.05 12.45
C SER A 76 -12.12 1.27 12.62
N GLN A 77 -11.50 2.44 12.65
CA GLN A 77 -12.24 3.70 12.79
C GLN A 77 -11.89 4.68 11.68
N GLU A 78 -12.62 5.78 11.62
CA GLU A 78 -12.39 6.79 10.59
C GLU A 78 -11.29 7.76 11.02
N GLY A 79 -10.89 8.64 10.10
CA GLY A 79 -9.85 9.60 10.40
C GLY A 79 -8.71 9.54 9.40
N PRO A 80 -7.79 10.53 9.47
CA PRO A 80 -6.64 10.62 8.58
C PRO A 80 -5.61 9.52 8.86
N TYR A 81 -5.78 8.38 8.20
CA TYR A 81 -4.87 7.26 8.38
C TYR A 81 -3.62 7.42 7.51
N MET A 82 -2.62 6.59 7.74
CA MET A 82 -1.38 6.65 6.98
C MET A 82 -0.87 5.24 6.67
N VAL A 83 -0.79 4.91 5.39
CA VAL A 83 -0.32 3.59 4.97
C VAL A 83 1.09 3.68 4.36
N SER A 84 2.09 3.38 5.18
CA SER A 84 3.48 3.42 4.73
C SER A 84 3.84 2.15 3.97
N VAL A 85 4.73 2.29 2.99
CA VAL A 85 5.16 1.15 2.19
C VAL A 85 6.66 1.24 1.89
N LYS A 86 7.34 0.10 1.98
CA LYS A 86 8.77 0.04 1.70
C LYS A 86 9.08 -1.01 0.65
N TYR A 87 10.35 -1.07 0.23
CA TYR A 87 10.77 -2.02 -0.77
C TYR A 87 12.29 -2.22 -0.73
N ALA A 88 12.71 -3.41 -0.29
CA ALA A 88 14.13 -3.72 -0.21
C ALA A 88 14.85 -2.77 0.74
N ASP A 89 14.19 -2.41 1.83
CA ASP A 89 14.76 -1.49 2.82
C ASP A 89 14.90 -0.09 2.24
N GLU A 90 13.96 0.29 1.39
CA GLU A 90 13.98 1.61 0.76
C GLU A 90 12.57 2.15 0.59
N GLU A 91 12.19 3.10 1.43
CA GLU A 91 10.87 3.71 1.37
C GLU A 91 10.59 4.24 -0.03
N ILE A 92 9.69 3.57 -0.74
CA ILE A 92 9.33 3.97 -2.11
C ILE A 92 9.04 5.47 -2.16
N PRO A 93 9.25 6.06 -3.34
CA PRO A 93 9.01 7.49 -3.57
C PRO A 93 7.53 7.85 -3.54
N ARG A 94 6.69 6.86 -3.22
CA ARG A 94 5.26 7.08 -3.16
C ARG A 94 4.75 6.90 -1.73
N SER A 95 5.65 6.52 -0.83
CA SER A 95 5.29 6.31 0.58
C SER A 95 5.94 7.37 1.46
N PRO A 96 5.32 7.64 2.62
CA PRO A 96 4.08 6.97 3.02
C PRO A 96 2.89 7.39 2.17
N PHE A 97 1.72 6.85 2.49
CA PHE A 97 0.50 7.17 1.75
C PHE A 97 -0.56 7.76 2.68
N LYS A 98 -1.16 8.86 2.25
CA LYS A 98 -2.19 9.53 3.04
C LYS A 98 -3.58 9.04 2.64
N VAL A 99 -4.21 8.26 3.52
CA VAL A 99 -5.53 7.73 3.26
C VAL A 99 -6.53 8.22 4.31
N LYS A 100 -7.36 9.18 3.92
CA LYS A 100 -8.37 9.74 4.82
C LYS A 100 -9.60 8.85 4.87
N VAL A 101 -9.78 8.15 5.98
CA VAL A 101 -10.91 7.26 6.16
C VAL A 101 -12.18 8.05 6.49
N LEU A 102 -13.29 7.65 5.89
CA LEU A 102 -14.56 8.32 6.10
C LEU A 102 -15.50 7.44 6.93
N PRO A 103 -16.46 8.08 7.62
CA PRO A 103 -17.44 7.38 8.45
C PRO A 103 -18.43 6.58 7.63
N THR A 104 -18.50 5.28 7.88
CA THR A 104 -19.42 4.41 7.16
C THR A 104 -20.73 5.13 6.83
N TYR A 105 -21.16 6.00 7.73
CA TYR A 105 -22.39 6.76 7.53
C TYR A 105 -22.10 8.11 6.91
N ASP A 106 -23.03 8.59 6.10
CA ASP A 106 -22.88 9.89 5.43
C ASP A 106 -23.84 10.91 6.01
N ALA A 107 -24.03 10.86 7.32
CA ALA A 107 -24.93 11.79 8.00
C ALA A 107 -24.32 13.18 8.07
N SER A 108 -24.67 14.02 7.08
CA SER A 108 -24.15 15.38 7.01
C SER A 108 -24.66 16.20 8.19
N GLY A 1 10.51 -5.41 -29.72
CA GLY A 1 11.72 -6.04 -29.20
C GLY A 1 11.56 -6.52 -27.77
N SER A 2 12.61 -7.13 -27.23
CA SER A 2 12.58 -7.64 -25.87
C SER A 2 12.88 -6.52 -24.87
N SER A 3 12.57 -6.77 -23.60
CA SER A 3 12.81 -5.79 -22.55
C SER A 3 14.29 -5.71 -22.21
N GLY A 4 14.88 -6.86 -21.90
CA GLY A 4 16.30 -6.89 -21.55
C GLY A 4 16.61 -7.93 -20.50
N SER A 5 17.45 -7.57 -19.53
CA SER A 5 17.82 -8.48 -18.46
C SER A 5 17.39 -7.94 -17.11
N SER A 6 17.47 -8.78 -16.08
CA SER A 6 17.08 -8.39 -14.73
C SER A 6 18.24 -8.58 -13.76
N GLY A 7 18.05 -8.09 -12.54
CA GLY A 7 19.08 -8.21 -11.52
C GLY A 7 19.04 -7.08 -10.51
N VAL A 8 19.30 -5.87 -10.95
CA VAL A 8 19.29 -4.70 -10.07
C VAL A 8 17.89 -4.47 -9.50
N VAL A 9 17.83 -3.69 -8.44
CA VAL A 9 16.56 -3.38 -7.79
C VAL A 9 16.28 -1.87 -7.79
N ASP A 10 15.05 -1.51 -8.12
CA ASP A 10 14.65 -0.10 -8.16
C ASP A 10 13.32 0.11 -7.44
N PRO A 11 13.40 0.52 -6.17
CA PRO A 11 12.21 0.76 -5.35
C PRO A 11 11.44 2.01 -5.80
N SER A 12 11.96 2.68 -6.83
CA SER A 12 11.33 3.88 -7.34
C SER A 12 10.49 3.56 -8.57
N LYS A 13 10.38 2.28 -8.89
CA LYS A 13 9.60 1.83 -10.05
C LYS A 13 8.33 1.10 -9.60
N VAL A 14 8.22 0.86 -8.30
CA VAL A 14 7.06 0.17 -7.75
C VAL A 14 5.94 1.14 -7.44
N LYS A 15 4.74 0.81 -7.90
CA LYS A 15 3.57 1.67 -7.67
C LYS A 15 2.43 0.87 -7.05
N ILE A 16 1.37 1.57 -6.68
CA ILE A 16 0.20 0.93 -6.08
C ILE A 16 -1.08 1.65 -6.46
N ALA A 17 -2.11 0.88 -6.81
CA ALA A 17 -3.40 1.45 -7.19
C ALA A 17 -4.55 0.62 -6.64
N GLY A 18 -5.69 1.26 -6.42
CA GLY A 18 -6.85 0.57 -5.90
C GLY A 18 -7.72 1.46 -5.04
N PRO A 19 -8.87 0.93 -4.60
CA PRO A 19 -9.83 1.68 -3.76
C PRO A 19 -9.29 1.92 -2.36
N GLY A 20 -8.56 0.94 -1.84
CA GLY A 20 -8.00 1.07 -0.50
C GLY A 20 -7.24 2.37 -0.31
N LEU A 21 -6.61 2.84 -1.38
CA LEU A 21 -5.83 4.08 -1.33
C LEU A 21 -6.69 5.27 -1.78
N GLY A 22 -7.75 4.98 -2.52
CA GLY A 22 -8.62 6.03 -2.99
C GLY A 22 -9.16 6.90 -1.86
N SER A 23 -9.77 8.02 -2.22
CA SER A 23 -10.32 8.94 -1.23
C SER A 23 -11.76 8.55 -0.87
N GLY A 24 -12.16 7.35 -1.28
CA GLY A 24 -13.50 6.88 -0.99
C GLY A 24 -13.51 5.66 -0.08
N VAL A 25 -12.71 5.72 0.97
CA VAL A 25 -12.63 4.61 1.92
C VAL A 25 -13.52 4.87 3.14
N ARG A 26 -14.08 3.80 3.68
CA ARG A 26 -14.96 3.90 4.84
C ARG A 26 -14.42 3.09 6.01
N ALA A 27 -14.73 3.52 7.23
CA ALA A 27 -14.28 2.82 8.43
C ALA A 27 -14.98 1.47 8.58
N ARG A 28 -14.29 0.52 9.20
CA ARG A 28 -14.85 -0.81 9.40
C ARG A 28 -15.28 -1.43 8.08
N VAL A 29 -14.47 -1.24 7.04
CA VAL A 29 -14.78 -1.78 5.72
C VAL A 29 -13.55 -2.46 5.11
N LEU A 30 -13.79 -3.54 4.38
CA LEU A 30 -12.72 -4.28 3.73
C LEU A 30 -12.08 -3.46 2.62
N GLN A 31 -10.83 -3.07 2.81
CA GLN A 31 -10.10 -2.29 1.83
C GLN A 31 -8.89 -3.05 1.30
N SER A 32 -8.75 -3.11 -0.02
CA SER A 32 -7.65 -3.81 -0.65
C SER A 32 -7.20 -3.09 -1.92
N PHE A 33 -5.90 -3.20 -2.22
CA PHE A 33 -5.36 -2.56 -3.41
C PHE A 33 -4.34 -3.47 -4.10
N THR A 34 -3.76 -2.99 -5.19
CA THR A 34 -2.77 -3.75 -5.94
C THR A 34 -1.43 -3.05 -5.96
N VAL A 35 -0.36 -3.79 -5.65
CA VAL A 35 0.98 -3.22 -5.63
C VAL A 35 1.82 -3.78 -6.78
N ASP A 36 2.04 -2.96 -7.79
CA ASP A 36 2.82 -3.37 -8.95
C ASP A 36 4.30 -3.05 -8.75
N SER A 37 5.08 -4.07 -8.40
CA SER A 37 6.51 -3.90 -8.16
C SER A 37 7.32 -4.72 -9.17
N SER A 38 6.75 -4.94 -10.34
CA SER A 38 7.42 -5.70 -11.40
C SER A 38 8.60 -4.92 -11.97
N LYS A 39 8.43 -3.61 -12.10
CA LYS A 39 9.47 -2.74 -12.64
C LYS A 39 10.55 -2.49 -11.59
N ALA A 40 10.24 -2.80 -10.34
CA ALA A 40 11.18 -2.62 -9.24
C ALA A 40 12.19 -3.76 -9.18
N GLY A 41 11.70 -4.98 -9.42
CA GLY A 41 12.57 -6.14 -9.39
C GLY A 41 11.92 -7.32 -8.68
N LEU A 42 12.70 -8.01 -7.85
CA LEU A 42 12.19 -9.17 -7.12
C LEU A 42 12.30 -8.94 -5.61
N ALA A 43 12.42 -7.68 -5.22
CA ALA A 43 12.52 -7.33 -3.80
C ALA A 43 11.17 -7.40 -3.11
N PRO A 44 11.17 -7.69 -1.80
CA PRO A 44 9.96 -7.80 -1.00
C PRO A 44 9.27 -6.44 -0.80
N LEU A 45 8.03 -6.48 -0.33
CA LEU A 45 7.28 -5.26 -0.09
C LEU A 45 6.68 -5.25 1.32
N GLU A 46 6.89 -4.17 2.05
CA GLU A 46 6.38 -4.04 3.41
C GLU A 46 5.24 -3.02 3.46
N VAL A 47 4.33 -3.22 4.40
CA VAL A 47 3.20 -2.32 4.56
C VAL A 47 2.91 -2.05 6.05
N ARG A 48 2.48 -0.83 6.35
CA ARG A 48 2.18 -0.44 7.71
C ARG A 48 1.08 0.62 7.75
N VAL A 49 0.11 0.43 8.65
CA VAL A 49 -0.99 1.38 8.79
C VAL A 49 -0.99 2.04 10.16
N LEU A 50 -1.05 3.36 10.18
CA LEU A 50 -1.05 4.11 11.42
C LEU A 50 -2.26 5.04 11.50
N GLY A 51 -3.08 4.86 12.52
CA GLY A 51 -4.26 5.68 12.69
C GLY A 51 -3.91 7.15 12.90
N PRO A 52 -4.94 8.00 12.94
CA PRO A 52 -4.77 9.44 13.14
C PRO A 52 -4.30 9.79 14.54
N ARG A 53 -4.90 9.14 15.54
CA ARG A 53 -4.53 9.39 16.92
C ARG A 53 -3.24 8.65 17.28
N GLY A 54 -3.03 7.49 16.66
CA GLY A 54 -1.85 6.72 16.93
C GLY A 54 -2.14 5.23 17.10
N LEU A 55 -3.15 4.76 16.39
CA LEU A 55 -3.54 3.35 16.47
C LEU A 55 -2.72 2.50 15.51
N VAL A 56 -2.50 1.25 15.89
CA VAL A 56 -1.72 0.32 15.06
C VAL A 56 -2.60 -0.81 14.54
N GLU A 57 -2.78 -0.86 13.22
CA GLU A 57 -3.59 -1.91 12.60
C GLU A 57 -2.74 -2.82 11.74
N PRO A 58 -3.07 -4.12 11.74
CA PRO A 58 -2.34 -5.13 10.97
C PRO A 58 -2.57 -4.98 9.47
N VAL A 59 -1.78 -5.71 8.69
CA VAL A 59 -1.90 -5.67 7.23
C VAL A 59 -1.76 -7.05 6.62
N ASN A 60 -2.10 -7.17 5.34
CA ASN A 60 -2.01 -8.44 4.64
C ASN A 60 -1.11 -8.33 3.41
N VAL A 61 -0.32 -9.36 3.16
CA VAL A 61 0.58 -9.38 2.02
C VAL A 61 0.49 -10.70 1.27
N VAL A 62 0.00 -10.65 0.04
CA VAL A 62 -0.14 -11.85 -0.79
C VAL A 62 0.29 -11.56 -2.23
N ASP A 63 1.29 -12.29 -2.69
CA ASP A 63 1.79 -12.12 -4.06
C ASP A 63 0.83 -12.76 -5.06
N ASN A 64 0.58 -12.05 -6.16
CA ASN A 64 -0.32 -12.53 -7.20
C ASN A 64 0.35 -13.62 -8.04
N GLY A 65 1.62 -13.38 -8.39
CA GLY A 65 2.36 -14.35 -9.19
C GLY A 65 2.74 -13.80 -10.55
N ASP A 66 1.97 -12.82 -11.03
CA ASP A 66 2.23 -12.21 -12.32
C ASP A 66 3.25 -11.08 -12.20
N GLY A 67 3.07 -10.24 -11.18
CA GLY A 67 3.98 -9.13 -10.98
C GLY A 67 3.39 -8.07 -10.08
N THR A 68 2.56 -8.48 -9.11
CA THR A 68 1.94 -7.55 -8.19
C THR A 68 1.69 -8.21 -6.83
N HIS A 69 1.16 -7.43 -5.90
CA HIS A 69 0.88 -7.94 -4.56
C HIS A 69 -0.39 -7.30 -3.99
N THR A 70 -1.26 -8.13 -3.42
CA THR A 70 -2.50 -7.66 -2.84
C THR A 70 -2.34 -7.35 -1.35
N VAL A 71 -2.99 -6.28 -0.89
CA VAL A 71 -2.92 -5.90 0.50
C VAL A 71 -4.30 -5.62 1.06
N THR A 72 -4.83 -6.56 1.84
CA THR A 72 -6.15 -6.42 2.44
C THR A 72 -6.05 -5.87 3.85
N TYR A 73 -6.93 -4.93 4.19
CA TYR A 73 -6.94 -4.32 5.51
C TYR A 73 -8.32 -3.72 5.82
N THR A 74 -8.47 -3.21 7.03
CA THR A 74 -9.73 -2.60 7.45
C THR A 74 -9.49 -1.52 8.50
N PRO A 75 -9.81 -0.27 8.13
CA PRO A 75 -9.65 0.89 9.03
C PRO A 75 -10.63 0.86 10.19
N SER A 76 -10.18 0.34 11.33
CA SER A 76 -11.02 0.25 12.52
C SER A 76 -11.88 1.50 12.66
N GLN A 77 -11.22 2.66 12.68
CA GLN A 77 -11.92 3.93 12.82
C GLN A 77 -11.64 4.84 11.63
N GLU A 78 -12.38 5.95 11.54
CA GLU A 78 -12.20 6.90 10.46
C GLU A 78 -11.12 7.93 10.79
N GLY A 79 -10.79 8.76 9.83
CA GLY A 79 -9.77 9.78 10.03
C GLY A 79 -8.62 9.66 9.05
N PRO A 80 -7.67 10.61 9.14
CA PRO A 80 -6.50 10.64 8.26
C PRO A 80 -5.53 9.50 8.56
N TYR A 81 -5.74 8.36 7.91
CA TYR A 81 -4.88 7.20 8.10
C TYR A 81 -3.57 7.34 7.33
N MET A 82 -2.58 6.53 7.68
CA MET A 82 -1.28 6.58 7.02
C MET A 82 -0.79 5.16 6.71
N VAL A 83 -0.71 4.84 5.42
CA VAL A 83 -0.25 3.53 4.99
C VAL A 83 1.16 3.60 4.43
N SER A 84 2.15 3.26 5.27
CA SER A 84 3.54 3.28 4.86
C SER A 84 3.92 2.00 4.13
N VAL A 85 4.78 2.13 3.12
CA VAL A 85 5.22 0.98 2.34
C VAL A 85 6.72 1.07 2.03
N LYS A 86 7.39 -0.08 2.06
CA LYS A 86 8.81 -0.13 1.78
C LYS A 86 9.12 -1.18 0.71
N TYR A 87 10.36 -1.19 0.23
CA TYR A 87 10.78 -2.14 -0.79
C TYR A 87 12.29 -2.35 -0.75
N ALA A 88 12.71 -3.52 -0.31
CA ALA A 88 14.13 -3.85 -0.23
C ALA A 88 14.85 -2.92 0.74
N ASP A 89 14.21 -2.62 1.87
CA ASP A 89 14.79 -1.75 2.87
C ASP A 89 14.97 -0.33 2.33
N GLU A 90 14.03 0.09 1.49
CA GLU A 90 14.09 1.43 0.89
C GLU A 90 12.69 1.99 0.69
N GLU A 91 12.31 2.93 1.54
CA GLU A 91 11.00 3.56 1.45
C GLU A 91 10.74 4.09 0.04
N ILE A 92 9.72 3.53 -0.62
CA ILE A 92 9.37 3.94 -1.96
C ILE A 92 9.10 5.44 -2.03
N PRO A 93 9.32 6.03 -3.21
CA PRO A 93 9.11 7.46 -3.45
C PRO A 93 7.64 7.84 -3.41
N ARG A 94 6.78 6.87 -3.09
CA ARG A 94 5.34 7.11 -3.03
C ARG A 94 4.82 6.88 -1.61
N SER A 95 5.74 6.58 -0.69
CA SER A 95 5.35 6.34 0.70
C SER A 95 5.98 7.38 1.62
N PRO A 96 5.33 7.61 2.77
CA PRO A 96 4.10 6.92 3.13
C PRO A 96 2.91 7.34 2.27
N PHE A 97 1.75 6.76 2.54
CA PHE A 97 0.54 7.07 1.79
C PHE A 97 -0.52 7.69 2.68
N LYS A 98 -1.06 8.83 2.27
CA LYS A 98 -2.09 9.51 3.04
C LYS A 98 -3.48 9.10 2.57
N VAL A 99 -4.16 8.31 3.39
CA VAL A 99 -5.52 7.86 3.06
C VAL A 99 -6.52 8.33 4.10
N LYS A 100 -7.34 9.30 3.73
CA LYS A 100 -8.35 9.84 4.63
C LYS A 100 -9.60 8.95 4.65
N VAL A 101 -9.77 8.20 5.72
CA VAL A 101 -10.91 7.31 5.87
C VAL A 101 -12.18 8.10 6.17
N LEU A 102 -13.33 7.54 5.79
CA LEU A 102 -14.61 8.20 6.02
C LEU A 102 -15.50 7.34 6.92
N PRO A 103 -16.43 7.99 7.63
CA PRO A 103 -17.36 7.31 8.54
C PRO A 103 -18.38 6.45 7.79
N THR A 104 -18.41 5.16 8.10
CA THR A 104 -19.33 4.24 7.46
C THR A 104 -20.66 4.92 7.15
N TYR A 105 -21.04 5.87 8.01
CA TYR A 105 -22.30 6.59 7.83
C TYR A 105 -22.09 7.84 6.99
N ASP A 106 -21.24 7.72 5.96
CA ASP A 106 -20.96 8.84 5.08
C ASP A 106 -22.04 8.99 4.01
N ALA A 107 -22.65 10.17 3.95
CA ALA A 107 -23.70 10.44 2.97
C ALA A 107 -23.21 11.38 1.89
N SER A 108 -22.46 10.84 0.93
CA SER A 108 -21.92 11.63 -0.17
C SER A 108 -23.05 12.22 -1.00
N GLY A 1 19.20 0.82 -22.00
CA GLY A 1 17.99 0.09 -22.36
C GLY A 1 18.08 -1.38 -21.94
N SER A 2 18.04 -2.27 -22.93
CA SER A 2 18.10 -3.70 -22.65
C SER A 2 19.47 -4.09 -22.10
N SER A 3 20.52 -3.78 -22.86
CA SER A 3 21.88 -4.10 -22.44
C SER A 3 22.35 -3.16 -21.34
N GLY A 4 22.04 -3.50 -20.10
CA GLY A 4 22.44 -2.68 -18.97
C GLY A 4 23.16 -3.46 -17.90
N SER A 5 22.64 -3.42 -16.68
CA SER A 5 23.26 -4.13 -15.56
C SER A 5 22.61 -5.50 -15.37
N SER A 6 23.27 -6.36 -14.61
CA SER A 6 22.76 -7.70 -14.34
C SER A 6 21.28 -7.65 -13.98
N GLY A 7 20.97 -6.95 -12.89
CA GLY A 7 19.59 -6.85 -12.45
C GLY A 7 19.47 -6.13 -11.12
N VAL A 8 19.78 -4.85 -11.10
CA VAL A 8 19.70 -4.06 -9.88
C VAL A 8 18.26 -3.85 -9.46
N VAL A 9 18.07 -3.40 -8.22
CA VAL A 9 16.72 -3.16 -7.68
C VAL A 9 16.37 -1.69 -7.75
N ASP A 10 15.17 -1.39 -8.22
CA ASP A 10 14.70 -0.01 -8.33
C ASP A 10 13.39 0.19 -7.58
N PRO A 11 13.50 0.65 -6.32
CA PRO A 11 12.33 0.89 -5.46
C PRO A 11 11.51 2.08 -5.94
N SER A 12 11.93 2.70 -7.04
CA SER A 12 11.23 3.85 -7.58
C SER A 12 10.36 3.43 -8.78
N LYS A 13 10.33 2.14 -9.05
CA LYS A 13 9.54 1.60 -10.16
C LYS A 13 8.28 0.92 -9.65
N VAL A 14 8.22 0.69 -8.34
CA VAL A 14 7.06 0.04 -7.73
C VAL A 14 5.96 1.06 -7.43
N LYS A 15 4.73 0.71 -7.79
CA LYS A 15 3.59 1.58 -7.56
C LYS A 15 2.41 0.79 -7.00
N ILE A 16 1.38 1.52 -6.56
CA ILE A 16 0.19 0.88 -6.01
C ILE A 16 -1.07 1.65 -6.41
N ALA A 17 -2.11 0.90 -6.77
CA ALA A 17 -3.37 1.50 -7.18
C ALA A 17 -4.56 0.69 -6.68
N GLY A 18 -5.63 1.37 -6.30
CA GLY A 18 -6.81 0.70 -5.81
C GLY A 18 -7.66 1.57 -4.90
N PRO A 19 -8.79 1.03 -4.43
CA PRO A 19 -9.70 1.75 -3.55
C PRO A 19 -9.12 1.98 -2.16
N GLY A 20 -8.40 0.98 -1.65
CA GLY A 20 -7.80 1.10 -0.33
C GLY A 20 -6.98 2.36 -0.18
N LEU A 21 -6.50 2.89 -1.30
CA LEU A 21 -5.69 4.10 -1.28
C LEU A 21 -6.51 5.31 -1.75
N GLY A 22 -7.57 5.03 -2.50
CA GLY A 22 -8.42 6.10 -3.01
C GLY A 22 -9.00 6.95 -1.90
N SER A 23 -9.73 7.99 -2.28
CA SER A 23 -10.35 8.89 -1.31
C SER A 23 -11.75 8.43 -0.95
N GLY A 24 -12.09 7.21 -1.35
CA GLY A 24 -13.40 6.65 -1.06
C GLY A 24 -13.34 5.49 -0.09
N VAL A 25 -12.59 5.66 0.99
CA VAL A 25 -12.45 4.61 1.99
C VAL A 25 -13.39 4.86 3.17
N ARG A 26 -14.02 3.79 3.65
CA ARG A 26 -14.93 3.89 4.79
C ARG A 26 -14.44 3.05 5.96
N ALA A 27 -14.70 3.53 7.18
CA ALA A 27 -14.29 2.83 8.38
C ALA A 27 -15.04 1.50 8.53
N ARG A 28 -14.40 0.54 9.19
CA ARG A 28 -15.01 -0.77 9.39
C ARG A 28 -15.42 -1.40 8.06
N VAL A 29 -14.62 -1.16 7.03
CA VAL A 29 -14.89 -1.71 5.70
C VAL A 29 -13.67 -2.42 5.14
N LEU A 30 -13.91 -3.36 4.24
CA LEU A 30 -12.83 -4.12 3.63
C LEU A 30 -12.12 -3.29 2.56
N GLN A 31 -10.87 -2.94 2.83
CA GLN A 31 -10.07 -2.14 1.89
C GLN A 31 -8.90 -2.95 1.34
N SER A 32 -8.79 -2.99 0.02
CA SER A 32 -7.72 -3.74 -0.63
C SER A 32 -7.22 -2.99 -1.86
N PHE A 33 -5.96 -3.24 -2.22
CA PHE A 33 -5.35 -2.59 -3.37
C PHE A 33 -4.30 -3.49 -4.02
N THR A 34 -3.74 -3.04 -5.14
CA THR A 34 -2.72 -3.80 -5.85
C THR A 34 -1.38 -3.10 -5.82
N VAL A 35 -0.31 -3.86 -5.61
CA VAL A 35 1.03 -3.31 -5.56
C VAL A 35 1.90 -3.88 -6.68
N ASP A 36 2.18 -3.06 -7.68
CA ASP A 36 3.00 -3.47 -8.81
C ASP A 36 4.48 -3.28 -8.51
N SER A 37 5.20 -4.40 -8.35
CA SER A 37 6.62 -4.35 -8.05
C SER A 37 7.42 -5.16 -9.07
N SER A 38 6.86 -5.30 -10.27
CA SER A 38 7.52 -6.05 -11.32
C SER A 38 8.66 -5.25 -11.94
N LYS A 39 8.48 -3.95 -12.04
CA LYS A 39 9.49 -3.06 -12.60
C LYS A 39 10.55 -2.73 -11.56
N ALA A 40 10.22 -2.94 -10.29
CA ALA A 40 11.15 -2.66 -9.20
C ALA A 40 12.22 -3.73 -9.11
N GLY A 41 11.82 -4.98 -9.30
CA GLY A 41 12.76 -6.08 -9.24
C GLY A 41 12.21 -7.28 -8.49
N LEU A 42 13.06 -7.92 -7.69
CA LEU A 42 12.64 -9.09 -6.92
C LEU A 42 12.73 -8.82 -5.42
N ALA A 43 12.81 -7.55 -5.07
CA ALA A 43 12.89 -7.15 -3.66
C ALA A 43 11.55 -7.27 -2.98
N PRO A 44 11.57 -7.52 -1.66
CA PRO A 44 10.36 -7.68 -0.85
C PRO A 44 9.62 -6.36 -0.67
N LEU A 45 8.38 -6.44 -0.19
CA LEU A 45 7.56 -5.25 0.03
C LEU A 45 7.01 -5.21 1.44
N GLU A 46 7.16 -4.08 2.11
CA GLU A 46 6.67 -3.92 3.47
C GLU A 46 5.51 -2.93 3.52
N VAL A 47 4.62 -3.12 4.49
CA VAL A 47 3.47 -2.24 4.65
C VAL A 47 3.19 -1.97 6.13
N ARG A 48 2.64 -0.79 6.41
CA ARG A 48 2.32 -0.39 7.78
C ARG A 48 1.16 0.59 7.80
N VAL A 49 0.30 0.46 8.81
CA VAL A 49 -0.85 1.34 8.96
C VAL A 49 -0.78 2.13 10.26
N LEU A 50 -0.79 3.46 10.14
CA LEU A 50 -0.73 4.33 11.31
C LEU A 50 -2.06 5.04 11.52
N GLY A 51 -2.58 4.96 12.75
CA GLY A 51 -3.84 5.61 13.06
C GLY A 51 -3.74 7.11 13.10
N PRO A 52 -4.89 7.80 13.08
CA PRO A 52 -4.94 9.26 13.11
C PRO A 52 -4.51 9.84 14.45
N ARG A 53 -4.69 9.04 15.50
CA ARG A 53 -4.33 9.46 16.85
C ARG A 53 -3.33 8.50 17.48
N GLY A 54 -2.92 7.50 16.71
CA GLY A 54 -1.98 6.51 17.21
C GLY A 54 -2.61 5.15 17.39
N LEU A 55 -3.02 4.53 16.28
CA LEU A 55 -3.64 3.22 16.32
C LEU A 55 -2.84 2.21 15.50
N VAL A 56 -2.86 0.95 15.92
CA VAL A 56 -2.14 -0.10 15.23
C VAL A 56 -3.11 -1.08 14.55
N GLU A 57 -3.02 -1.17 13.23
CA GLU A 57 -3.89 -2.06 12.47
C GLU A 57 -3.07 -3.08 11.69
N PRO A 58 -3.57 -4.32 11.62
CA PRO A 58 -2.90 -5.40 10.90
C PRO A 58 -2.93 -5.21 9.39
N VAL A 59 -2.16 -6.03 8.68
CA VAL A 59 -2.09 -5.94 7.22
C VAL A 59 -1.95 -7.32 6.60
N ASN A 60 -2.23 -7.42 5.30
CA ASN A 60 -2.12 -8.67 4.59
C ASN A 60 -1.22 -8.54 3.37
N VAL A 61 -0.41 -9.57 3.12
CA VAL A 61 0.51 -9.57 1.98
C VAL A 61 0.43 -10.88 1.21
N VAL A 62 -0.11 -10.82 -0.01
CA VAL A 62 -0.23 -12.00 -0.85
C VAL A 62 0.09 -11.68 -2.30
N ASP A 63 1.16 -12.29 -2.81
CA ASP A 63 1.58 -12.07 -4.19
C ASP A 63 0.55 -12.65 -5.17
N ASN A 64 0.29 -11.90 -6.25
CA ASN A 64 -0.67 -12.34 -7.25
C ASN A 64 -0.10 -13.48 -8.10
N GLY A 65 1.17 -13.35 -8.46
CA GLY A 65 1.82 -14.37 -9.27
C GLY A 65 2.22 -13.85 -10.64
N ASP A 66 1.56 -12.79 -11.09
CA ASP A 66 1.85 -12.21 -12.39
C ASP A 66 2.90 -11.11 -12.27
N GLY A 67 2.77 -10.27 -11.26
CA GLY A 67 3.71 -9.20 -11.05
C GLY A 67 3.19 -8.12 -10.12
N THR A 68 2.41 -8.54 -9.12
CA THR A 68 1.83 -7.61 -8.16
C THR A 68 1.59 -8.28 -6.81
N HIS A 69 1.10 -7.51 -5.85
CA HIS A 69 0.83 -8.03 -4.51
C HIS A 69 -0.41 -7.38 -3.93
N THR A 70 -1.38 -8.20 -3.52
CA THR A 70 -2.61 -7.71 -2.93
C THR A 70 -2.45 -7.43 -1.45
N VAL A 71 -3.02 -6.32 -0.99
CA VAL A 71 -2.93 -5.95 0.42
C VAL A 71 -4.32 -5.58 0.98
N THR A 72 -4.86 -6.47 1.79
CA THR A 72 -6.18 -6.24 2.39
C THR A 72 -6.04 -5.67 3.80
N TYR A 73 -7.00 -4.84 4.19
CA TYR A 73 -7.00 -4.22 5.50
C TYR A 73 -8.36 -3.59 5.83
N THR A 74 -8.58 -3.29 7.09
CA THR A 74 -9.83 -2.69 7.53
C THR A 74 -9.59 -1.63 8.60
N PRO A 75 -9.85 -0.36 8.25
CA PRO A 75 -9.67 0.77 9.16
C PRO A 75 -10.70 0.77 10.29
N SER A 76 -10.27 0.30 11.47
CA SER A 76 -11.16 0.24 12.63
C SER A 76 -12.12 1.43 12.63
N GLN A 77 -11.57 2.64 12.63
CA GLN A 77 -12.38 3.85 12.63
C GLN A 77 -11.93 4.81 11.54
N GLU A 78 -12.76 5.81 11.26
CA GLU A 78 -12.44 6.80 10.24
C GLU A 78 -11.40 7.80 10.73
N GLY A 79 -10.92 8.63 9.82
CA GLY A 79 -9.92 9.62 10.19
C GLY A 79 -8.72 9.61 9.27
N PRO A 80 -7.80 10.57 9.46
CA PRO A 80 -6.59 10.68 8.64
C PRO A 80 -5.60 9.55 8.91
N TYR A 81 -5.68 8.49 8.12
CA TYR A 81 -4.79 7.34 8.28
C TYR A 81 -3.53 7.52 7.44
N MET A 82 -2.59 6.59 7.62
CA MET A 82 -1.33 6.64 6.87
C MET A 82 -0.82 5.24 6.59
N VAL A 83 -0.71 4.90 5.31
CA VAL A 83 -0.23 3.58 4.91
C VAL A 83 1.20 3.66 4.35
N SER A 84 2.17 3.32 5.18
CA SER A 84 3.57 3.35 4.78
C SER A 84 3.96 2.07 4.04
N VAL A 85 4.81 2.21 3.04
CA VAL A 85 5.27 1.06 2.26
C VAL A 85 6.75 1.19 1.91
N LYS A 86 7.48 0.10 2.08
CA LYS A 86 8.91 0.08 1.77
C LYS A 86 9.24 -1.00 0.74
N TYR A 87 10.47 -0.99 0.26
CA TYR A 87 10.92 -1.97 -0.74
C TYR A 87 12.43 -2.12 -0.72
N ALA A 88 12.90 -3.30 -0.30
CA ALA A 88 14.32 -3.58 -0.24
C ALA A 88 15.03 -2.61 0.71
N ASP A 89 14.32 -2.19 1.76
CA ASP A 89 14.88 -1.27 2.74
C ASP A 89 14.97 0.14 2.17
N GLU A 90 14.05 0.47 1.28
CA GLU A 90 14.03 1.80 0.66
C GLU A 90 12.60 2.29 0.48
N GLU A 91 12.20 3.23 1.33
CA GLU A 91 10.86 3.79 1.27
C GLU A 91 10.54 4.31 -0.14
N ILE A 92 9.68 3.59 -0.83
CA ILE A 92 9.29 3.96 -2.18
C ILE A 92 8.97 5.45 -2.28
N PRO A 93 9.15 6.03 -3.48
CA PRO A 93 8.89 7.44 -3.72
C PRO A 93 7.40 7.78 -3.67
N ARG A 94 6.58 6.78 -3.34
CA ARG A 94 5.14 6.96 -3.26
C ARG A 94 4.66 6.82 -1.83
N SER A 95 5.56 6.47 -0.93
CA SER A 95 5.23 6.29 0.48
C SER A 95 5.88 7.37 1.33
N PRO A 96 5.27 7.67 2.48
CA PRO A 96 4.03 7.00 2.92
C PRO A 96 2.83 7.41 2.06
N PHE A 97 1.67 6.83 2.38
CA PHE A 97 0.45 7.13 1.63
C PHE A 97 -0.61 7.71 2.55
N LYS A 98 -0.96 8.97 2.30
CA LYS A 98 -1.98 9.65 3.11
C LYS A 98 -3.39 9.21 2.71
N VAL A 99 -4.01 8.40 3.55
CA VAL A 99 -5.35 7.90 3.29
C VAL A 99 -6.33 8.38 4.36
N LYS A 100 -7.18 9.33 3.98
CA LYS A 100 -8.17 9.88 4.91
C LYS A 100 -9.43 9.02 4.92
N VAL A 101 -9.53 8.12 5.89
CA VAL A 101 -10.69 7.24 6.00
C VAL A 101 -11.95 8.04 6.28
N LEU A 102 -13.09 7.56 5.78
CA LEU A 102 -14.37 8.22 5.97
C LEU A 102 -15.30 7.38 6.84
N PRO A 103 -16.23 8.06 7.52
CA PRO A 103 -17.20 7.40 8.41
C PRO A 103 -18.22 6.57 7.63
N THR A 104 -18.31 5.28 7.96
CA THR A 104 -19.25 4.39 7.29
C THR A 104 -20.54 5.11 6.93
N TYR A 105 -20.92 6.08 7.77
CA TYR A 105 -22.14 6.84 7.53
C TYR A 105 -21.82 8.21 6.94
N ASP A 106 -22.79 8.77 6.23
CA ASP A 106 -22.61 10.08 5.60
C ASP A 106 -23.71 11.05 6.03
N ALA A 107 -24.13 10.93 7.29
CA ALA A 107 -25.18 11.79 7.83
C ALA A 107 -24.62 13.16 8.21
N SER A 108 -23.78 13.71 7.34
CA SER A 108 -23.18 15.02 7.59
C SER A 108 -23.88 16.10 6.78
N GLY A 1 13.18 -2.00 -29.03
CA GLY A 1 13.04 -3.44 -28.88
C GLY A 1 14.26 -4.08 -28.26
N SER A 2 14.30 -4.12 -26.92
CA SER A 2 15.42 -4.71 -26.21
C SER A 2 14.94 -5.48 -24.99
N SER A 3 15.86 -6.22 -24.36
CA SER A 3 15.53 -7.01 -23.18
C SER A 3 15.94 -6.29 -21.91
N GLY A 4 15.15 -6.46 -20.86
CA GLY A 4 15.44 -5.82 -19.59
C GLY A 4 16.51 -6.55 -18.80
N SER A 5 17.11 -5.85 -17.83
CA SER A 5 18.16 -6.45 -17.01
C SER A 5 17.58 -6.98 -15.70
N SER A 6 18.18 -8.05 -15.20
CA SER A 6 17.72 -8.67 -13.95
C SER A 6 18.87 -8.74 -12.94
N GLY A 7 18.73 -7.99 -11.85
CA GLY A 7 19.76 -7.99 -10.82
C GLY A 7 19.70 -6.76 -9.95
N VAL A 8 19.48 -5.60 -10.57
CA VAL A 8 19.40 -4.34 -9.84
C VAL A 8 17.99 -4.10 -9.31
N VAL A 9 17.89 -3.62 -8.08
CA VAL A 9 16.61 -3.34 -7.46
C VAL A 9 16.31 -1.84 -7.45
N ASP A 10 15.12 -1.47 -7.90
CA ASP A 10 14.71 -0.08 -7.94
C ASP A 10 13.36 0.11 -7.26
N PRO A 11 13.39 0.52 -5.98
CA PRO A 11 12.18 0.76 -5.19
C PRO A 11 11.41 1.98 -5.67
N SER A 12 11.93 2.65 -6.70
CA SER A 12 11.28 3.84 -7.23
C SER A 12 10.49 3.50 -8.50
N LYS A 13 10.34 2.20 -8.76
CA LYS A 13 9.60 1.74 -9.93
C LYS A 13 8.33 1.00 -9.52
N VAL A 14 8.20 0.73 -8.22
CA VAL A 14 7.05 0.02 -7.70
C VAL A 14 5.89 0.98 -7.44
N LYS A 15 4.74 0.70 -8.08
CA LYS A 15 3.56 1.53 -7.92
C LYS A 15 2.43 0.75 -7.26
N ILE A 16 1.33 1.45 -6.96
CA ILE A 16 0.18 0.82 -6.33
C ILE A 16 -1.12 1.48 -6.77
N ALA A 17 -2.13 0.67 -7.03
CA ALA A 17 -3.44 1.17 -7.46
C ALA A 17 -4.56 0.38 -6.84
N GLY A 18 -5.61 1.08 -6.39
CA GLY A 18 -6.74 0.42 -5.78
C GLY A 18 -7.60 1.37 -4.96
N PRO A 19 -8.80 0.91 -4.58
CA PRO A 19 -9.74 1.71 -3.79
C PRO A 19 -9.25 1.93 -2.36
N GLY A 20 -8.41 1.02 -1.88
CA GLY A 20 -7.89 1.12 -0.53
C GLY A 20 -7.11 2.42 -0.31
N LEU A 21 -6.53 2.93 -1.39
CA LEU A 21 -5.74 4.16 -1.31
C LEU A 21 -6.57 5.36 -1.75
N GLY A 22 -7.64 5.09 -2.48
CA GLY A 22 -8.51 6.16 -2.96
C GLY A 22 -9.06 7.00 -1.83
N SER A 23 -9.62 8.16 -2.17
CA SER A 23 -10.19 9.06 -1.17
C SER A 23 -11.60 8.65 -0.80
N GLY A 24 -12.02 7.47 -1.28
CA GLY A 24 -13.35 6.99 -0.99
C GLY A 24 -13.34 5.77 -0.09
N VAL A 25 -12.63 5.88 1.03
CA VAL A 25 -12.54 4.78 1.99
C VAL A 25 -13.45 5.01 3.19
N ARG A 26 -14.06 3.95 3.68
CA ARG A 26 -14.96 4.03 4.81
C ARG A 26 -14.46 3.19 5.98
N ALA A 27 -14.78 3.61 7.20
CA ALA A 27 -14.36 2.88 8.39
C ALA A 27 -15.07 1.54 8.50
N ARG A 28 -14.39 0.57 9.11
CA ARG A 28 -14.96 -0.76 9.28
C ARG A 28 -15.39 -1.35 7.94
N VAL A 29 -14.58 -1.12 6.91
CA VAL A 29 -14.88 -1.62 5.58
C VAL A 29 -13.68 -2.36 4.98
N LEU A 30 -13.97 -3.32 4.12
CA LEU A 30 -12.91 -4.10 3.48
C LEU A 30 -12.19 -3.28 2.41
N GLN A 31 -10.94 -2.93 2.68
CA GLN A 31 -10.15 -2.15 1.74
C GLN A 31 -8.95 -2.95 1.22
N SER A 32 -8.81 -3.02 -0.09
CA SER A 32 -7.72 -3.75 -0.71
C SER A 32 -7.22 -3.04 -1.96
N PHE A 33 -5.93 -3.20 -2.25
CA PHE A 33 -5.33 -2.58 -3.42
C PHE A 33 -4.32 -3.50 -4.08
N THR A 34 -3.68 -3.02 -5.13
CA THR A 34 -2.69 -3.81 -5.85
C THR A 34 -1.35 -3.09 -5.91
N VAL A 35 -0.27 -3.84 -5.70
CA VAL A 35 1.07 -3.29 -5.73
C VAL A 35 1.91 -3.90 -6.84
N ASP A 36 2.15 -3.13 -7.90
CA ASP A 36 2.94 -3.60 -9.02
C ASP A 36 4.42 -3.36 -8.80
N SER A 37 5.12 -4.37 -8.28
CA SER A 37 6.55 -4.26 -8.01
C SER A 37 7.36 -5.00 -9.07
N SER A 38 6.74 -5.23 -10.22
CA SER A 38 7.40 -5.93 -11.31
C SER A 38 8.53 -5.08 -11.91
N LYS A 39 8.31 -3.76 -11.93
CA LYS A 39 9.30 -2.84 -12.46
C LYS A 39 10.36 -2.50 -11.42
N ALA A 40 10.09 -2.88 -10.17
CA ALA A 40 11.02 -2.62 -9.07
C ALA A 40 12.09 -3.70 -9.01
N GLY A 41 11.70 -4.94 -9.24
CA GLY A 41 12.64 -6.05 -9.19
C GLY A 41 12.10 -7.25 -8.44
N LEU A 42 12.99 -7.97 -7.77
CA LEU A 42 12.60 -9.16 -7.01
C LEU A 42 12.68 -8.88 -5.50
N ALA A 43 12.77 -7.61 -5.14
CA ALA A 43 12.85 -7.21 -3.74
C ALA A 43 11.49 -7.32 -3.06
N PRO A 44 11.50 -7.58 -1.75
CA PRO A 44 10.28 -7.71 -0.95
C PRO A 44 9.54 -6.37 -0.79
N LEU A 45 8.32 -6.44 -0.28
CA LEU A 45 7.52 -5.24 -0.07
C LEU A 45 7.05 -5.13 1.38
N GLU A 46 7.09 -3.92 1.93
CA GLU A 46 6.68 -3.70 3.30
C GLU A 46 5.41 -2.85 3.35
N VAL A 47 4.54 -3.16 4.31
CA VAL A 47 3.29 -2.43 4.47
C VAL A 47 3.02 -2.10 5.93
N ARG A 48 2.70 -0.85 6.21
CA ARG A 48 2.41 -0.40 7.57
C ARG A 48 1.25 0.58 7.60
N VAL A 49 0.43 0.49 8.64
CA VAL A 49 -0.72 1.38 8.78
C VAL A 49 -0.70 2.09 10.12
N LEU A 50 -0.91 3.40 10.10
CA LEU A 50 -0.91 4.21 11.31
C LEU A 50 -2.25 4.91 11.50
N GLY A 51 -2.64 5.11 12.75
CA GLY A 51 -3.91 5.77 13.04
C GLY A 51 -3.75 7.27 13.19
N PRO A 52 -4.89 7.97 13.31
CA PRO A 52 -4.90 9.44 13.46
C PRO A 52 -4.36 9.88 14.81
N ARG A 53 -4.56 9.05 15.83
CA ARG A 53 -4.11 9.37 17.17
C ARG A 53 -2.99 8.41 17.60
N GLY A 54 -2.57 7.55 16.68
CA GLY A 54 -1.51 6.60 16.98
C GLY A 54 -2.04 5.19 17.16
N LEU A 55 -2.55 4.61 16.09
CA LEU A 55 -3.09 3.25 16.14
C LEU A 55 -2.32 2.32 15.21
N VAL A 56 -2.05 1.11 15.68
CA VAL A 56 -1.32 0.12 14.89
C VAL A 56 -2.24 -1.00 14.43
N GLU A 57 -2.53 -1.03 13.13
CA GLU A 57 -3.39 -2.05 12.56
C GLU A 57 -2.60 -3.00 11.67
N PRO A 58 -2.97 -4.29 11.70
CA PRO A 58 -2.31 -5.32 10.90
C PRO A 58 -2.59 -5.18 9.41
N VAL A 59 -1.85 -5.91 8.60
CA VAL A 59 -2.03 -5.87 7.15
C VAL A 59 -1.85 -7.25 6.53
N ASN A 60 -2.32 -7.40 5.30
CA ASN A 60 -2.23 -8.68 4.59
C ASN A 60 -1.34 -8.55 3.37
N VAL A 61 -0.54 -9.58 3.11
CA VAL A 61 0.37 -9.58 1.96
C VAL A 61 0.28 -10.90 1.19
N VAL A 62 -0.17 -10.82 -0.06
CA VAL A 62 -0.31 -11.99 -0.90
C VAL A 62 0.18 -11.72 -2.32
N ASP A 63 1.12 -12.53 -2.79
CA ASP A 63 1.66 -12.37 -4.13
C ASP A 63 0.72 -12.98 -5.17
N ASN A 64 0.46 -12.23 -6.23
CA ASN A 64 -0.42 -12.71 -7.30
C ASN A 64 0.26 -13.78 -8.14
N GLY A 65 1.54 -13.58 -8.42
CA GLY A 65 2.29 -14.53 -9.21
C GLY A 65 2.73 -13.97 -10.55
N ASP A 66 1.97 -13.00 -11.06
CA ASP A 66 2.29 -12.38 -12.33
C ASP A 66 3.33 -11.27 -12.15
N GLY A 67 3.11 -10.42 -11.17
CA GLY A 67 4.03 -9.33 -10.91
C GLY A 67 3.44 -8.25 -10.02
N THR A 68 2.53 -8.66 -9.14
CA THR A 68 1.88 -7.73 -8.22
C THR A 68 1.63 -8.38 -6.87
N HIS A 69 1.07 -7.59 -5.94
CA HIS A 69 0.77 -8.09 -4.60
C HIS A 69 -0.49 -7.43 -4.04
N THR A 70 -1.39 -8.23 -3.50
CA THR A 70 -2.62 -7.73 -2.93
C THR A 70 -2.48 -7.47 -1.44
N VAL A 71 -3.10 -6.40 -0.97
CA VAL A 71 -3.04 -6.04 0.45
C VAL A 71 -4.42 -5.70 0.99
N THR A 72 -5.00 -6.62 1.76
CA THR A 72 -6.32 -6.42 2.33
C THR A 72 -6.22 -5.86 3.75
N TYR A 73 -7.11 -4.93 4.07
CA TYR A 73 -7.13 -4.31 5.40
C TYR A 73 -8.48 -3.69 5.69
N THR A 74 -8.67 -3.25 6.94
CA THR A 74 -9.91 -2.62 7.35
C THR A 74 -9.68 -1.55 8.40
N PRO A 75 -9.97 -0.29 8.04
CA PRO A 75 -9.79 0.85 8.96
C PRO A 75 -10.79 0.83 10.10
N SER A 76 -10.41 0.22 11.21
CA SER A 76 -11.27 0.13 12.38
C SER A 76 -12.13 1.39 12.52
N GLN A 77 -11.46 2.54 12.64
CA GLN A 77 -12.16 3.81 12.79
C GLN A 77 -11.76 4.77 11.67
N GLU A 78 -12.60 5.76 11.41
CA GLU A 78 -12.34 6.75 10.38
C GLU A 78 -11.32 7.78 10.85
N GLY A 79 -10.89 8.65 9.94
CA GLY A 79 -9.92 9.67 10.29
C GLY A 79 -8.73 9.68 9.34
N PRO A 80 -7.82 10.64 9.56
CA PRO A 80 -6.61 10.76 8.73
C PRO A 80 -5.62 9.63 8.96
N TYR A 81 -5.81 8.53 8.24
CA TYR A 81 -4.94 7.37 8.36
C TYR A 81 -3.68 7.54 7.51
N MET A 82 -2.75 6.60 7.65
CA MET A 82 -1.50 6.65 6.90
C MET A 82 -0.98 5.23 6.62
N VAL A 83 -0.83 4.91 5.34
CA VAL A 83 -0.33 3.60 4.95
C VAL A 83 1.07 3.69 4.37
N SER A 84 2.06 3.36 5.19
CA SER A 84 3.46 3.40 4.78
C SER A 84 3.84 2.13 4.02
N VAL A 85 4.71 2.28 3.03
CA VAL A 85 5.16 1.14 2.23
C VAL A 85 6.65 1.25 1.92
N LYS A 86 7.34 0.11 2.00
CA LYS A 86 8.77 0.08 1.72
C LYS A 86 9.09 -0.99 0.69
N TYR A 87 10.35 -1.02 0.25
CA TYR A 87 10.78 -2.00 -0.74
C TYR A 87 12.31 -2.16 -0.71
N ALA A 88 12.77 -3.31 -0.23
CA ALA A 88 14.20 -3.59 -0.15
C ALA A 88 14.91 -2.60 0.78
N ASP A 89 14.23 -2.26 1.88
CA ASP A 89 14.79 -1.33 2.85
C ASP A 89 14.90 0.07 2.27
N GLU A 90 13.95 0.43 1.41
CA GLU A 90 13.94 1.74 0.78
C GLU A 90 12.51 2.26 0.59
N GLU A 91 12.13 3.21 1.43
CA GLU A 91 10.79 3.79 1.37
C GLU A 91 10.48 4.31 -0.03
N ILE A 92 9.56 3.65 -0.72
CA ILE A 92 9.18 4.04 -2.06
C ILE A 92 8.88 5.54 -2.13
N PRO A 93 9.07 6.12 -3.33
CA PRO A 93 8.83 7.56 -3.56
C PRO A 93 7.35 7.90 -3.50
N ARG A 94 6.52 6.91 -3.19
CA ARG A 94 5.07 7.11 -3.11
C ARG A 94 4.58 6.93 -1.69
N SER A 95 5.49 6.59 -0.78
CA SER A 95 5.15 6.38 0.61
C SER A 95 5.79 7.45 1.50
N PRO A 96 5.16 7.72 2.65
CA PRO A 96 3.92 7.06 3.06
C PRO A 96 2.73 7.47 2.19
N PHE A 97 1.59 6.85 2.43
CA PHE A 97 0.38 7.14 1.68
C PHE A 97 -0.70 7.74 2.58
N LYS A 98 -1.09 8.97 2.29
CA LYS A 98 -2.12 9.65 3.07
C LYS A 98 -3.51 9.17 2.69
N VAL A 99 -4.12 8.38 3.58
CA VAL A 99 -5.46 7.86 3.32
C VAL A 99 -6.45 8.33 4.38
N LYS A 100 -7.27 9.31 4.03
CA LYS A 100 -8.26 9.85 4.96
C LYS A 100 -9.52 9.00 4.96
N VAL A 101 -9.65 8.15 5.98
CA VAL A 101 -10.82 7.28 6.10
C VAL A 101 -12.07 8.08 6.42
N LEU A 102 -13.20 7.64 5.88
CA LEU A 102 -14.47 8.31 6.11
C LEU A 102 -15.40 7.45 6.97
N PRO A 103 -16.33 8.12 7.67
CA PRO A 103 -17.30 7.43 8.53
C PRO A 103 -18.32 6.63 7.74
N THR A 104 -18.41 5.33 8.03
CA THR A 104 -19.35 4.46 7.35
C THR A 104 -20.66 5.18 7.03
N TYR A 105 -21.02 6.13 7.90
CA TYR A 105 -22.24 6.90 7.72
C TYR A 105 -22.03 8.05 6.75
N ASP A 106 -23.01 8.30 5.90
CA ASP A 106 -22.93 9.38 4.92
C ASP A 106 -23.57 10.65 5.46
N ALA A 107 -22.75 11.53 6.01
CA ALA A 107 -23.24 12.79 6.56
C ALA A 107 -23.44 13.83 5.47
N SER A 108 -24.03 13.41 4.36
CA SER A 108 -24.28 14.31 3.23
C SER A 108 -25.75 14.29 2.84
N GLY A 1 22.99 0.31 -28.68
CA GLY A 1 22.43 -0.10 -27.40
C GLY A 1 22.96 -1.44 -26.94
N SER A 2 22.19 -2.13 -26.12
CA SER A 2 22.60 -3.44 -25.59
C SER A 2 21.38 -4.24 -25.14
N SER A 3 21.57 -5.55 -25.01
CA SER A 3 20.49 -6.44 -24.59
C SER A 3 19.87 -5.95 -23.29
N GLY A 4 18.62 -5.52 -23.36
CA GLY A 4 17.93 -5.04 -22.17
C GLY A 4 18.25 -5.87 -20.94
N SER A 5 18.93 -5.24 -19.98
CA SER A 5 19.31 -5.94 -18.75
C SER A 5 18.45 -5.45 -17.58
N SER A 6 17.71 -6.38 -16.98
CA SER A 6 16.85 -6.05 -15.85
C SER A 6 17.28 -6.82 -14.61
N GLY A 7 17.87 -6.12 -13.65
CA GLY A 7 18.31 -6.74 -12.42
C GLY A 7 18.29 -5.80 -11.24
N VAL A 8 19.18 -4.81 -11.27
CA VAL A 8 19.27 -3.84 -10.20
C VAL A 8 17.90 -3.54 -9.61
N VAL A 9 17.82 -3.48 -8.27
CA VAL A 9 16.57 -3.22 -7.59
C VAL A 9 16.29 -1.72 -7.54
N ASP A 10 15.12 -1.32 -8.02
CA ASP A 10 14.72 0.08 -8.03
C ASP A 10 13.37 0.27 -7.35
N PRO A 11 13.41 0.70 -6.07
CA PRO A 11 12.20 0.94 -5.29
C PRO A 11 11.41 2.14 -5.77
N SER A 12 11.90 2.79 -6.82
CA SER A 12 11.25 3.97 -7.38
C SER A 12 10.42 3.59 -8.61
N LYS A 13 10.28 2.29 -8.83
CA LYS A 13 9.51 1.80 -9.98
C LYS A 13 8.26 1.05 -9.51
N VAL A 14 8.17 0.83 -8.20
CA VAL A 14 7.03 0.12 -7.63
C VAL A 14 5.87 1.08 -7.37
N LYS A 15 4.71 0.77 -7.95
CA LYS A 15 3.53 1.60 -7.78
C LYS A 15 2.40 0.81 -7.13
N ILE A 16 1.36 1.52 -6.70
CA ILE A 16 0.21 0.88 -6.06
C ILE A 16 -1.09 1.58 -6.44
N ALA A 17 -2.13 0.80 -6.67
CA ALA A 17 -3.43 1.35 -7.04
C ALA A 17 -4.57 0.54 -6.40
N GLY A 18 -5.77 1.12 -6.42
CA GLY A 18 -6.92 0.43 -5.84
C GLY A 18 -7.74 1.35 -4.96
N PRO A 19 -8.87 0.82 -4.45
CA PRO A 19 -9.77 1.58 -3.59
C PRO A 19 -9.17 1.87 -2.22
N GLY A 20 -8.50 0.86 -1.66
CA GLY A 20 -7.88 1.02 -0.36
C GLY A 20 -7.13 2.34 -0.23
N LEU A 21 -6.53 2.78 -1.31
CA LEU A 21 -5.78 4.03 -1.31
C LEU A 21 -6.65 5.19 -1.80
N GLY A 22 -7.65 4.87 -2.61
CA GLY A 22 -8.55 5.89 -3.12
C GLY A 22 -9.11 6.78 -2.03
N SER A 23 -9.66 7.93 -2.42
CA SER A 23 -10.23 8.87 -1.47
C SER A 23 -11.68 8.51 -1.15
N GLY A 24 -12.03 7.25 -1.38
CA GLY A 24 -13.39 6.81 -1.12
C GLY A 24 -13.45 5.64 -0.15
N VAL A 25 -12.58 5.66 0.85
CA VAL A 25 -12.53 4.60 1.84
C VAL A 25 -13.46 4.88 3.01
N ARG A 26 -14.07 3.83 3.55
CA ARG A 26 -14.99 3.98 4.67
C ARG A 26 -14.52 3.15 5.87
N ALA A 27 -14.84 3.62 7.06
CA ALA A 27 -14.46 2.93 8.29
C ALA A 27 -15.21 1.61 8.43
N ARG A 28 -14.57 0.64 9.08
CA ARG A 28 -15.17 -0.67 9.28
C ARG A 28 -15.59 -1.29 7.95
N VAL A 29 -14.80 -1.02 6.91
CA VAL A 29 -15.09 -1.55 5.58
C VAL A 29 -13.88 -2.27 5.00
N LEU A 30 -14.13 -3.31 4.22
CA LEU A 30 -13.06 -4.08 3.61
C LEU A 30 -12.32 -3.26 2.55
N GLN A 31 -11.07 -2.92 2.84
CA GLN A 31 -10.26 -2.14 1.92
C GLN A 31 -9.05 -2.93 1.44
N SER A 32 -8.89 -3.02 0.12
CA SER A 32 -7.78 -3.75 -0.46
C SER A 32 -7.29 -3.07 -1.74
N PHE A 33 -5.98 -3.20 -2.00
CA PHE A 33 -5.39 -2.59 -3.18
C PHE A 33 -4.35 -3.53 -3.80
N THR A 34 -3.76 -3.09 -4.91
CA THR A 34 -2.75 -3.87 -5.61
C THR A 34 -1.42 -3.15 -5.66
N VAL A 35 -0.34 -3.89 -5.49
CA VAL A 35 1.00 -3.31 -5.52
C VAL A 35 1.83 -3.89 -6.66
N ASP A 36 2.09 -3.07 -7.68
CA ASP A 36 2.87 -3.50 -8.83
C ASP A 36 4.35 -3.18 -8.63
N SER A 37 5.12 -4.18 -8.20
CA SER A 37 6.55 -4.00 -7.97
C SER A 37 7.36 -4.78 -9.00
N SER A 38 6.74 -5.10 -10.13
CA SER A 38 7.40 -5.86 -11.18
C SER A 38 8.53 -5.03 -11.81
N LYS A 39 8.30 -3.72 -11.92
CA LYS A 39 9.30 -2.83 -12.50
C LYS A 39 10.39 -2.51 -11.48
N ALA A 40 10.12 -2.79 -10.22
CA ALA A 40 11.09 -2.53 -9.16
C ALA A 40 12.19 -3.60 -9.14
N GLY A 41 11.79 -4.86 -9.38
CA GLY A 41 12.74 -5.94 -9.39
C GLY A 41 12.22 -7.17 -8.66
N LEU A 42 13.09 -7.81 -7.88
CA LEU A 42 12.71 -9.00 -7.13
C LEU A 42 12.80 -8.75 -5.63
N ALA A 43 12.86 -7.47 -5.25
CA ALA A 43 12.93 -7.10 -3.84
C ALA A 43 11.58 -7.26 -3.16
N PRO A 44 11.62 -7.52 -1.84
CA PRO A 44 10.40 -7.70 -1.03
C PRO A 44 9.62 -6.40 -0.86
N LEU A 45 8.41 -6.51 -0.34
CA LEU A 45 7.57 -5.34 -0.11
C LEU A 45 7.07 -5.30 1.33
N GLU A 46 7.13 -4.12 1.95
CA GLU A 46 6.67 -3.95 3.32
C GLU A 46 5.56 -2.91 3.40
N VAL A 47 4.62 -3.14 4.31
CA VAL A 47 3.50 -2.23 4.49
C VAL A 47 3.21 -1.99 5.97
N ARG A 48 2.78 -0.78 6.30
CA ARG A 48 2.47 -0.43 7.68
C ARG A 48 1.30 0.56 7.75
N VAL A 49 0.40 0.33 8.69
CA VAL A 49 -0.76 1.21 8.86
C VAL A 49 -0.71 1.93 10.20
N LEU A 50 -0.88 3.26 10.16
CA LEU A 50 -0.85 4.07 11.37
C LEU A 50 -2.11 4.92 11.48
N GLY A 51 -2.87 4.72 12.55
CA GLY A 51 -4.09 5.47 12.74
C GLY A 51 -3.84 6.96 12.86
N PRO A 52 -4.91 7.74 13.01
CA PRO A 52 -4.82 9.20 13.13
C PRO A 52 -4.21 9.63 14.46
N ARG A 53 -4.61 8.96 15.53
CA ARG A 53 -4.10 9.27 16.86
C ARG A 53 -2.77 8.58 17.11
N GLY A 54 -2.61 7.38 16.55
CA GLY A 54 -1.39 6.63 16.73
C GLY A 54 -1.64 5.15 16.92
N LEU A 55 -2.67 4.64 16.27
CA LEU A 55 -3.03 3.22 16.36
C LEU A 55 -2.23 2.40 15.37
N VAL A 56 -2.06 1.11 15.66
CA VAL A 56 -1.33 0.21 14.79
C VAL A 56 -2.21 -0.94 14.30
N GLU A 57 -2.53 -0.91 13.01
CA GLU A 57 -3.37 -1.96 12.42
C GLU A 57 -2.53 -2.91 11.57
N PRO A 58 -2.90 -4.20 11.61
CA PRO A 58 -2.19 -5.24 10.85
C PRO A 58 -2.44 -5.12 9.34
N VAL A 59 -1.70 -5.90 8.57
CA VAL A 59 -1.82 -5.88 7.11
C VAL A 59 -1.74 -7.29 6.53
N ASN A 60 -2.19 -7.44 5.29
CA ASN A 60 -2.17 -8.73 4.62
C ASN A 60 -1.30 -8.68 3.36
N VAL A 61 -0.59 -9.77 3.10
CA VAL A 61 0.28 -9.85 1.93
C VAL A 61 0.01 -11.12 1.12
N VAL A 62 -0.46 -10.94 -0.10
CA VAL A 62 -0.75 -12.07 -0.98
C VAL A 62 -0.21 -11.84 -2.39
N ASP A 63 0.80 -12.61 -2.75
CA ASP A 63 1.42 -12.49 -4.07
C ASP A 63 0.50 -13.04 -5.15
N ASN A 64 0.27 -12.25 -6.19
CA ASN A 64 -0.59 -12.67 -7.29
C ASN A 64 0.09 -13.73 -8.15
N GLY A 65 1.37 -13.51 -8.46
CA GLY A 65 2.11 -14.45 -9.27
C GLY A 65 2.54 -13.86 -10.60
N ASP A 66 1.82 -12.84 -11.06
CA ASP A 66 2.13 -12.19 -12.32
C ASP A 66 3.18 -11.10 -12.12
N GLY A 67 2.98 -10.27 -11.11
CA GLY A 67 3.92 -9.19 -10.83
C GLY A 67 3.31 -8.13 -9.92
N THR A 68 2.41 -8.54 -9.04
CA THR A 68 1.76 -7.62 -8.12
C THR A 68 1.48 -8.29 -6.79
N HIS A 69 0.93 -7.52 -5.85
CA HIS A 69 0.60 -8.05 -4.53
C HIS A 69 -0.62 -7.35 -3.95
N THR A 70 -1.58 -8.14 -3.46
CA THR A 70 -2.80 -7.60 -2.88
C THR A 70 -2.68 -7.45 -1.37
N VAL A 71 -3.17 -6.33 -0.85
CA VAL A 71 -3.12 -6.06 0.58
C VAL A 71 -4.49 -5.70 1.12
N THR A 72 -5.09 -6.63 1.87
CA THR A 72 -6.41 -6.42 2.45
C THR A 72 -6.31 -5.85 3.87
N TYR A 73 -7.20 -4.92 4.19
CA TYR A 73 -7.21 -4.30 5.50
C TYR A 73 -8.53 -3.58 5.75
N THR A 74 -8.82 -3.31 7.02
CA THR A 74 -10.05 -2.63 7.41
C THR A 74 -9.78 -1.56 8.47
N PRO A 75 -10.07 -0.30 8.12
CA PRO A 75 -9.86 0.83 9.03
C PRO A 75 -10.87 0.83 10.18
N SER A 76 -10.46 0.26 11.31
CA SER A 76 -11.32 0.19 12.49
C SER A 76 -12.18 1.45 12.60
N GLN A 77 -11.52 2.61 12.61
CA GLN A 77 -12.21 3.87 12.73
C GLN A 77 -11.84 4.81 11.58
N GLU A 78 -12.58 5.90 11.44
CA GLU A 78 -12.33 6.87 10.39
C GLU A 78 -11.26 7.87 10.81
N GLY A 79 -10.85 8.72 9.88
CA GLY A 79 -9.83 9.72 10.17
C GLY A 79 -8.66 9.66 9.21
N PRO A 80 -7.72 10.60 9.35
CA PRO A 80 -6.53 10.66 8.50
C PRO A 80 -5.55 9.52 8.76
N TYR A 81 -5.73 8.41 8.04
CA TYR A 81 -4.87 7.25 8.20
C TYR A 81 -3.57 7.43 7.43
N MET A 82 -2.62 6.52 7.68
CA MET A 82 -1.33 6.57 7.01
C MET A 82 -0.79 5.17 6.74
N VAL A 83 -0.66 4.82 5.46
CA VAL A 83 -0.16 3.51 5.07
C VAL A 83 1.25 3.60 4.52
N SER A 84 2.24 3.34 5.36
CA SER A 84 3.63 3.40 4.96
C SER A 84 4.04 2.12 4.21
N VAL A 85 4.87 2.29 3.19
CA VAL A 85 5.34 1.16 2.40
C VAL A 85 6.83 1.27 2.10
N LYS A 86 7.52 0.13 2.12
CA LYS A 86 8.95 0.11 1.85
C LYS A 86 9.29 -0.97 0.82
N TYR A 87 10.51 -0.93 0.31
CA TYR A 87 10.96 -1.91 -0.69
C TYR A 87 12.47 -2.07 -0.65
N ALA A 88 12.92 -3.26 -0.30
CA ALA A 88 14.36 -3.55 -0.24
C ALA A 88 15.04 -2.64 0.77
N ASP A 89 14.34 -2.28 1.82
CA ASP A 89 14.89 -1.41 2.86
C ASP A 89 15.04 0.03 2.34
N GLU A 90 14.12 0.42 1.47
CA GLU A 90 14.16 1.77 0.90
C GLU A 90 12.74 2.31 0.69
N GLU A 91 12.33 3.23 1.55
CA GLU A 91 11.01 3.83 1.46
C GLU A 91 10.72 4.31 0.05
N ILE A 92 9.75 3.69 -0.60
CA ILE A 92 9.37 4.04 -1.96
C ILE A 92 9.04 5.53 -2.06
N PRO A 93 9.22 6.10 -3.26
CA PRO A 93 8.94 7.51 -3.52
C PRO A 93 7.44 7.83 -3.48
N ARG A 94 6.64 6.82 -3.15
CA ARG A 94 5.20 6.99 -3.07
C ARG A 94 4.70 6.82 -1.64
N SER A 95 5.63 6.57 -0.72
CA SER A 95 5.28 6.38 0.68
C SER A 95 5.89 7.49 1.54
N PRO A 96 5.25 7.77 2.68
CA PRO A 96 4.03 7.08 3.09
C PRO A 96 2.83 7.43 2.23
N PHE A 97 1.69 6.81 2.51
CA PHE A 97 0.47 7.06 1.74
C PHE A 97 -0.61 7.64 2.64
N LYS A 98 -1.02 8.88 2.34
CA LYS A 98 -2.05 9.55 3.11
C LYS A 98 -3.44 9.11 2.66
N VAL A 99 -4.11 8.33 3.51
CA VAL A 99 -5.45 7.84 3.21
C VAL A 99 -6.45 8.32 4.25
N LYS A 100 -7.26 9.32 3.88
CA LYS A 100 -8.27 9.86 4.77
C LYS A 100 -9.52 8.99 4.78
N VAL A 101 -9.67 8.20 5.83
CA VAL A 101 -10.83 7.31 5.97
C VAL A 101 -12.10 8.11 6.24
N LEU A 102 -13.22 7.64 5.70
CA LEU A 102 -14.50 8.31 5.89
C LEU A 102 -15.44 7.46 6.74
N PRO A 103 -16.39 8.11 7.42
CA PRO A 103 -17.36 7.44 8.28
C PRO A 103 -18.37 6.62 7.49
N THR A 104 -18.46 5.33 7.80
CA THR A 104 -19.37 4.43 7.11
C THR A 104 -20.66 5.17 6.72
N TYR A 105 -21.07 6.11 7.55
CA TYR A 105 -22.28 6.88 7.29
C TYR A 105 -21.96 8.19 6.58
N ASP A 106 -22.62 8.42 5.45
CA ASP A 106 -22.40 9.64 4.67
C ASP A 106 -23.38 10.73 5.09
N ALA A 107 -22.84 11.87 5.53
CA ALA A 107 -23.67 12.99 5.95
C ALA A 107 -24.42 13.61 4.77
N SER A 108 -25.53 12.99 4.39
CA SER A 108 -26.34 13.47 3.28
C SER A 108 -26.95 14.83 3.60
N GLY A 1 16.52 -7.88 -26.90
CA GLY A 1 17.55 -8.76 -26.39
C GLY A 1 18.75 -8.02 -25.83
N SER A 2 19.51 -8.67 -24.98
CA SER A 2 20.69 -8.06 -24.37
C SER A 2 21.72 -9.12 -24.02
N SER A 3 22.95 -8.68 -23.75
CA SER A 3 24.04 -9.58 -23.41
C SER A 3 24.22 -9.65 -21.89
N GLY A 4 24.14 -10.87 -21.35
CA GLY A 4 24.30 -11.05 -19.92
C GLY A 4 23.06 -10.66 -19.15
N SER A 5 22.90 -11.23 -17.95
CA SER A 5 21.74 -10.94 -17.12
C SER A 5 22.07 -9.85 -16.09
N SER A 6 21.14 -8.90 -15.94
CA SER A 6 21.33 -7.81 -15.01
C SER A 6 20.69 -8.11 -13.65
N GLY A 7 21.09 -7.37 -12.63
CA GLY A 7 20.54 -7.58 -11.31
C GLY A 7 20.51 -6.31 -10.47
N VAL A 8 19.58 -5.42 -10.80
CA VAL A 8 19.45 -4.15 -10.08
C VAL A 8 18.04 -3.98 -9.53
N VAL A 9 17.94 -3.42 -8.33
CA VAL A 9 16.66 -3.20 -7.69
C VAL A 9 16.30 -1.71 -7.68
N ASP A 10 15.07 -1.40 -8.05
CA ASP A 10 14.60 -0.01 -8.08
C ASP A 10 13.26 0.12 -7.36
N PRO A 11 13.32 0.53 -6.09
CA PRO A 11 12.12 0.72 -5.26
C PRO A 11 11.28 1.91 -5.71
N SER A 12 11.74 2.59 -6.75
CA SER A 12 11.04 3.75 -7.28
C SER A 12 10.19 3.37 -8.49
N LYS A 13 10.33 2.13 -8.94
CA LYS A 13 9.58 1.64 -10.09
C LYS A 13 8.31 0.92 -9.64
N VAL A 14 8.16 0.77 -8.33
CA VAL A 14 6.99 0.11 -7.77
C VAL A 14 5.88 1.10 -7.48
N LYS A 15 4.65 0.73 -7.85
CA LYS A 15 3.50 1.59 -7.62
C LYS A 15 2.33 0.80 -7.03
N ILE A 16 1.31 1.53 -6.57
CA ILE A 16 0.14 0.88 -5.98
C ILE A 16 -1.14 1.63 -6.36
N ALA A 17 -2.20 0.87 -6.65
CA ALA A 17 -3.47 1.46 -7.02
C ALA A 17 -4.63 0.65 -6.45
N GLY A 18 -5.76 1.32 -6.24
CA GLY A 18 -6.93 0.65 -5.70
C GLY A 18 -7.78 1.56 -4.85
N PRO A 19 -8.97 1.07 -4.45
CA PRO A 19 -9.90 1.84 -3.61
C PRO A 19 -9.39 2.04 -2.19
N GLY A 20 -8.60 1.08 -1.71
CA GLY A 20 -8.06 1.17 -0.38
C GLY A 20 -7.20 2.41 -0.17
N LEU A 21 -6.58 2.88 -1.24
CA LEU A 21 -5.73 4.07 -1.18
C LEU A 21 -6.50 5.31 -1.62
N GLY A 22 -7.51 5.11 -2.46
CA GLY A 22 -8.31 6.22 -2.94
C GLY A 22 -8.92 7.03 -1.81
N SER A 23 -9.45 8.20 -2.15
CA SER A 23 -10.07 9.07 -1.15
C SER A 23 -11.51 8.66 -0.87
N GLY A 24 -11.84 7.43 -1.23
CA GLY A 24 -13.18 6.93 -1.01
C GLY A 24 -13.22 5.73 -0.09
N VAL A 25 -12.41 5.78 0.97
CA VAL A 25 -12.35 4.68 1.93
C VAL A 25 -13.31 4.93 3.09
N ARG A 26 -13.85 3.85 3.65
CA ARG A 26 -14.78 3.94 4.76
C ARG A 26 -14.28 3.12 5.95
N ALA A 27 -14.75 3.48 7.14
CA ALA A 27 -14.35 2.79 8.36
C ALA A 27 -15.03 1.43 8.47
N ARG A 28 -14.37 0.48 9.11
CA ARG A 28 -14.92 -0.86 9.28
C ARG A 28 -15.33 -1.45 7.94
N VAL A 29 -14.63 -1.05 6.88
CA VAL A 29 -14.93 -1.54 5.54
C VAL A 29 -13.73 -2.27 4.94
N LEU A 30 -14.00 -3.32 4.17
CA LEU A 30 -12.94 -4.09 3.53
C LEU A 30 -12.23 -3.28 2.46
N GLN A 31 -10.98 -2.91 2.73
CA GLN A 31 -10.19 -2.12 1.79
C GLN A 31 -9.02 -2.93 1.25
N SER A 32 -8.91 -3.00 -0.08
CA SER A 32 -7.85 -3.74 -0.72
C SER A 32 -7.36 -3.02 -1.97
N PHE A 33 -6.10 -3.24 -2.32
CA PHE A 33 -5.51 -2.62 -3.50
C PHE A 33 -4.49 -3.55 -4.16
N THR A 34 -3.84 -3.05 -5.21
CA THR A 34 -2.84 -3.84 -5.93
C THR A 34 -1.49 -3.12 -5.94
N VAL A 35 -0.43 -3.88 -5.68
CA VAL A 35 0.92 -3.33 -5.66
C VAL A 35 1.76 -3.88 -6.80
N ASP A 36 2.04 -3.04 -7.79
CA ASP A 36 2.84 -3.44 -8.94
C ASP A 36 4.32 -3.16 -8.70
N SER A 37 5.07 -4.22 -8.42
CA SER A 37 6.51 -4.08 -8.16
C SER A 37 7.31 -4.93 -9.14
N SER A 38 6.77 -5.11 -10.34
CA SER A 38 7.44 -5.91 -11.37
C SER A 38 8.64 -5.15 -11.94
N LYS A 39 8.49 -3.83 -12.07
CA LYS A 39 9.56 -3.00 -12.62
C LYS A 39 10.60 -2.70 -11.55
N ALA A 40 10.24 -2.92 -10.29
CA ALA A 40 11.15 -2.68 -9.17
C ALA A 40 12.21 -3.76 -9.09
N GLY A 41 11.82 -5.00 -9.36
CA GLY A 41 12.75 -6.11 -9.32
C GLY A 41 12.20 -7.31 -8.59
N LEU A 42 13.03 -7.93 -7.75
CA LEU A 42 12.61 -9.10 -6.99
C LEU A 42 12.71 -8.85 -5.49
N ALA A 43 12.75 -7.57 -5.12
CA ALA A 43 12.84 -7.18 -3.72
C ALA A 43 11.49 -7.33 -3.02
N PRO A 44 11.53 -7.59 -1.71
CA PRO A 44 10.31 -7.75 -0.90
C PRO A 44 9.55 -6.46 -0.73
N LEU A 45 8.31 -6.56 -0.25
CA LEU A 45 7.47 -5.39 -0.04
C LEU A 45 6.94 -5.34 1.39
N GLU A 46 7.01 -4.18 2.01
CA GLU A 46 6.54 -4.01 3.38
C GLU A 46 5.42 -2.97 3.45
N VAL A 47 4.49 -3.17 4.37
CA VAL A 47 3.36 -2.25 4.54
C VAL A 47 3.09 -1.98 6.02
N ARG A 48 2.58 -0.79 6.31
CA ARG A 48 2.28 -0.40 7.68
C ARG A 48 1.15 0.62 7.71
N VAL A 49 0.22 0.44 8.65
CA VAL A 49 -0.91 1.34 8.79
C VAL A 49 -0.93 1.99 10.17
N LEU A 50 -0.98 3.32 10.20
CA LEU A 50 -0.99 4.06 11.44
C LEU A 50 -2.22 4.97 11.52
N GLY A 51 -3.03 4.79 12.56
CA GLY A 51 -4.22 5.61 12.73
C GLY A 51 -3.90 7.08 12.83
N PRO A 52 -4.95 7.91 13.00
CA PRO A 52 -4.80 9.36 13.12
C PRO A 52 -4.13 9.77 14.43
N ARG A 53 -4.61 9.21 15.54
CA ARG A 53 -4.06 9.53 16.85
C ARG A 53 -2.71 8.84 17.05
N GLY A 54 -2.60 7.61 16.54
CA GLY A 54 -1.36 6.87 16.69
C GLY A 54 -1.60 5.40 16.94
N LEU A 55 -2.67 4.86 16.37
CA LEU A 55 -3.01 3.45 16.53
C LEU A 55 -2.26 2.58 15.52
N VAL A 56 -1.94 1.36 15.92
CA VAL A 56 -1.23 0.43 15.05
C VAL A 56 -2.14 -0.68 14.58
N GLU A 57 -2.22 -0.87 13.26
CA GLU A 57 -3.06 -1.90 12.67
C GLU A 57 -2.26 -2.77 11.71
N PRO A 58 -2.53 -4.09 11.73
CA PRO A 58 -1.85 -5.05 10.87
C PRO A 58 -2.25 -4.90 9.41
N VAL A 59 -1.52 -5.57 8.52
CA VAL A 59 -1.80 -5.51 7.09
C VAL A 59 -1.62 -6.88 6.44
N ASN A 60 -2.39 -7.13 5.39
CA ASN A 60 -2.33 -8.40 4.68
C ASN A 60 -1.48 -8.28 3.43
N VAL A 61 -0.67 -9.29 3.16
CA VAL A 61 0.21 -9.30 1.99
C VAL A 61 0.10 -10.63 1.24
N VAL A 62 -0.23 -10.53 -0.04
CA VAL A 62 -0.36 -11.73 -0.88
C VAL A 62 0.18 -11.48 -2.28
N ASP A 63 1.04 -12.37 -2.74
CA ASP A 63 1.63 -12.25 -4.07
C ASP A 63 0.73 -12.88 -5.12
N ASN A 64 0.50 -12.15 -6.21
CA ASN A 64 -0.35 -12.64 -7.29
C ASN A 64 0.37 -13.72 -8.10
N GLY A 65 1.60 -13.45 -8.47
CA GLY A 65 2.38 -14.41 -9.24
C GLY A 65 2.77 -13.89 -10.61
N ASP A 66 2.04 -12.88 -11.08
CA ASP A 66 2.31 -12.28 -12.38
C ASP A 66 3.29 -11.12 -12.25
N GLY A 67 3.07 -10.27 -11.25
CA GLY A 67 3.94 -9.13 -11.04
C GLY A 67 3.32 -8.09 -10.13
N THR A 68 2.50 -8.53 -9.19
CA THR A 68 1.84 -7.63 -8.26
C THR A 68 1.57 -8.30 -6.92
N HIS A 69 1.02 -7.55 -5.99
CA HIS A 69 0.71 -8.07 -4.66
C HIS A 69 -0.55 -7.44 -4.09
N THR A 70 -1.46 -8.26 -3.60
CA THR A 70 -2.72 -7.78 -3.02
C THR A 70 -2.57 -7.51 -1.53
N VAL A 71 -3.15 -6.40 -1.08
CA VAL A 71 -3.09 -6.03 0.32
C VAL A 71 -4.48 -5.69 0.87
N THR A 72 -4.99 -6.55 1.74
CA THR A 72 -6.32 -6.33 2.32
C THR A 72 -6.21 -5.77 3.74
N TYR A 73 -7.15 -4.92 4.10
CA TYR A 73 -7.15 -4.31 5.43
C TYR A 73 -8.50 -3.68 5.73
N THR A 74 -8.70 -3.29 6.99
CA THR A 74 -9.95 -2.67 7.41
C THR A 74 -9.71 -1.63 8.50
N PRO A 75 -9.94 -0.35 8.17
CA PRO A 75 -9.75 0.76 9.11
C PRO A 75 -10.79 0.76 10.22
N SER A 76 -10.44 0.15 11.35
CA SER A 76 -11.36 0.08 12.49
C SER A 76 -12.21 1.34 12.58
N GLN A 77 -11.55 2.48 12.72
CA GLN A 77 -12.24 3.76 12.83
C GLN A 77 -11.91 4.66 11.65
N GLU A 78 -12.65 5.75 11.50
CA GLU A 78 -12.43 6.70 10.42
C GLU A 78 -11.42 7.77 10.82
N GLY A 79 -10.97 8.55 9.85
CA GLY A 79 -10.01 9.60 10.12
C GLY A 79 -8.81 9.54 9.20
N PRO A 80 -7.89 10.51 9.35
CA PRO A 80 -6.67 10.58 8.53
C PRO A 80 -5.70 9.46 8.84
N TYR A 81 -5.78 8.38 8.07
CA TYR A 81 -4.90 7.24 8.27
C TYR A 81 -3.61 7.39 7.47
N MET A 82 -2.68 6.48 7.68
CA MET A 82 -1.40 6.52 6.97
C MET A 82 -0.89 5.11 6.67
N VAL A 83 -0.79 4.80 5.38
CA VAL A 83 -0.32 3.47 4.96
C VAL A 83 1.09 3.55 4.38
N SER A 84 2.09 3.28 5.21
CA SER A 84 3.48 3.32 4.77
C SER A 84 3.85 2.05 4.03
N VAL A 85 4.75 2.18 3.05
CA VAL A 85 5.18 1.04 2.26
C VAL A 85 6.67 1.15 1.93
N LYS A 86 7.39 0.04 2.10
CA LYS A 86 8.82 0.00 1.82
C LYS A 86 9.14 -1.06 0.77
N TYR A 87 10.36 -1.03 0.26
CA TYR A 87 10.80 -1.98 -0.76
C TYR A 87 12.31 -2.16 -0.72
N ALA A 88 12.76 -3.31 -0.23
CA ALA A 88 14.18 -3.60 -0.14
C ALA A 88 14.88 -2.65 0.82
N ASP A 89 14.25 -2.39 1.96
CA ASP A 89 14.80 -1.50 2.97
C ASP A 89 14.96 -0.08 2.42
N GLU A 90 14.02 0.32 1.57
CA GLU A 90 14.06 1.65 0.96
C GLU A 90 12.65 2.18 0.75
N GLU A 91 12.24 3.12 1.59
CA GLU A 91 10.91 3.71 1.50
C GLU A 91 10.63 4.20 0.09
N ILE A 92 9.65 3.57 -0.57
CA ILE A 92 9.29 3.94 -1.93
C ILE A 92 8.99 5.44 -2.04
N PRO A 93 9.18 6.00 -3.24
CA PRO A 93 8.94 7.42 -3.50
C PRO A 93 7.46 7.76 -3.47
N ARG A 94 6.63 6.77 -3.11
CA ARG A 94 5.19 6.98 -3.04
C ARG A 94 4.67 6.77 -1.62
N SER A 95 5.60 6.52 -0.69
CA SER A 95 5.24 6.30 0.70
C SER A 95 5.87 7.37 1.60
N PRO A 96 5.21 7.63 2.75
CA PRO A 96 3.98 6.94 3.13
C PRO A 96 2.79 7.34 2.26
N PHE A 97 1.65 6.72 2.50
CA PHE A 97 0.44 7.02 1.72
C PHE A 97 -0.63 7.63 2.62
N LYS A 98 -1.07 8.84 2.26
CA LYS A 98 -2.10 9.53 3.03
C LYS A 98 -3.49 9.02 2.66
N VAL A 99 -4.10 8.27 3.59
CA VAL A 99 -5.42 7.72 3.36
C VAL A 99 -6.42 8.23 4.41
N LYS A 100 -7.29 9.14 3.99
CA LYS A 100 -8.29 9.72 4.89
C LYS A 100 -9.56 8.87 4.89
N VAL A 101 -9.70 8.03 5.90
CA VAL A 101 -10.87 7.16 6.02
C VAL A 101 -12.13 7.98 6.27
N LEU A 102 -13.27 7.46 5.82
CA LEU A 102 -14.54 8.15 5.98
C LEU A 102 -15.51 7.31 6.81
N PRO A 103 -16.46 7.98 7.47
CA PRO A 103 -17.47 7.31 8.30
C PRO A 103 -18.47 6.50 7.47
N THR A 104 -18.51 5.20 7.71
CA THR A 104 -19.42 4.32 6.99
C THR A 104 -20.78 4.98 6.78
N TYR A 105 -21.13 5.89 7.69
CA TYR A 105 -22.40 6.59 7.60
C TYR A 105 -22.31 7.77 6.64
N ASP A 106 -21.58 7.57 5.53
CA ASP A 106 -21.43 8.61 4.53
C ASP A 106 -21.32 9.98 5.18
N ALA A 107 -20.80 10.02 6.40
CA ALA A 107 -20.65 11.27 7.13
C ALA A 107 -21.90 12.13 7.02
N SER A 108 -23.06 11.52 7.28
CA SER A 108 -24.33 12.22 7.20
C SER A 108 -24.68 12.87 8.55
N GLY A 1 31.74 1.23 -20.47
CA GLY A 1 32.58 0.55 -21.44
C GLY A 1 32.05 -0.83 -21.79
N SER A 2 30.84 -0.87 -22.32
CA SER A 2 30.22 -2.14 -22.70
C SER A 2 30.19 -3.10 -21.51
N SER A 3 29.80 -2.59 -20.35
CA SER A 3 29.73 -3.40 -19.14
C SER A 3 28.56 -2.98 -18.27
N GLY A 4 27.88 -3.96 -17.67
CA GLY A 4 26.75 -3.68 -16.83
C GLY A 4 26.24 -4.91 -16.10
N SER A 5 25.78 -4.72 -14.87
CA SER A 5 25.27 -5.84 -14.06
C SER A 5 23.95 -6.35 -14.64
N SER A 6 23.50 -7.49 -14.12
CA SER A 6 22.26 -8.10 -14.59
C SER A 6 21.30 -8.31 -13.42
N GLY A 7 20.15 -7.63 -13.49
CA GLY A 7 19.16 -7.75 -12.43
C GLY A 7 19.39 -6.79 -11.30
N VAL A 8 18.81 -5.59 -11.41
CA VAL A 8 18.96 -4.57 -10.38
C VAL A 8 17.62 -4.26 -9.72
N VAL A 9 17.68 -3.80 -8.47
CA VAL A 9 16.48 -3.46 -7.73
C VAL A 9 16.25 -1.95 -7.71
N ASP A 10 15.02 -1.55 -8.03
CA ASP A 10 14.66 -0.14 -8.05
C ASP A 10 13.34 0.10 -7.33
N PRO A 11 13.44 0.53 -6.06
CA PRO A 11 12.26 0.82 -5.23
C PRO A 11 11.49 2.04 -5.70
N SER A 12 12.02 2.70 -6.74
CA SER A 12 11.38 3.90 -7.28
C SER A 12 10.56 3.56 -8.52
N LYS A 13 10.33 2.28 -8.74
CA LYS A 13 9.57 1.82 -9.90
C LYS A 13 8.29 1.12 -9.47
N VAL A 14 8.17 0.86 -8.17
CA VAL A 14 7.00 0.19 -7.62
C VAL A 14 5.87 1.18 -7.38
N LYS A 15 4.66 0.81 -7.78
CA LYS A 15 3.49 1.66 -7.60
C LYS A 15 2.35 0.88 -6.96
N ILE A 16 1.27 1.59 -6.64
CA ILE A 16 0.11 0.97 -6.01
C ILE A 16 -1.18 1.71 -6.40
N ALA A 17 -2.21 0.95 -6.72
CA ALA A 17 -3.50 1.51 -7.10
C ALA A 17 -4.65 0.69 -6.57
N GLY A 18 -5.81 1.32 -6.38
CA GLY A 18 -6.97 0.62 -5.88
C GLY A 18 -7.83 1.50 -5.00
N PRO A 19 -8.94 0.94 -4.50
CA PRO A 19 -9.88 1.67 -3.64
C PRO A 19 -9.30 1.94 -2.26
N GLY A 20 -8.58 0.97 -1.71
CA GLY A 20 -7.97 1.14 -0.41
C GLY A 20 -7.25 2.46 -0.26
N LEU A 21 -6.62 2.90 -1.34
CA LEU A 21 -5.88 4.17 -1.34
C LEU A 21 -6.77 5.32 -1.81
N GLY A 22 -7.75 5.00 -2.64
CA GLY A 22 -8.65 6.02 -3.14
C GLY A 22 -9.27 6.85 -2.04
N SER A 23 -9.91 7.96 -2.41
CA SER A 23 -10.54 8.84 -1.44
C SER A 23 -11.95 8.37 -1.11
N GLY A 24 -12.24 7.12 -1.46
CA GLY A 24 -13.56 6.56 -1.19
C GLY A 24 -13.52 5.42 -0.18
N VAL A 25 -12.70 5.58 0.84
CA VAL A 25 -12.57 4.55 1.87
C VAL A 25 -13.52 4.82 3.03
N ARG A 26 -14.13 3.76 3.55
CA ARG A 26 -15.06 3.89 4.67
C ARG A 26 -14.60 3.04 5.86
N ALA A 27 -14.90 3.51 7.07
CA ALA A 27 -14.51 2.80 8.28
C ALA A 27 -15.24 1.46 8.38
N ARG A 28 -14.64 0.52 9.10
CA ARG A 28 -15.23 -0.81 9.27
C ARG A 28 -15.62 -1.41 7.93
N VAL A 29 -14.75 -1.23 6.93
CA VAL A 29 -15.01 -1.76 5.60
C VAL A 29 -13.77 -2.46 5.04
N LEU A 30 -13.99 -3.44 4.17
CA LEU A 30 -12.90 -4.18 3.56
C LEU A 30 -12.19 -3.35 2.50
N GLN A 31 -10.95 -2.96 2.80
CA GLN A 31 -10.16 -2.15 1.87
C GLN A 31 -8.99 -2.95 1.31
N SER A 32 -8.88 -2.99 -0.02
CA SER A 32 -7.81 -3.72 -0.67
C SER A 32 -7.28 -2.95 -1.88
N PHE A 33 -6.01 -3.13 -2.19
CA PHE A 33 -5.38 -2.46 -3.31
C PHE A 33 -4.34 -3.36 -3.98
N THR A 34 -3.88 -2.94 -5.16
CA THR A 34 -2.89 -3.71 -5.91
C THR A 34 -1.53 -3.01 -5.92
N VAL A 35 -0.48 -3.74 -5.57
CA VAL A 35 0.87 -3.18 -5.55
C VAL A 35 1.73 -3.78 -6.66
N ASP A 36 1.97 -2.99 -7.70
CA ASP A 36 2.78 -3.45 -8.82
C ASP A 36 4.26 -3.18 -8.56
N SER A 37 5.00 -4.24 -8.24
CA SER A 37 6.43 -4.13 -7.96
C SER A 37 7.24 -4.96 -8.95
N SER A 38 6.69 -5.14 -10.15
CA SER A 38 7.36 -5.91 -11.19
C SER A 38 8.52 -5.11 -11.79
N LYS A 39 8.31 -3.81 -11.95
CA LYS A 39 9.32 -2.93 -12.51
C LYS A 39 10.45 -2.69 -11.51
N ALA A 40 10.15 -2.86 -10.23
CA ALA A 40 11.13 -2.67 -9.18
C ALA A 40 12.18 -3.77 -9.19
N GLY A 41 11.73 -5.01 -9.40
CA GLY A 41 12.64 -6.13 -9.43
C GLY A 41 12.10 -7.34 -8.70
N LEU A 42 12.95 -7.98 -7.89
CA LEU A 42 12.55 -9.15 -7.12
C LEU A 42 12.66 -8.88 -5.63
N ALA A 43 12.70 -7.61 -5.26
CA ALA A 43 12.80 -7.22 -3.86
C ALA A 43 11.46 -7.37 -3.14
N PRO A 44 11.52 -7.61 -1.83
CA PRO A 44 10.32 -7.78 -1.00
C PRO A 44 9.56 -6.48 -0.82
N LEU A 45 8.32 -6.58 -0.34
CA LEU A 45 7.49 -5.41 -0.12
C LEU A 45 6.98 -5.36 1.32
N GLU A 46 7.02 -4.18 1.91
CA GLU A 46 6.55 -4.01 3.29
C GLU A 46 5.44 -2.98 3.36
N VAL A 47 4.47 -3.21 4.24
CA VAL A 47 3.33 -2.31 4.41
C VAL A 47 3.02 -2.09 5.88
N ARG A 48 2.60 -0.88 6.22
CA ARG A 48 2.27 -0.53 7.59
C ARG A 48 1.14 0.50 7.64
N VAL A 49 0.28 0.39 8.64
CA VAL A 49 -0.84 1.31 8.80
C VAL A 49 -0.77 2.02 10.15
N LEU A 50 -0.89 3.34 10.11
CA LEU A 50 -0.85 4.15 11.33
C LEU A 50 -2.10 5.02 11.46
N GLY A 51 -2.67 5.05 12.65
CA GLY A 51 -3.86 5.84 12.88
C GLY A 51 -3.54 7.30 13.14
N PRO A 52 -4.59 8.14 13.23
CA PRO A 52 -4.44 9.58 13.48
C PRO A 52 -3.95 9.87 14.89
N ARG A 53 -4.53 9.19 15.87
CA ARG A 53 -4.15 9.39 17.27
C ARG A 53 -2.86 8.63 17.59
N GLY A 54 -2.69 7.47 16.97
CA GLY A 54 -1.50 6.67 17.21
C GLY A 54 -1.80 5.19 17.33
N LEU A 55 -2.83 4.75 16.63
CA LEU A 55 -3.24 3.34 16.66
C LEU A 55 -2.54 2.55 15.56
N VAL A 56 -2.30 1.27 15.81
CA VAL A 56 -1.66 0.40 14.84
C VAL A 56 -2.63 -0.64 14.28
N GLU A 57 -2.65 -0.77 12.96
CA GLU A 57 -3.54 -1.73 12.32
C GLU A 57 -2.74 -2.75 11.51
N PRO A 58 -3.21 -4.01 11.51
CA PRO A 58 -2.56 -5.09 10.79
C PRO A 58 -2.69 -4.96 9.27
N VAL A 59 -1.93 -5.75 8.54
CA VAL A 59 -1.96 -5.71 7.08
C VAL A 59 -1.77 -7.10 6.49
N ASN A 60 -2.08 -7.24 5.21
CA ASN A 60 -1.96 -8.53 4.52
C ASN A 60 -1.05 -8.40 3.31
N VAL A 61 -0.25 -9.44 3.07
CA VAL A 61 0.66 -9.45 1.93
C VAL A 61 0.59 -10.77 1.17
N VAL A 62 -0.09 -10.74 0.02
CA VAL A 62 -0.24 -11.94 -0.80
C VAL A 62 0.18 -11.67 -2.23
N ASP A 63 1.24 -12.33 -2.68
CA ASP A 63 1.75 -12.17 -4.04
C ASP A 63 0.80 -12.80 -5.05
N ASN A 64 0.53 -12.08 -6.12
CA ASN A 64 -0.37 -12.57 -7.17
C ASN A 64 0.32 -13.63 -8.03
N GLY A 65 1.58 -13.36 -8.38
CA GLY A 65 2.33 -14.30 -9.20
C GLY A 65 2.68 -13.73 -10.56
N ASP A 66 1.88 -12.77 -11.02
CA ASP A 66 2.11 -12.15 -12.32
C ASP A 66 3.09 -10.98 -12.19
N GLY A 67 2.94 -10.22 -11.12
CA GLY A 67 3.82 -9.08 -10.90
C GLY A 67 3.19 -8.03 -10.00
N THR A 68 2.41 -8.48 -9.03
CA THR A 68 1.74 -7.57 -8.10
C THR A 68 1.50 -8.25 -6.76
N HIS A 69 0.95 -7.49 -5.81
CA HIS A 69 0.67 -8.02 -4.48
C HIS A 69 -0.60 -7.40 -3.91
N THR A 70 -1.49 -8.25 -3.39
CA THR A 70 -2.75 -7.78 -2.82
C THR A 70 -2.60 -7.51 -1.33
N VAL A 71 -3.19 -6.40 -0.87
CA VAL A 71 -3.12 -6.03 0.54
C VAL A 71 -4.50 -5.63 1.06
N THR A 72 -5.10 -6.51 1.85
CA THR A 72 -6.41 -6.25 2.42
C THR A 72 -6.31 -5.73 3.85
N TYR A 73 -7.18 -4.79 4.20
CA TYR A 73 -7.18 -4.22 5.55
C TYR A 73 -8.54 -3.63 5.89
N THR A 74 -8.72 -3.28 7.16
CA THR A 74 -9.98 -2.70 7.61
C THR A 74 -9.75 -1.66 8.70
N PRO A 75 -9.99 -0.38 8.37
CA PRO A 75 -9.82 0.73 9.31
C PRO A 75 -10.85 0.72 10.42
N SER A 76 -10.50 0.12 11.55
CA SER A 76 -11.40 0.04 12.70
C SER A 76 -12.19 1.33 12.87
N GLN A 77 -11.60 2.43 12.41
CA GLN A 77 -12.23 3.75 12.51
C GLN A 77 -11.84 4.63 11.34
N GLU A 78 -12.44 5.81 11.27
CA GLU A 78 -12.16 6.76 10.20
C GLU A 78 -11.09 7.76 10.62
N GLY A 79 -10.65 8.58 9.67
CA GLY A 79 -9.63 9.57 9.97
C GLY A 79 -8.46 9.51 8.99
N PRO A 80 -7.52 10.45 9.12
CA PRO A 80 -6.34 10.53 8.27
C PRO A 80 -5.36 9.39 8.53
N TYR A 81 -5.64 8.22 7.95
CA TYR A 81 -4.79 7.05 8.13
C TYR A 81 -3.57 7.12 7.21
N MET A 82 -2.45 6.58 7.68
CA MET A 82 -1.21 6.58 6.90
C MET A 82 -0.77 5.16 6.59
N VAL A 83 -0.53 4.88 5.32
CA VAL A 83 -0.10 3.56 4.89
C VAL A 83 1.34 3.58 4.38
N SER A 84 2.28 3.26 5.25
CA SER A 84 3.69 3.26 4.89
C SER A 84 4.04 2.03 4.07
N VAL A 85 4.87 2.22 3.04
CA VAL A 85 5.28 1.12 2.18
C VAL A 85 6.76 1.21 1.84
N LYS A 86 7.47 0.10 2.03
CA LYS A 86 8.90 0.05 1.75
C LYS A 86 9.22 -1.03 0.71
N TYR A 87 10.46 -1.04 0.23
CA TYR A 87 10.87 -2.02 -0.77
C TYR A 87 12.39 -2.20 -0.74
N ALA A 88 12.83 -3.35 -0.23
CA ALA A 88 14.26 -3.64 -0.15
C ALA A 88 14.97 -2.68 0.79
N ASP A 89 14.33 -2.38 1.92
CA ASP A 89 14.92 -1.46 2.89
C ASP A 89 15.07 -0.06 2.31
N GLU A 90 14.12 0.32 1.47
CA GLU A 90 14.15 1.64 0.84
C GLU A 90 12.74 2.19 0.65
N GLU A 91 12.37 3.16 1.48
CA GLU A 91 11.05 3.77 1.41
C GLU A 91 10.77 4.28 0.00
N ILE A 92 9.74 3.71 -0.64
CA ILE A 92 9.37 4.11 -1.99
C ILE A 92 9.10 5.62 -2.06
N PRO A 93 9.28 6.20 -3.25
CA PRO A 93 9.07 7.63 -3.49
C PRO A 93 7.59 8.00 -3.43
N ARG A 94 6.76 7.04 -3.05
CA ARG A 94 5.32 7.26 -2.96
C ARG A 94 4.82 7.00 -1.54
N SER A 95 5.75 6.72 -0.63
CA SER A 95 5.40 6.45 0.76
C SER A 95 6.05 7.47 1.69
N PRO A 96 5.42 7.68 2.85
CA PRO A 96 4.17 7.00 3.23
C PRO A 96 3.00 7.46 2.38
N PHE A 97 1.86 6.79 2.55
CA PHE A 97 0.65 7.13 1.80
C PHE A 97 -0.40 7.74 2.72
N LYS A 98 -1.09 8.76 2.23
CA LYS A 98 -2.13 9.44 3.01
C LYS A 98 -3.51 8.96 2.58
N VAL A 99 -4.15 8.17 3.45
CA VAL A 99 -5.48 7.65 3.17
C VAL A 99 -6.49 8.15 4.19
N LYS A 100 -7.28 9.15 3.79
CA LYS A 100 -8.28 9.73 4.67
C LYS A 100 -9.55 8.87 4.68
N VAL A 101 -9.67 8.02 5.70
CA VAL A 101 -10.83 7.15 5.83
C VAL A 101 -12.08 7.95 6.16
N LEU A 102 -13.21 7.52 5.62
CA LEU A 102 -14.49 8.19 5.87
C LEU A 102 -15.40 7.34 6.75
N PRO A 103 -16.32 8.01 7.46
CA PRO A 103 -17.27 7.33 8.35
C PRO A 103 -18.30 6.50 7.59
N THR A 104 -18.37 5.21 7.89
CA THR A 104 -19.31 4.32 7.23
C THR A 104 -20.61 5.04 6.88
N TYR A 105 -21.01 5.97 7.76
CA TYR A 105 -22.23 6.73 7.54
C TYR A 105 -21.92 8.16 7.10
N ASP A 106 -22.90 8.81 6.49
CA ASP A 106 -22.72 10.18 6.02
C ASP A 106 -23.71 11.12 6.70
N ALA A 107 -23.27 11.78 7.77
CA ALA A 107 -24.11 12.71 8.50
C ALA A 107 -23.47 14.08 8.59
N SER A 108 -23.77 14.93 7.62
CA SER A 108 -23.21 16.28 7.57
C SER A 108 -23.75 17.12 8.73
N GLY A 1 22.59 6.18 -26.82
CA GLY A 1 22.75 4.74 -26.71
C GLY A 1 22.68 4.28 -25.27
N SER A 2 21.96 3.18 -25.04
CA SER A 2 21.81 2.63 -23.70
C SER A 2 21.35 1.17 -23.76
N SER A 3 22.00 0.33 -22.96
CA SER A 3 21.66 -1.09 -22.93
C SER A 3 21.97 -1.69 -21.55
N GLY A 4 21.10 -2.60 -21.11
CA GLY A 4 21.29 -3.23 -19.81
C GLY A 4 20.21 -4.25 -19.50
N SER A 5 20.06 -4.57 -18.22
CA SER A 5 19.07 -5.55 -17.79
C SER A 5 18.31 -5.04 -16.56
N SER A 6 17.11 -5.55 -16.37
CA SER A 6 16.28 -5.16 -15.23
C SER A 6 16.66 -5.95 -13.98
N GLY A 7 17.96 -6.16 -13.80
CA GLY A 7 18.43 -6.91 -12.64
C GLY A 7 18.40 -6.09 -11.37
N VAL A 8 19.20 -5.02 -11.34
CA VAL A 8 19.26 -4.15 -10.18
C VAL A 8 17.87 -3.88 -9.62
N VAL A 9 17.81 -3.55 -8.33
CA VAL A 9 16.54 -3.26 -7.68
C VAL A 9 16.26 -1.76 -7.65
N ASP A 10 15.05 -1.39 -8.04
CA ASP A 10 14.65 0.02 -8.05
C ASP A 10 13.32 0.21 -7.32
N PRO A 11 13.41 0.61 -6.05
CA PRO A 11 12.23 0.86 -5.21
C PRO A 11 11.45 2.09 -5.65
N SER A 12 11.95 2.76 -6.68
CA SER A 12 11.30 3.97 -7.19
C SER A 12 10.50 3.66 -8.45
N LYS A 13 10.30 2.37 -8.71
CA LYS A 13 9.55 1.93 -9.88
C LYS A 13 8.28 1.17 -9.47
N VAL A 14 8.15 0.91 -8.17
CA VAL A 14 6.99 0.20 -7.64
C VAL A 14 5.85 1.17 -7.35
N LYS A 15 4.68 0.86 -7.90
CA LYS A 15 3.51 1.69 -7.69
C LYS A 15 2.37 0.89 -7.06
N ILE A 16 1.29 1.58 -6.71
CA ILE A 16 0.13 0.94 -6.09
C ILE A 16 -1.16 1.65 -6.47
N ALA A 17 -2.17 0.87 -6.84
CA ALA A 17 -3.46 1.43 -7.22
C ALA A 17 -4.60 0.58 -6.68
N GLY A 18 -5.75 1.21 -6.45
CA GLY A 18 -6.90 0.49 -5.93
C GLY A 18 -7.79 1.37 -5.05
N PRO A 19 -8.91 0.80 -4.59
CA PRO A 19 -9.86 1.52 -3.74
C PRO A 19 -9.30 1.78 -2.34
N GLY A 20 -8.57 0.80 -1.81
CA GLY A 20 -8.00 0.94 -0.48
C GLY A 20 -7.20 2.23 -0.33
N LEU A 21 -6.72 2.76 -1.46
CA LEU A 21 -5.94 3.98 -1.45
C LEU A 21 -6.75 5.16 -1.98
N GLY A 22 -7.83 4.85 -2.68
CA GLY A 22 -8.69 5.89 -3.24
C GLY A 22 -9.28 6.77 -2.16
N SER A 23 -10.05 7.78 -2.59
CA SER A 23 -10.68 8.70 -1.65
C SER A 23 -12.08 8.24 -1.30
N GLY A 24 -12.37 6.98 -1.60
CA GLY A 24 -13.68 6.43 -1.29
C GLY A 24 -13.63 5.31 -0.28
N VAL A 25 -12.81 5.48 0.76
CA VAL A 25 -12.67 4.47 1.80
C VAL A 25 -13.56 4.77 2.99
N ARG A 26 -14.14 3.72 3.56
CA ARG A 26 -15.04 3.87 4.71
C ARG A 26 -14.52 3.08 5.91
N ALA A 27 -14.78 3.58 7.10
CA ALA A 27 -14.35 2.93 8.33
C ALA A 27 -15.03 1.57 8.49
N ARG A 28 -14.34 0.65 9.15
CA ARG A 28 -14.88 -0.69 9.38
C ARG A 28 -15.33 -1.33 8.07
N VAL A 29 -14.52 -1.15 7.02
CA VAL A 29 -14.83 -1.70 5.71
C VAL A 29 -13.62 -2.40 5.11
N LEU A 30 -13.85 -3.49 4.40
CA LEU A 30 -12.78 -4.25 3.77
C LEU A 30 -12.13 -3.45 2.65
N GLN A 31 -10.87 -3.09 2.84
CA GLN A 31 -10.13 -2.32 1.85
C GLN A 31 -8.96 -3.11 1.30
N SER A 32 -8.80 -3.09 -0.02
CA SER A 32 -7.70 -3.82 -0.66
C SER A 32 -7.23 -3.08 -1.91
N PHE A 33 -5.94 -3.21 -2.21
CA PHE A 33 -5.35 -2.56 -3.37
C PHE A 33 -4.31 -3.46 -4.04
N THR A 34 -3.82 -3.03 -5.19
CA THR A 34 -2.82 -3.79 -5.93
C THR A 34 -1.47 -3.07 -5.95
N VAL A 35 -0.41 -3.81 -5.67
CA VAL A 35 0.94 -3.24 -5.65
C VAL A 35 1.78 -3.81 -6.79
N ASP A 36 2.03 -3.00 -7.80
CA ASP A 36 2.83 -3.41 -8.95
C ASP A 36 4.31 -3.14 -8.70
N SER A 37 5.04 -4.18 -8.31
CA SER A 37 6.47 -4.05 -8.03
C SER A 37 7.29 -4.84 -9.06
N SER A 38 6.72 -5.03 -10.24
CA SER A 38 7.39 -5.76 -11.31
C SER A 38 8.54 -4.94 -11.89
N LYS A 39 8.31 -3.63 -12.02
CA LYS A 39 9.33 -2.73 -12.57
C LYS A 39 10.42 -2.44 -11.54
N ALA A 40 10.12 -2.73 -10.28
CA ALA A 40 11.07 -2.51 -9.19
C ALA A 40 12.12 -3.61 -9.15
N GLY A 41 11.69 -4.85 -9.41
CA GLY A 41 12.60 -5.97 -9.39
C GLY A 41 12.01 -7.19 -8.69
N LEU A 42 12.83 -7.86 -7.90
CA LEU A 42 12.38 -9.05 -7.18
C LEU A 42 12.49 -8.85 -5.67
N ALA A 43 12.53 -7.58 -5.26
CA ALA A 43 12.64 -7.25 -3.84
C ALA A 43 11.28 -7.37 -3.15
N PRO A 44 11.30 -7.67 -1.85
CA PRO A 44 10.09 -7.82 -1.05
C PRO A 44 9.37 -6.49 -0.82
N LEU A 45 8.13 -6.56 -0.35
CA LEU A 45 7.35 -5.37 -0.10
C LEU A 45 6.82 -5.35 1.33
N GLU A 46 6.92 -4.20 1.99
CA GLU A 46 6.45 -4.06 3.36
C GLU A 46 5.30 -3.06 3.45
N VAL A 47 4.33 -3.35 4.31
CA VAL A 47 3.18 -2.49 4.49
C VAL A 47 2.93 -2.19 5.97
N ARG A 48 2.52 -0.96 6.25
CA ARG A 48 2.26 -0.54 7.62
C ARG A 48 1.14 0.50 7.67
N VAL A 49 0.31 0.41 8.70
CA VAL A 49 -0.81 1.34 8.85
C VAL A 49 -0.71 2.08 10.19
N LEU A 50 -0.89 3.40 10.14
CA LEU A 50 -0.83 4.22 11.34
C LEU A 50 -2.10 5.04 11.52
N GLY A 51 -2.64 5.03 12.73
CA GLY A 51 -3.86 5.78 13.00
C GLY A 51 -3.60 7.25 13.23
N PRO A 52 -4.68 8.04 13.29
CA PRO A 52 -4.58 9.49 13.49
C PRO A 52 -4.13 9.84 14.91
N ARG A 53 -4.67 9.13 15.89
CA ARG A 53 -4.32 9.36 17.29
C ARG A 53 -3.03 8.65 17.66
N GLY A 54 -2.82 7.47 17.07
CA GLY A 54 -1.62 6.71 17.34
C GLY A 54 -1.91 5.22 17.48
N LEU A 55 -2.90 4.75 16.75
CA LEU A 55 -3.27 3.33 16.78
C LEU A 55 -2.53 2.54 15.71
N VAL A 56 -2.21 1.30 16.02
CA VAL A 56 -1.50 0.43 15.08
C VAL A 56 -2.41 -0.68 14.56
N GLU A 57 -2.52 -0.79 13.24
CA GLU A 57 -3.35 -1.81 12.63
C GLU A 57 -2.52 -2.75 11.76
N PRO A 58 -2.86 -4.05 11.78
CA PRO A 58 -2.15 -5.06 11.00
C PRO A 58 -2.40 -4.93 9.51
N VAL A 59 -1.67 -5.71 8.72
CA VAL A 59 -1.82 -5.66 7.27
C VAL A 59 -1.68 -7.06 6.67
N ASN A 60 -2.08 -7.20 5.41
CA ASN A 60 -1.99 -8.49 4.71
C ASN A 60 -1.19 -8.35 3.43
N VAL A 61 -0.42 -9.40 3.11
CA VAL A 61 0.41 -9.40 1.91
C VAL A 61 0.26 -10.72 1.15
N VAL A 62 -0.23 -10.63 -0.08
CA VAL A 62 -0.41 -11.82 -0.91
C VAL A 62 0.09 -11.59 -2.32
N ASP A 63 1.04 -12.41 -2.76
CA ASP A 63 1.60 -12.29 -4.10
C ASP A 63 0.63 -12.82 -5.15
N ASN A 64 0.51 -12.09 -6.25
CA ASN A 64 -0.39 -12.48 -7.33
C ASN A 64 0.25 -13.55 -8.21
N GLY A 65 1.55 -13.38 -8.49
CA GLY A 65 2.26 -14.34 -9.31
C GLY A 65 2.68 -13.75 -10.65
N ASP A 66 1.91 -12.78 -11.14
CA ASP A 66 2.21 -12.14 -12.41
C ASP A 66 3.26 -11.03 -12.22
N GLY A 67 3.04 -10.20 -11.22
CA GLY A 67 3.96 -9.11 -10.95
C GLY A 67 3.37 -8.06 -10.04
N THR A 68 2.47 -8.48 -9.14
CA THR A 68 1.83 -7.58 -8.21
C THR A 68 1.61 -8.23 -6.86
N HIS A 69 1.07 -7.48 -5.91
CA HIS A 69 0.81 -8.00 -4.57
C HIS A 69 -0.45 -7.36 -3.98
N THR A 70 -1.38 -8.20 -3.52
CA THR A 70 -2.62 -7.71 -2.93
C THR A 70 -2.46 -7.46 -1.43
N VAL A 71 -3.04 -6.37 -0.96
CA VAL A 71 -2.96 -6.02 0.46
C VAL A 71 -4.34 -5.70 1.02
N THR A 72 -4.85 -6.59 1.87
CA THR A 72 -6.16 -6.41 2.47
C THR A 72 -6.04 -5.81 3.88
N TYR A 73 -6.95 -4.90 4.20
CA TYR A 73 -6.94 -4.25 5.50
C TYR A 73 -8.31 -3.65 5.82
N THR A 74 -8.47 -3.19 7.06
CA THR A 74 -9.73 -2.60 7.49
C THR A 74 -9.50 -1.49 8.51
N PRO A 75 -9.85 -0.25 8.13
CA PRO A 75 -9.69 0.92 9.00
C PRO A 75 -10.65 0.89 10.19
N SER A 76 -10.17 0.36 11.30
CA SER A 76 -10.98 0.27 12.52
C SER A 76 -11.87 1.50 12.66
N GLN A 77 -11.27 2.68 12.57
CA GLN A 77 -12.01 3.93 12.68
C GLN A 77 -11.66 4.89 11.55
N GLU A 78 -12.49 5.90 11.34
CA GLU A 78 -12.27 6.88 10.29
C GLU A 78 -11.19 7.89 10.71
N GLY A 79 -10.76 8.71 9.75
CA GLY A 79 -9.74 9.70 10.04
C GLY A 79 -8.58 9.63 9.08
N PRO A 80 -7.67 10.62 9.18
CA PRO A 80 -6.48 10.68 8.31
C PRO A 80 -5.48 9.59 8.61
N TYR A 81 -5.70 8.42 8.02
CA TYR A 81 -4.80 7.28 8.24
C TYR A 81 -3.53 7.44 7.43
N MET A 82 -2.57 6.53 7.64
CA MET A 82 -1.30 6.57 6.93
C MET A 82 -0.79 5.17 6.64
N VAL A 83 -0.73 4.81 5.36
CA VAL A 83 -0.26 3.49 4.96
C VAL A 83 1.16 3.56 4.42
N SER A 84 2.13 3.25 5.28
CA SER A 84 3.54 3.27 4.89
C SER A 84 3.92 2.01 4.14
N VAL A 85 4.73 2.16 3.10
CA VAL A 85 5.17 1.02 2.29
C VAL A 85 6.66 1.12 2.00
N LYS A 86 7.33 -0.03 2.04
CA LYS A 86 8.76 -0.08 1.77
C LYS A 86 9.08 -1.15 0.72
N TYR A 87 10.31 -1.14 0.22
CA TYR A 87 10.74 -2.11 -0.78
C TYR A 87 12.25 -2.33 -0.71
N ALA A 88 12.64 -3.50 -0.22
CA ALA A 88 14.05 -3.84 -0.11
C ALA A 88 14.77 -2.91 0.86
N ASP A 89 14.13 -2.63 1.98
CA ASP A 89 14.70 -1.74 2.99
C ASP A 89 14.89 -0.33 2.44
N GLU A 90 13.97 0.10 1.60
CA GLU A 90 14.04 1.43 1.00
C GLU A 90 12.65 2.01 0.79
N GLU A 91 12.27 2.96 1.63
CA GLU A 91 10.96 3.60 1.54
C GLU A 91 10.72 4.13 0.12
N ILE A 92 9.69 3.59 -0.54
CA ILE A 92 9.35 4.00 -1.88
C ILE A 92 9.08 5.50 -1.95
N PRO A 93 9.31 6.10 -3.14
CA PRO A 93 9.09 7.53 -3.36
C PRO A 93 7.61 7.90 -3.35
N ARG A 94 6.77 6.93 -3.05
CA ARG A 94 5.33 7.15 -3.00
C ARG A 94 4.78 6.91 -1.60
N SER A 95 5.68 6.66 -0.66
CA SER A 95 5.29 6.41 0.73
C SER A 95 5.89 7.46 1.66
N PRO A 96 5.22 7.69 2.80
CA PRO A 96 3.99 6.98 3.14
C PRO A 96 2.82 7.39 2.25
N PHE A 97 1.66 6.76 2.49
CA PHE A 97 0.47 7.05 1.70
C PHE A 97 -0.62 7.66 2.59
N LYS A 98 -1.04 8.88 2.25
CA LYS A 98 -2.07 9.57 3.01
C LYS A 98 -3.46 9.07 2.62
N VAL A 99 -4.01 8.19 3.44
CA VAL A 99 -5.34 7.63 3.19
C VAL A 99 -6.36 8.18 4.17
N LYS A 100 -7.17 9.13 3.70
CA LYS A 100 -8.20 9.74 4.55
C LYS A 100 -9.46 8.89 4.57
N VAL A 101 -9.61 8.10 5.63
CA VAL A 101 -10.76 7.23 5.78
C VAL A 101 -12.03 8.03 6.06
N LEU A 102 -13.16 7.56 5.54
CA LEU A 102 -14.43 8.24 5.73
C LEU A 102 -15.34 7.43 6.66
N PRO A 103 -16.27 8.12 7.33
CA PRO A 103 -17.22 7.49 8.24
C PRO A 103 -18.26 6.65 7.51
N THR A 104 -18.35 5.37 7.89
CA THR A 104 -19.29 4.45 7.26
C THR A 104 -20.58 5.18 6.88
N TYR A 105 -20.96 6.17 7.67
CA TYR A 105 -22.17 6.94 7.43
C TYR A 105 -21.84 8.34 6.95
N ASP A 106 -22.85 9.06 6.47
CA ASP A 106 -22.67 10.42 5.98
C ASP A 106 -23.54 11.40 6.76
N ALA A 107 -23.08 12.64 6.86
CA ALA A 107 -23.83 13.67 7.58
C ALA A 107 -24.94 14.24 6.71
N SER A 108 -26.05 13.52 6.61
CA SER A 108 -27.19 13.97 5.81
C SER A 108 -27.56 15.40 6.15
N GLY A 1 20.51 -12.63 -28.09
CA GLY A 1 19.72 -12.12 -26.97
C GLY A 1 20.47 -11.07 -26.17
N SER A 2 19.90 -10.68 -25.04
CA SER A 2 20.52 -9.67 -24.19
C SER A 2 21.61 -10.29 -23.31
N SER A 3 22.86 -10.11 -23.73
CA SER A 3 23.99 -10.66 -22.99
C SER A 3 24.53 -9.63 -21.99
N GLY A 4 24.04 -9.70 -20.76
CA GLY A 4 24.48 -8.77 -19.73
C GLY A 4 23.95 -9.14 -18.35
N SER A 5 24.80 -8.97 -17.34
CA SER A 5 24.41 -9.29 -15.97
C SER A 5 23.27 -8.39 -15.50
N SER A 6 22.07 -8.96 -15.42
CA SER A 6 20.90 -8.22 -14.99
C SER A 6 20.43 -8.68 -13.61
N GLY A 7 19.82 -7.77 -12.86
CA GLY A 7 19.33 -8.10 -11.53
C GLY A 7 19.45 -6.95 -10.56
N VAL A 8 18.93 -5.80 -10.96
CA VAL A 8 18.97 -4.60 -10.11
C VAL A 8 17.62 -4.32 -9.47
N VAL A 9 17.64 -3.81 -8.25
CA VAL A 9 16.42 -3.49 -7.53
C VAL A 9 16.19 -1.98 -7.47
N ASP A 10 15.02 -1.56 -7.92
CA ASP A 10 14.66 -0.14 -7.92
C ASP A 10 13.35 0.09 -7.19
N PRO A 11 13.43 0.49 -5.91
CA PRO A 11 12.25 0.75 -5.08
C PRO A 11 11.50 2.01 -5.52
N SER A 12 12.03 2.68 -6.54
CA SER A 12 11.41 3.90 -7.06
C SER A 12 10.64 3.61 -8.34
N LYS A 13 10.40 2.33 -8.61
CA LYS A 13 9.67 1.92 -9.80
C LYS A 13 8.38 1.21 -9.43
N VAL A 14 8.22 0.91 -8.15
CA VAL A 14 7.03 0.22 -7.66
C VAL A 14 5.87 1.20 -7.49
N LYS A 15 4.69 0.80 -7.97
CA LYS A 15 3.51 1.63 -7.86
C LYS A 15 2.35 0.87 -7.22
N ILE A 16 1.26 1.57 -6.96
CA ILE A 16 0.09 0.95 -6.35
C ILE A 16 -1.20 1.64 -6.81
N ALA A 17 -2.19 0.83 -7.17
CA ALA A 17 -3.48 1.35 -7.63
C ALA A 17 -4.64 0.52 -7.10
N GLY A 18 -5.63 1.19 -6.51
CA GLY A 18 -6.78 0.48 -5.98
C GLY A 18 -7.68 1.39 -5.17
N PRO A 19 -8.87 0.88 -4.82
CA PRO A 19 -9.85 1.64 -4.04
C PRO A 19 -9.40 1.85 -2.59
N GLY A 20 -8.72 0.86 -2.04
CA GLY A 20 -8.25 0.96 -0.67
C GLY A 20 -7.47 2.23 -0.42
N LEU A 21 -6.61 2.59 -1.36
CA LEU A 21 -5.80 3.80 -1.24
C LEU A 21 -6.60 5.03 -1.63
N GLY A 22 -7.68 4.83 -2.37
CA GLY A 22 -8.52 5.93 -2.80
C GLY A 22 -8.99 6.78 -1.65
N SER A 23 -9.66 7.89 -1.95
CA SER A 23 -10.15 8.80 -0.93
C SER A 23 -11.56 8.40 -0.48
N GLY A 24 -12.19 7.52 -1.25
CA GLY A 24 -13.53 7.08 -0.92
C GLY A 24 -13.52 5.84 -0.04
N VAL A 25 -12.78 5.90 1.05
CA VAL A 25 -12.70 4.77 1.98
C VAL A 25 -13.60 4.98 3.18
N ARG A 26 -14.20 3.89 3.66
CA ARG A 26 -15.10 3.94 4.80
C ARG A 26 -14.55 3.10 5.96
N ALA A 27 -14.85 3.53 7.18
CA ALA A 27 -14.40 2.82 8.37
C ALA A 27 -15.10 1.47 8.50
N ARG A 28 -14.43 0.52 9.15
CA ARG A 28 -14.99 -0.81 9.34
C ARG A 28 -15.40 -1.43 8.01
N VAL A 29 -14.64 -1.13 6.96
CA VAL A 29 -14.93 -1.65 5.63
C VAL A 29 -13.70 -2.33 5.03
N LEU A 30 -13.94 -3.33 4.20
CA LEU A 30 -12.86 -4.08 3.56
C LEU A 30 -12.18 -3.23 2.49
N GLN A 31 -10.93 -2.86 2.74
CA GLN A 31 -10.17 -2.05 1.80
C GLN A 31 -8.96 -2.82 1.27
N SER A 32 -8.83 -2.90 -0.05
CA SER A 32 -7.72 -3.60 -0.68
C SER A 32 -7.27 -2.89 -1.94
N PHE A 33 -6.06 -3.22 -2.40
CA PHE A 33 -5.51 -2.61 -3.60
C PHE A 33 -4.49 -3.53 -4.26
N THR A 34 -3.86 -3.04 -5.33
CA THR A 34 -2.86 -3.83 -6.05
C THR A 34 -1.53 -3.11 -6.08
N VAL A 35 -0.47 -3.82 -5.71
CA VAL A 35 0.87 -3.25 -5.69
C VAL A 35 1.73 -3.82 -6.82
N ASP A 36 1.96 -3.02 -7.85
CA ASP A 36 2.76 -3.45 -8.98
C ASP A 36 4.25 -3.19 -8.73
N SER A 37 4.96 -4.23 -8.32
CA SER A 37 6.38 -4.12 -8.04
C SER A 37 7.21 -4.92 -9.05
N SER A 38 6.69 -5.02 -10.27
CA SER A 38 7.37 -5.77 -11.32
C SER A 38 8.59 -5.00 -11.83
N LYS A 39 8.43 -3.68 -11.98
CA LYS A 39 9.51 -2.84 -12.46
C LYS A 39 10.57 -2.64 -11.38
N ALA A 40 10.15 -2.78 -10.13
CA ALA A 40 11.06 -2.62 -8.99
C ALA A 40 12.08 -3.76 -8.94
N GLY A 41 11.65 -4.94 -9.36
CA GLY A 41 12.54 -6.10 -9.36
C GLY A 41 11.94 -7.28 -8.61
N LEU A 42 12.80 -8.07 -7.98
CA LEU A 42 12.34 -9.24 -7.23
C LEU A 42 12.44 -8.99 -5.72
N ALA A 43 12.52 -7.72 -5.34
CA ALA A 43 12.61 -7.35 -3.94
C ALA A 43 11.26 -7.49 -3.25
N PRO A 44 11.29 -7.77 -1.93
CA PRO A 44 10.08 -7.93 -1.13
C PRO A 44 9.32 -6.62 -0.94
N LEU A 45 8.09 -6.72 -0.45
CA LEU A 45 7.26 -5.53 -0.22
C LEU A 45 6.82 -5.45 1.24
N GLU A 46 6.73 -4.24 1.76
CA GLU A 46 6.32 -4.03 3.14
C GLU A 46 5.22 -2.98 3.23
N VAL A 47 4.27 -3.18 4.15
CA VAL A 47 3.17 -2.25 4.32
C VAL A 47 2.90 -1.99 5.80
N ARG A 48 2.34 -0.83 6.11
CA ARG A 48 2.04 -0.46 7.48
C ARG A 48 0.92 0.58 7.54
N VAL A 49 0.08 0.48 8.56
CA VAL A 49 -1.03 1.41 8.73
C VAL A 49 -1.00 2.07 10.11
N LEU A 50 -1.02 3.40 10.12
CA LEU A 50 -1.00 4.14 11.36
C LEU A 50 -2.23 5.04 11.49
N GLY A 51 -2.94 4.91 12.61
CA GLY A 51 -4.13 5.71 12.82
C GLY A 51 -3.81 7.18 13.01
N PRO A 52 -4.85 8.00 13.16
CA PRO A 52 -4.71 9.45 13.35
C PRO A 52 -4.11 9.80 14.70
N ARG A 53 -4.68 9.22 15.76
CA ARG A 53 -4.20 9.47 17.12
C ARG A 53 -2.87 8.79 17.36
N GLY A 54 -2.70 7.60 16.79
CA GLY A 54 -1.46 6.86 16.97
C GLY A 54 -1.70 5.37 17.17
N LEU A 55 -2.68 4.83 16.46
CA LEU A 55 -3.02 3.41 16.57
C LEU A 55 -2.24 2.60 15.52
N VAL A 56 -1.96 1.35 15.85
CA VAL A 56 -1.24 0.46 14.95
C VAL A 56 -2.12 -0.71 14.50
N GLU A 57 -2.21 -0.88 13.18
CA GLU A 57 -3.02 -1.96 12.63
C GLU A 57 -2.20 -2.80 11.65
N PRO A 58 -2.43 -4.13 11.67
CA PRO A 58 -1.72 -5.07 10.80
C PRO A 58 -2.15 -4.93 9.33
N VAL A 59 -1.39 -5.56 8.45
CA VAL A 59 -1.68 -5.50 7.02
C VAL A 59 -1.50 -6.87 6.37
N ASN A 60 -2.27 -7.12 5.32
CA ASN A 60 -2.19 -8.39 4.61
C ASN A 60 -1.29 -8.28 3.38
N VAL A 61 -0.46 -9.29 3.17
CA VAL A 61 0.45 -9.29 2.02
C VAL A 61 0.42 -10.64 1.30
N VAL A 62 -0.06 -10.62 0.06
CA VAL A 62 -0.14 -11.84 -0.74
C VAL A 62 0.35 -11.60 -2.17
N ASP A 63 1.34 -12.38 -2.58
CA ASP A 63 1.90 -12.25 -3.92
C ASP A 63 0.98 -12.89 -4.96
N ASN A 64 0.77 -12.17 -6.06
CA ASN A 64 -0.10 -12.66 -7.13
C ASN A 64 0.61 -13.73 -7.96
N GLY A 65 1.88 -13.48 -8.26
CA GLY A 65 2.66 -14.42 -9.05
C GLY A 65 3.06 -13.86 -10.40
N ASP A 66 2.26 -12.94 -10.92
CA ASP A 66 2.53 -12.32 -12.21
C ASP A 66 3.51 -11.16 -12.06
N GLY A 67 3.26 -10.31 -11.08
CA GLY A 67 4.13 -9.16 -10.85
C GLY A 67 3.49 -8.10 -9.97
N THR A 68 2.62 -8.54 -9.07
CA THR A 68 1.94 -7.63 -8.17
C THR A 68 1.72 -8.26 -6.79
N HIS A 69 1.15 -7.50 -5.87
CA HIS A 69 0.89 -7.99 -4.52
C HIS A 69 -0.37 -7.37 -3.95
N THR A 70 -1.30 -8.22 -3.52
CA THR A 70 -2.56 -7.75 -2.95
C THR A 70 -2.41 -7.40 -1.48
N VAL A 71 -3.04 -6.31 -1.06
CA VAL A 71 -2.98 -5.86 0.32
C VAL A 71 -4.37 -5.56 0.88
N THR A 72 -4.87 -6.44 1.73
CA THR A 72 -6.19 -6.26 2.32
C THR A 72 -6.08 -5.71 3.74
N TYR A 73 -7.05 -4.88 4.12
CA TYR A 73 -7.06 -4.27 5.44
C TYR A 73 -8.43 -3.66 5.75
N THR A 74 -8.59 -3.19 6.98
CA THR A 74 -9.85 -2.58 7.39
C THR A 74 -9.62 -1.54 8.49
N PRO A 75 -9.88 -0.27 8.18
CA PRO A 75 -9.72 0.84 9.12
C PRO A 75 -10.75 0.80 10.25
N SER A 76 -10.38 0.19 11.37
CA SER A 76 -11.27 0.08 12.51
C SER A 76 -12.09 1.36 12.69
N GLN A 77 -11.41 2.49 12.68
CA GLN A 77 -12.07 3.79 12.83
C GLN A 77 -11.69 4.73 11.69
N GLU A 78 -12.54 5.72 11.46
CA GLU A 78 -12.29 6.71 10.40
C GLU A 78 -11.26 7.73 10.84
N GLY A 79 -10.80 8.56 9.89
CA GLY A 79 -9.82 9.57 10.20
C GLY A 79 -8.66 9.56 9.22
N PRO A 80 -7.75 10.53 9.37
CA PRO A 80 -6.58 10.66 8.51
C PRO A 80 -5.56 9.54 8.74
N TYR A 81 -5.79 8.40 8.10
CA TYR A 81 -4.90 7.25 8.25
C TYR A 81 -3.65 7.43 7.40
N MET A 82 -2.68 6.53 7.58
CA MET A 82 -1.43 6.59 6.83
C MET A 82 -0.94 5.19 6.50
N VAL A 83 -0.83 4.90 5.20
CA VAL A 83 -0.36 3.59 4.75
C VAL A 83 1.08 3.66 4.26
N SER A 84 2.01 3.24 5.11
CA SER A 84 3.43 3.27 4.77
C SER A 84 3.82 2.01 3.99
N VAL A 85 4.63 2.19 2.96
CA VAL A 85 5.07 1.07 2.13
C VAL A 85 6.58 1.14 1.88
N LYS A 86 7.23 -0.02 1.88
CA LYS A 86 8.67 -0.09 1.65
C LYS A 86 9.00 -1.14 0.60
N TYR A 87 10.24 -1.14 0.13
CA TYR A 87 10.68 -2.09 -0.87
C TYR A 87 12.19 -2.34 -0.77
N ALA A 88 12.56 -3.52 -0.31
CA ALA A 88 13.96 -3.88 -0.17
C ALA A 88 14.66 -2.97 0.83
N ASP A 89 13.99 -2.70 1.95
CA ASP A 89 14.55 -1.84 2.99
C ASP A 89 14.77 -0.43 2.46
N GLU A 90 13.88 0.03 1.59
CA GLU A 90 13.99 1.36 1.01
C GLU A 90 12.60 1.96 0.78
N GLU A 91 12.22 2.91 1.63
CA GLU A 91 10.92 3.56 1.51
C GLU A 91 10.69 4.09 0.10
N ILE A 92 9.63 3.63 -0.53
CA ILE A 92 9.31 4.06 -1.89
C ILE A 92 9.09 5.57 -1.96
N PRO A 93 9.34 6.15 -3.14
CA PRO A 93 9.18 7.60 -3.35
C PRO A 93 7.72 8.02 -3.34
N ARG A 94 6.83 7.09 -3.01
CA ARG A 94 5.41 7.37 -2.96
C ARG A 94 4.84 7.08 -1.57
N SER A 95 5.73 6.82 -0.62
CA SER A 95 5.33 6.52 0.75
C SER A 95 5.94 7.53 1.73
N PRO A 96 5.25 7.72 2.86
CA PRO A 96 4.01 7.03 3.17
C PRO A 96 2.85 7.50 2.29
N PHE A 97 1.69 6.87 2.45
CA PHE A 97 0.52 7.22 1.67
C PHE A 97 -0.57 7.82 2.57
N LYS A 98 -1.12 8.95 2.14
CA LYS A 98 -2.18 9.62 2.90
C LYS A 98 -3.55 9.06 2.53
N VAL A 99 -4.17 8.37 3.48
CA VAL A 99 -5.50 7.80 3.25
C VAL A 99 -6.49 8.28 4.30
N LYS A 100 -7.33 9.24 3.91
CA LYS A 100 -8.33 9.79 4.81
C LYS A 100 -9.60 8.93 4.82
N VAL A 101 -9.74 8.09 5.83
CA VAL A 101 -10.90 7.22 5.94
C VAL A 101 -12.15 8.02 6.30
N LEU A 102 -13.30 7.55 5.82
CA LEU A 102 -14.57 8.22 6.09
C LEU A 102 -15.47 7.34 6.97
N PRO A 103 -16.39 7.99 7.69
CA PRO A 103 -17.33 7.29 8.57
C PRO A 103 -18.37 6.48 7.80
N THR A 104 -18.41 5.18 8.05
CA THR A 104 -19.35 4.30 7.38
C THR A 104 -20.66 5.02 7.08
N TYR A 105 -21.06 5.90 7.99
CA TYR A 105 -22.31 6.65 7.83
C TYR A 105 -22.02 8.10 7.47
N ASP A 106 -23.00 8.74 6.84
CA ASP A 106 -22.85 10.14 6.44
C ASP A 106 -23.82 11.03 7.21
N ALA A 107 -23.33 11.65 8.28
CA ALA A 107 -24.15 12.53 9.10
C ALA A 107 -24.52 13.79 8.34
N SER A 108 -25.57 13.70 7.52
CA SER A 108 -26.04 14.83 6.74
C SER A 108 -27.12 15.61 7.49
N GLY A 1 34.26 -1.73 -14.66
CA GLY A 1 32.91 -1.20 -14.69
C GLY A 1 31.90 -2.13 -14.04
N SER A 2 31.26 -1.65 -12.98
CA SER A 2 30.29 -2.46 -12.25
C SER A 2 29.03 -2.67 -13.10
N SER A 3 28.69 -3.93 -13.32
CA SER A 3 27.52 -4.28 -14.11
C SER A 3 26.41 -4.84 -13.23
N GLY A 4 25.19 -4.88 -13.76
CA GLY A 4 24.06 -5.40 -13.01
C GLY A 4 24.45 -6.58 -12.13
N SER A 5 24.03 -6.53 -10.87
CA SER A 5 24.34 -7.59 -9.93
C SER A 5 23.13 -8.48 -9.69
N SER A 6 23.19 -9.70 -10.22
CA SER A 6 22.09 -10.66 -10.07
C SER A 6 20.74 -9.94 -10.08
N GLY A 7 20.60 -8.96 -10.98
CA GLY A 7 19.37 -8.21 -11.07
C GLY A 7 19.30 -7.08 -10.07
N VAL A 8 19.41 -5.84 -10.55
CA VAL A 8 19.36 -4.67 -9.68
C VAL A 8 17.94 -4.40 -9.22
N VAL A 9 17.81 -3.77 -8.06
CA VAL A 9 16.51 -3.44 -7.50
C VAL A 9 16.23 -1.95 -7.57
N ASP A 10 15.01 -1.60 -7.97
CA ASP A 10 14.62 -0.19 -8.08
C ASP A 10 13.31 0.07 -7.36
N PRO A 11 13.40 0.52 -6.10
CA PRO A 11 12.23 0.82 -5.28
C PRO A 11 11.47 2.05 -5.77
N SER A 12 11.97 2.67 -6.83
CA SER A 12 11.34 3.85 -7.40
C SER A 12 10.48 3.48 -8.60
N LYS A 13 10.41 2.19 -8.90
CA LYS A 13 9.62 1.71 -10.03
C LYS A 13 8.37 0.98 -9.55
N VAL A 14 8.29 0.76 -8.24
CA VAL A 14 7.15 0.07 -7.64
C VAL A 14 6.04 1.06 -7.29
N LYS A 15 4.84 0.82 -7.83
CA LYS A 15 3.69 1.67 -7.58
C LYS A 15 2.54 0.87 -6.99
N ILE A 16 1.47 1.58 -6.60
CA ILE A 16 0.30 0.93 -6.04
C ILE A 16 -0.98 1.65 -6.44
N ALA A 17 -1.97 0.88 -6.87
CA ALA A 17 -3.26 1.45 -7.28
C ALA A 17 -4.42 0.57 -6.85
N GLY A 18 -5.47 1.19 -6.31
CA GLY A 18 -6.63 0.45 -5.86
C GLY A 18 -7.61 1.30 -5.09
N PRO A 19 -8.80 0.75 -4.81
CA PRO A 19 -9.85 1.46 -4.08
C PRO A 19 -9.48 1.67 -2.61
N GLY A 20 -8.73 0.74 -2.05
CA GLY A 20 -8.33 0.84 -0.66
C GLY A 20 -7.52 2.10 -0.38
N LEU A 21 -6.60 2.41 -1.28
CA LEU A 21 -5.76 3.60 -1.12
C LEU A 21 -6.52 4.87 -1.49
N GLY A 22 -7.56 4.71 -2.31
CA GLY A 22 -8.35 5.85 -2.72
C GLY A 22 -8.86 6.66 -1.55
N SER A 23 -9.49 7.79 -1.85
CA SER A 23 -10.02 8.66 -0.80
C SER A 23 -11.43 8.23 -0.40
N GLY A 24 -12.02 7.36 -1.19
CA GLY A 24 -13.37 6.88 -0.90
C GLY A 24 -13.38 5.68 0.01
N VAL A 25 -12.57 5.74 1.07
CA VAL A 25 -12.49 4.64 2.03
C VAL A 25 -13.45 4.84 3.18
N ARG A 26 -13.98 3.74 3.71
CA ARG A 26 -14.93 3.81 4.82
C ARG A 26 -14.41 3.00 6.01
N ALA A 27 -14.80 3.42 7.22
CA ALA A 27 -14.37 2.76 8.44
C ALA A 27 -15.04 1.39 8.56
N ARG A 28 -14.32 0.44 9.16
CA ARG A 28 -14.83 -0.91 9.35
C ARG A 28 -15.26 -1.53 8.02
N VAL A 29 -14.54 -1.17 6.96
CA VAL A 29 -14.83 -1.68 5.62
C VAL A 29 -13.61 -2.37 5.02
N LEU A 30 -13.87 -3.44 4.28
CA LEU A 30 -12.78 -4.19 3.64
C LEU A 30 -12.13 -3.37 2.53
N GLN A 31 -10.87 -2.98 2.77
CA GLN A 31 -10.14 -2.18 1.80
C GLN A 31 -8.95 -2.97 1.25
N SER A 32 -8.82 -3.00 -0.08
CA SER A 32 -7.74 -3.72 -0.72
C SER A 32 -7.28 -2.99 -1.98
N PHE A 33 -5.99 -3.11 -2.31
CA PHE A 33 -5.43 -2.47 -3.48
C PHE A 33 -4.42 -3.39 -4.18
N THR A 34 -3.83 -2.89 -5.25
CA THR A 34 -2.83 -3.66 -6.00
C THR A 34 -1.48 -2.96 -6.02
N VAL A 35 -0.44 -3.69 -5.66
CA VAL A 35 0.91 -3.14 -5.64
C VAL A 35 1.76 -3.71 -6.77
N ASP A 36 2.01 -2.89 -7.78
CA ASP A 36 2.81 -3.31 -8.93
C ASP A 36 4.29 -3.06 -8.67
N SER A 37 5.03 -4.14 -8.45
CA SER A 37 6.46 -4.03 -8.19
C SER A 37 7.26 -4.87 -9.19
N SER A 38 6.65 -5.14 -10.33
CA SER A 38 7.29 -5.94 -11.38
C SER A 38 8.48 -5.19 -11.97
N LYS A 39 8.35 -3.88 -12.09
CA LYS A 39 9.40 -3.03 -12.63
C LYS A 39 10.44 -2.70 -11.57
N ALA A 40 10.13 -3.04 -10.32
CA ALA A 40 11.04 -2.77 -9.20
C ALA A 40 12.10 -3.86 -9.10
N GLY A 41 11.72 -5.08 -9.42
CA GLY A 41 12.65 -6.20 -9.35
C GLY A 41 12.08 -7.40 -8.63
N LEU A 42 12.87 -7.99 -7.74
CA LEU A 42 12.43 -9.17 -6.99
C LEU A 42 12.53 -8.91 -5.49
N ALA A 43 12.53 -7.63 -5.11
CA ALA A 43 12.62 -7.26 -3.70
C ALA A 43 11.26 -7.40 -3.01
N PRO A 44 11.29 -7.67 -1.70
CA PRO A 44 10.08 -7.83 -0.89
C PRO A 44 9.32 -6.51 -0.72
N LEU A 45 8.08 -6.61 -0.25
CA LEU A 45 7.25 -5.44 -0.03
C LEU A 45 6.74 -5.37 1.41
N GLU A 46 6.82 -4.19 2.01
CA GLU A 46 6.38 -4.00 3.38
C GLU A 46 5.26 -2.97 3.46
N VAL A 47 4.34 -3.16 4.40
CA VAL A 47 3.23 -2.25 4.58
C VAL A 47 2.98 -1.96 6.06
N ARG A 48 2.47 -0.76 6.34
CA ARG A 48 2.19 -0.36 7.71
C ARG A 48 1.08 0.69 7.76
N VAL A 49 0.12 0.48 8.66
CA VAL A 49 -1.00 1.41 8.79
C VAL A 49 -0.94 2.13 10.13
N LEU A 50 -1.03 3.46 10.10
CA LEU A 50 -0.99 4.27 11.31
C LEU A 50 -2.22 5.16 11.41
N GLY A 51 -2.91 5.09 12.55
CA GLY A 51 -4.10 5.90 12.74
C GLY A 51 -3.77 7.37 12.96
N PRO A 52 -4.81 8.19 13.15
CA PRO A 52 -4.65 9.63 13.37
C PRO A 52 -4.04 9.94 14.73
N ARG A 53 -4.42 9.17 15.74
CA ARG A 53 -3.92 9.36 17.10
C ARG A 53 -2.61 8.60 17.30
N GLY A 54 -2.48 7.46 16.60
CA GLY A 54 -1.28 6.66 16.73
C GLY A 54 -1.59 5.19 16.87
N LEU A 55 -2.70 4.76 16.27
CA LEU A 55 -3.10 3.36 16.34
C LEU A 55 -2.36 2.52 15.30
N VAL A 56 -2.09 1.26 15.63
CA VAL A 56 -1.39 0.36 14.73
C VAL A 56 -2.32 -0.73 14.21
N GLU A 57 -2.72 -0.59 12.94
CA GLU A 57 -3.61 -1.56 12.32
C GLU A 57 -2.82 -2.60 11.52
N PRO A 58 -3.30 -3.85 11.52
CA PRO A 58 -2.66 -4.94 10.80
C PRO A 58 -2.77 -4.79 9.28
N VAL A 59 -2.01 -5.60 8.55
CA VAL A 59 -2.03 -5.56 7.10
C VAL A 59 -1.90 -6.96 6.50
N ASN A 60 -2.17 -7.08 5.21
CA ASN A 60 -2.08 -8.36 4.51
C ASN A 60 -1.15 -8.27 3.32
N VAL A 61 -0.38 -9.32 3.09
CA VAL A 61 0.56 -9.37 1.97
C VAL A 61 0.44 -10.69 1.21
N VAL A 62 -0.07 -10.62 -0.02
CA VAL A 62 -0.23 -11.80 -0.85
C VAL A 62 0.15 -11.51 -2.29
N ASP A 63 1.21 -12.17 -2.76
CA ASP A 63 1.68 -11.99 -4.13
C ASP A 63 0.73 -12.64 -5.12
N ASN A 64 0.50 -11.95 -6.25
CA ASN A 64 -0.39 -12.47 -7.28
C ASN A 64 0.29 -13.55 -8.11
N GLY A 65 1.56 -13.30 -8.47
CA GLY A 65 2.30 -14.27 -9.25
C GLY A 65 2.68 -13.73 -10.63
N ASP A 66 1.95 -12.71 -11.07
CA ASP A 66 2.21 -12.10 -12.37
C ASP A 66 3.19 -10.95 -12.25
N GLY A 67 3.02 -10.13 -11.22
CA GLY A 67 3.90 -9.00 -11.00
C GLY A 67 3.28 -7.95 -10.10
N THR A 68 2.48 -8.40 -9.14
CA THR A 68 1.83 -7.49 -8.20
C THR A 68 1.63 -8.15 -6.85
N HIS A 69 1.08 -7.39 -5.90
CA HIS A 69 0.83 -7.91 -4.56
C HIS A 69 -0.41 -7.26 -3.95
N THR A 70 -1.36 -8.10 -3.53
CA THR A 70 -2.60 -7.61 -2.94
C THR A 70 -2.42 -7.33 -1.45
N VAL A 71 -3.03 -6.24 -0.98
CA VAL A 71 -2.94 -5.86 0.42
C VAL A 71 -4.32 -5.55 0.99
N THR A 72 -4.85 -6.49 1.78
CA THR A 72 -6.16 -6.33 2.39
C THR A 72 -6.04 -5.73 3.79
N TYR A 73 -6.95 -4.82 4.12
CA TYR A 73 -6.94 -4.17 5.43
C TYR A 73 -8.30 -3.55 5.73
N THR A 74 -8.49 -3.14 6.98
CA THR A 74 -9.74 -2.54 7.41
C THR A 74 -9.51 -1.48 8.48
N PRO A 75 -9.83 -0.22 8.15
CA PRO A 75 -9.66 0.91 9.07
C PRO A 75 -10.65 0.86 10.23
N SER A 76 -10.19 0.37 11.37
CA SER A 76 -11.03 0.27 12.56
C SER A 76 -12.00 1.44 12.64
N GLN A 77 -11.46 2.65 12.58
CA GLN A 77 -12.27 3.86 12.65
C GLN A 77 -11.94 4.81 11.50
N GLU A 78 -12.66 5.92 11.44
CA GLU A 78 -12.44 6.91 10.37
C GLU A 78 -11.37 7.91 10.78
N GLY A 79 -10.89 8.69 9.82
CA GLY A 79 -9.88 9.68 10.10
C GLY A 79 -8.69 9.59 9.15
N PRO A 80 -7.77 10.55 9.24
CA PRO A 80 -6.59 10.60 8.39
C PRO A 80 -5.59 9.49 8.71
N TYR A 81 -5.71 8.37 8.01
CA TYR A 81 -4.83 7.23 8.24
C TYR A 81 -3.63 7.29 7.30
N MET A 82 -2.52 6.71 7.74
CA MET A 82 -1.29 6.69 6.94
C MET A 82 -0.86 5.26 6.65
N VAL A 83 -0.59 4.98 5.37
CA VAL A 83 -0.18 3.66 4.95
C VAL A 83 1.26 3.67 4.43
N SER A 84 2.20 3.34 5.31
CA SER A 84 3.61 3.32 4.93
C SER A 84 3.96 2.05 4.18
N VAL A 85 4.78 2.19 3.13
CA VAL A 85 5.18 1.06 2.32
C VAL A 85 6.68 1.12 2.00
N LYS A 86 7.35 0.00 2.15
CA LYS A 86 8.78 -0.08 1.87
C LYS A 86 9.08 -1.17 0.84
N TYR A 87 10.31 -1.16 0.31
CA TYR A 87 10.71 -2.14 -0.69
C TYR A 87 12.22 -2.33 -0.67
N ALA A 88 12.66 -3.46 -0.13
CA ALA A 88 14.09 -3.77 -0.05
C ALA A 88 14.82 -2.78 0.85
N ASP A 89 14.21 -2.46 1.99
CA ASP A 89 14.80 -1.53 2.94
C ASP A 89 14.94 -0.14 2.32
N GLU A 90 13.99 0.21 1.45
CA GLU A 90 14.01 1.51 0.80
C GLU A 90 12.59 2.05 0.63
N GLU A 91 12.25 3.04 1.46
CA GLU A 91 10.92 3.64 1.41
C GLU A 91 10.64 4.20 0.02
N ILE A 92 9.68 3.57 -0.68
CA ILE A 92 9.31 4.01 -2.02
C ILE A 92 9.06 5.51 -2.06
N PRO A 93 9.26 6.10 -3.25
CA PRO A 93 9.06 7.55 -3.44
C PRO A 93 7.58 7.93 -3.40
N ARG A 94 6.72 6.96 -3.09
CA ARG A 94 5.29 7.20 -3.01
C ARG A 94 4.78 6.98 -1.59
N SER A 95 5.68 6.60 -0.70
CA SER A 95 5.33 6.36 0.69
C SER A 95 5.98 7.39 1.60
N PRO A 96 5.35 7.64 2.77
CA PRO A 96 4.11 6.96 3.15
C PRO A 96 2.93 7.41 2.30
N PHE A 97 1.76 6.81 2.55
CA PHE A 97 0.55 7.15 1.81
C PHE A 97 -0.50 7.75 2.73
N LYS A 98 -1.21 8.75 2.23
CA LYS A 98 -2.26 9.41 3.00
C LYS A 98 -3.64 8.90 2.60
N VAL A 99 -4.28 8.17 3.51
CA VAL A 99 -5.61 7.63 3.25
C VAL A 99 -6.62 8.12 4.29
N LYS A 100 -7.45 9.08 3.88
CA LYS A 100 -8.46 9.64 4.76
C LYS A 100 -9.70 8.74 4.81
N VAL A 101 -9.83 7.99 5.91
CA VAL A 101 -10.97 7.10 6.07
C VAL A 101 -12.25 7.88 6.37
N LEU A 102 -13.36 7.40 5.83
CA LEU A 102 -14.65 8.06 6.02
C LEU A 102 -15.57 7.19 6.88
N PRO A 103 -16.54 7.84 7.55
CA PRO A 103 -17.51 7.15 8.42
C PRO A 103 -18.49 6.30 7.62
N THR A 104 -18.54 5.01 7.94
CA THR A 104 -19.44 4.10 7.25
C THR A 104 -20.79 4.75 6.96
N TYR A 105 -21.14 5.75 7.77
CA TYR A 105 -22.40 6.46 7.59
C TYR A 105 -22.19 7.77 6.84
N ASP A 106 -23.16 8.12 6.00
CA ASP A 106 -23.08 9.35 5.22
C ASP A 106 -24.44 9.71 4.65
N ALA A 107 -25.00 10.83 5.12
CA ALA A 107 -26.30 11.29 4.65
C ALA A 107 -26.15 12.47 3.71
N SER A 108 -25.19 12.38 2.80
CA SER A 108 -24.95 13.45 1.83
C SER A 108 -25.83 13.28 0.60
N GLY A 1 26.29 6.24 -17.98
CA GLY A 1 25.73 5.19 -17.16
C GLY A 1 25.89 3.82 -17.77
N SER A 2 25.50 2.78 -17.02
CA SER A 2 25.61 1.41 -17.50
C SER A 2 24.78 1.20 -18.77
N SER A 3 25.22 0.27 -19.60
CA SER A 3 24.52 -0.02 -20.85
C SER A 3 23.72 -1.32 -20.74
N GLY A 4 23.05 -1.49 -19.61
CA GLY A 4 22.26 -2.69 -19.39
C GLY A 4 22.95 -3.69 -18.49
N SER A 5 22.28 -4.05 -17.39
CA SER A 5 22.85 -5.01 -16.45
C SER A 5 21.79 -6.01 -16.00
N SER A 6 22.22 -7.01 -15.25
CA SER A 6 21.31 -8.05 -14.76
C SER A 6 21.37 -8.15 -13.24
N GLY A 7 20.20 -8.12 -12.61
CA GLY A 7 20.13 -8.20 -11.17
C GLY A 7 20.17 -6.83 -10.50
N VAL A 8 19.18 -6.00 -10.80
CA VAL A 8 19.11 -4.66 -10.23
C VAL A 8 17.76 -4.41 -9.57
N VAL A 9 17.77 -3.68 -8.46
CA VAL A 9 16.55 -3.37 -7.74
C VAL A 9 16.29 -1.86 -7.70
N ASP A 10 15.06 -1.47 -8.05
CA ASP A 10 14.70 -0.06 -8.06
C ASP A 10 13.38 0.16 -7.33
N PRO A 11 13.47 0.56 -6.05
CA PRO A 11 12.29 0.82 -5.21
C PRO A 11 11.51 2.06 -5.67
N SER A 12 12.03 2.73 -6.70
CA SER A 12 11.39 3.93 -7.21
C SER A 12 10.60 3.62 -8.48
N LYS A 13 10.38 2.33 -8.74
CA LYS A 13 9.64 1.90 -9.91
C LYS A 13 8.36 1.17 -9.51
N VAL A 14 8.23 0.89 -8.21
CA VAL A 14 7.05 0.19 -7.71
C VAL A 14 5.91 1.16 -7.45
N LYS A 15 4.72 0.80 -7.92
CA LYS A 15 3.53 1.63 -7.73
C LYS A 15 2.40 0.84 -7.11
N ILE A 16 1.35 1.54 -6.69
CA ILE A 16 0.20 0.90 -6.07
C ILE A 16 -1.09 1.62 -6.43
N ALA A 17 -2.11 0.85 -6.81
CA ALA A 17 -3.40 1.41 -7.18
C ALA A 17 -4.55 0.54 -6.68
N GLY A 18 -5.66 1.18 -6.31
CA GLY A 18 -6.81 0.44 -5.82
C GLY A 18 -7.75 1.32 -5.03
N PRO A 19 -8.93 0.76 -4.67
CA PRO A 19 -9.94 1.48 -3.90
C PRO A 19 -9.51 1.72 -2.45
N GLY A 20 -8.75 0.78 -1.90
CA GLY A 20 -8.29 0.92 -0.53
C GLY A 20 -7.48 2.19 -0.32
N LEU A 21 -6.63 2.52 -1.27
CA LEU A 21 -5.80 3.72 -1.18
C LEU A 21 -6.59 4.96 -1.58
N GLY A 22 -7.60 4.75 -2.43
CA GLY A 22 -8.41 5.87 -2.88
C GLY A 22 -8.93 6.72 -1.73
N SER A 23 -9.63 7.79 -2.06
CA SER A 23 -10.17 8.70 -1.05
C SER A 23 -11.57 8.26 -0.62
N GLY A 24 -12.18 7.40 -1.44
CA GLY A 24 -13.52 6.92 -1.12
C GLY A 24 -13.50 5.72 -0.20
N VAL A 25 -12.72 5.81 0.88
CA VAL A 25 -12.62 4.72 1.83
C VAL A 25 -13.50 4.97 3.06
N ARG A 26 -14.11 3.91 3.57
CA ARG A 26 -14.98 4.03 4.74
C ARG A 26 -14.44 3.20 5.90
N ALA A 27 -14.74 3.63 7.12
CA ALA A 27 -14.28 2.93 8.31
C ALA A 27 -15.02 1.61 8.49
N ARG A 28 -14.37 0.65 9.14
CA ARG A 28 -14.97 -0.65 9.39
C ARG A 28 -15.42 -1.29 8.07
N VAL A 29 -14.61 -1.13 7.03
CA VAL A 29 -14.94 -1.69 5.72
C VAL A 29 -13.71 -2.38 5.11
N LEU A 30 -13.96 -3.47 4.39
CA LEU A 30 -12.89 -4.21 3.74
C LEU A 30 -12.23 -3.39 2.64
N GLN A 31 -10.97 -3.05 2.83
CA GLN A 31 -10.23 -2.27 1.84
C GLN A 31 -9.02 -3.03 1.34
N SER A 32 -8.91 -3.15 0.01
CA SER A 32 -7.79 -3.87 -0.61
C SER A 32 -7.33 -3.15 -1.88
N PHE A 33 -6.04 -3.28 -2.18
CA PHE A 33 -5.47 -2.64 -3.36
C PHE A 33 -4.43 -3.54 -4.00
N THR A 34 -3.89 -3.11 -5.13
CA THR A 34 -2.87 -3.87 -5.86
C THR A 34 -1.53 -3.15 -5.85
N VAL A 35 -0.46 -3.90 -5.62
CA VAL A 35 0.89 -3.34 -5.60
C VAL A 35 1.73 -3.88 -6.74
N ASP A 36 1.96 -3.06 -7.76
CA ASP A 36 2.76 -3.47 -8.91
C ASP A 36 4.24 -3.18 -8.67
N SER A 37 4.97 -4.21 -8.26
CA SER A 37 6.40 -4.07 -8.00
C SER A 37 7.22 -4.88 -8.98
N SER A 38 6.70 -5.04 -10.20
CA SER A 38 7.38 -5.81 -11.24
C SER A 38 8.52 -4.99 -11.84
N LYS A 39 8.32 -3.68 -11.95
CA LYS A 39 9.33 -2.79 -12.50
C LYS A 39 10.45 -2.54 -11.49
N ALA A 40 10.15 -2.74 -10.22
CA ALA A 40 11.13 -2.54 -9.16
C ALA A 40 12.15 -3.68 -9.13
N GLY A 41 11.67 -4.90 -9.31
CA GLY A 41 12.55 -6.05 -9.31
C GLY A 41 11.97 -7.23 -8.55
N LEU A 42 12.83 -8.01 -7.91
CA LEU A 42 12.39 -9.17 -7.15
C LEU A 42 12.50 -8.92 -5.65
N ALA A 43 12.62 -7.65 -5.27
CA ALA A 43 12.73 -7.27 -3.88
C ALA A 43 11.38 -7.37 -3.18
N PRO A 44 11.41 -7.64 -1.86
CA PRO A 44 10.21 -7.77 -1.05
C PRO A 44 9.49 -6.43 -0.85
N LEU A 45 8.26 -6.50 -0.35
CA LEU A 45 7.47 -5.29 -0.12
C LEU A 45 6.97 -5.23 1.32
N GLU A 46 7.01 -4.04 1.90
CA GLU A 46 6.56 -3.84 3.28
C GLU A 46 5.36 -2.91 3.34
N VAL A 47 4.47 -3.15 4.30
CA VAL A 47 3.27 -2.34 4.45
C VAL A 47 2.99 -2.09 5.93
N ARG A 48 2.69 -0.84 6.26
CA ARG A 48 2.38 -0.45 7.64
C ARG A 48 1.25 0.57 7.69
N VAL A 49 0.37 0.41 8.68
CA VAL A 49 -0.76 1.32 8.84
C VAL A 49 -0.75 1.97 10.22
N LEU A 50 -0.84 3.29 10.24
CA LEU A 50 -0.84 4.04 11.49
C LEU A 50 -2.07 4.94 11.59
N GLY A 51 -2.83 4.78 12.65
CA GLY A 51 -4.02 5.59 12.85
C GLY A 51 -3.69 7.04 13.15
N PRO A 52 -4.71 7.91 13.09
CA PRO A 52 -4.55 9.34 13.36
C PRO A 52 -4.27 9.62 14.83
N ARG A 53 -5.06 9.03 15.70
CA ARG A 53 -4.90 9.21 17.15
C ARG A 53 -3.63 8.51 17.64
N GLY A 54 -3.37 7.33 17.09
CA GLY A 54 -2.20 6.57 17.50
C GLY A 54 -2.47 5.08 17.61
N LEU A 55 -3.33 4.58 16.73
CA LEU A 55 -3.69 3.16 16.73
C LEU A 55 -2.81 2.39 15.75
N VAL A 56 -2.56 1.12 16.07
CA VAL A 56 -1.74 0.27 15.20
C VAL A 56 -2.56 -0.89 14.64
N GLU A 57 -2.71 -0.91 13.32
CA GLU A 57 -3.47 -1.97 12.66
C GLU A 57 -2.57 -2.80 11.75
N PRO A 58 -2.77 -4.13 11.76
CA PRO A 58 -2.00 -5.06 10.95
C PRO A 58 -2.29 -4.92 9.46
N VAL A 59 -1.54 -5.66 8.65
CA VAL A 59 -1.73 -5.62 7.20
C VAL A 59 -1.60 -7.01 6.59
N ASN A 60 -2.10 -7.17 5.37
CA ASN A 60 -2.04 -8.45 4.67
C ASN A 60 -1.21 -8.33 3.40
N VAL A 61 -0.37 -9.34 3.14
CA VAL A 61 0.47 -9.36 1.95
C VAL A 61 0.37 -10.70 1.23
N VAL A 62 -0.07 -10.65 -0.03
CA VAL A 62 -0.21 -11.86 -0.83
C VAL A 62 0.27 -11.63 -2.26
N ASP A 63 1.18 -12.47 -2.72
CA ASP A 63 1.71 -12.36 -4.07
C ASP A 63 0.74 -12.93 -5.09
N ASN A 64 0.51 -12.20 -6.17
CA ASN A 64 -0.40 -12.63 -7.22
C ASN A 64 0.24 -13.72 -8.08
N GLY A 65 1.49 -13.49 -8.48
CA GLY A 65 2.19 -14.45 -9.30
C GLY A 65 2.54 -13.91 -10.67
N ASP A 66 1.80 -12.91 -11.11
CA ASP A 66 2.05 -12.30 -12.41
C ASP A 66 3.05 -11.15 -12.30
N GLY A 67 2.88 -10.32 -11.28
CA GLY A 67 3.79 -9.21 -11.08
C GLY A 67 3.21 -8.15 -10.16
N THR A 68 2.42 -8.58 -9.19
CA THR A 68 1.79 -7.66 -8.25
C THR A 68 1.57 -8.32 -6.89
N HIS A 69 1.04 -7.55 -5.93
CA HIS A 69 0.78 -8.07 -4.60
C HIS A 69 -0.47 -7.42 -4.01
N THR A 70 -1.41 -8.25 -3.56
CA THR A 70 -2.65 -7.76 -2.97
C THR A 70 -2.48 -7.48 -1.48
N VAL A 71 -3.10 -6.41 -1.00
CA VAL A 71 -3.03 -6.03 0.40
C VAL A 71 -4.40 -5.73 0.97
N THR A 72 -4.90 -6.63 1.82
CA THR A 72 -6.21 -6.46 2.43
C THR A 72 -6.08 -5.86 3.83
N TYR A 73 -7.03 -4.99 4.18
CA TYR A 73 -7.02 -4.35 5.49
C TYR A 73 -8.40 -3.76 5.82
N THR A 74 -8.53 -3.23 7.03
CA THR A 74 -9.79 -2.64 7.46
C THR A 74 -9.56 -1.51 8.47
N PRO A 75 -9.89 -0.28 8.06
CA PRO A 75 -9.73 0.90 8.91
C PRO A 75 -10.70 0.91 10.10
N SER A 76 -10.28 0.31 11.20
CA SER A 76 -11.11 0.24 12.40
C SER A 76 -11.93 1.52 12.56
N GLN A 77 -11.25 2.66 12.54
CA GLN A 77 -11.92 3.94 12.68
C GLN A 77 -11.63 4.84 11.49
N GLU A 78 -12.40 5.92 11.37
CA GLU A 78 -12.22 6.86 10.27
C GLU A 78 -11.22 7.95 10.64
N GLY A 79 -10.77 8.70 9.63
CA GLY A 79 -9.81 9.77 9.86
C GLY A 79 -8.62 9.69 8.93
N PRO A 80 -7.68 10.64 9.08
CA PRO A 80 -6.48 10.70 8.24
C PRO A 80 -5.51 9.57 8.56
N TYR A 81 -5.71 8.43 7.90
CA TYR A 81 -4.85 7.28 8.10
C TYR A 81 -3.52 7.44 7.37
N MET A 82 -2.59 6.53 7.62
CA MET A 82 -1.28 6.57 6.99
C MET A 82 -0.78 5.16 6.68
N VAL A 83 -0.67 4.85 5.39
CA VAL A 83 -0.20 3.54 4.97
C VAL A 83 1.20 3.62 4.36
N SER A 84 2.21 3.36 5.18
CA SER A 84 3.59 3.41 4.72
C SER A 84 3.97 2.12 4.00
N VAL A 85 4.82 2.25 2.98
CA VAL A 85 5.27 1.10 2.20
C VAL A 85 6.76 1.20 1.88
N LYS A 86 7.45 0.07 1.99
CA LYS A 86 8.89 0.03 1.70
C LYS A 86 9.21 -1.05 0.68
N TYR A 87 10.44 -1.05 0.19
CA TYR A 87 10.87 -2.03 -0.80
C TYR A 87 12.38 -2.24 -0.75
N ALA A 88 12.81 -3.41 -0.29
CA ALA A 88 14.22 -3.73 -0.20
C ALA A 88 14.93 -2.77 0.76
N ASP A 89 14.27 -2.44 1.86
CA ASP A 89 14.83 -1.55 2.86
C ASP A 89 15.01 -0.14 2.28
N GLU A 90 14.08 0.26 1.42
CA GLU A 90 14.13 1.58 0.80
C GLU A 90 12.73 2.14 0.61
N GLU A 91 12.36 3.11 1.44
CA GLU A 91 11.05 3.73 1.35
C GLU A 91 10.78 4.25 -0.05
N ILE A 92 9.75 3.71 -0.69
CA ILE A 92 9.39 4.12 -2.04
C ILE A 92 9.11 5.62 -2.10
N PRO A 93 9.31 6.21 -3.30
CA PRO A 93 9.09 7.64 -3.52
C PRO A 93 7.60 8.01 -3.48
N ARG A 94 6.77 7.03 -3.15
CA ARG A 94 5.33 7.24 -3.07
C ARG A 94 4.81 6.99 -1.66
N SER A 95 5.73 6.75 -0.73
CA SER A 95 5.36 6.49 0.66
C SER A 95 5.98 7.52 1.59
N PRO A 96 5.35 7.74 2.74
CA PRO A 96 4.12 7.03 3.11
C PRO A 96 2.93 7.45 2.26
N PHE A 97 1.78 6.83 2.52
CA PHE A 97 0.56 7.13 1.77
C PHE A 97 -0.50 7.74 2.68
N LYS A 98 -1.01 8.91 2.29
CA LYS A 98 -2.03 9.60 3.07
C LYS A 98 -3.42 9.17 2.63
N VAL A 99 -4.10 8.39 3.46
CA VAL A 99 -5.45 7.91 3.16
C VAL A 99 -6.44 8.42 4.18
N LYS A 100 -7.28 9.37 3.77
CA LYS A 100 -8.30 9.94 4.66
C LYS A 100 -9.56 9.08 4.67
N VAL A 101 -9.67 8.21 5.68
CA VAL A 101 -10.82 7.34 5.80
C VAL A 101 -12.08 8.13 6.15
N LEU A 102 -13.23 7.66 5.66
CA LEU A 102 -14.49 8.33 5.92
C LEU A 102 -15.39 7.47 6.81
N PRO A 103 -16.32 8.12 7.52
CA PRO A 103 -17.26 7.44 8.42
C PRO A 103 -18.28 6.60 7.66
N THR A 104 -18.34 5.32 7.99
CA THR A 104 -19.27 4.41 7.35
C THR A 104 -20.58 5.11 7.00
N TYR A 105 -20.97 6.07 7.84
CA TYR A 105 -22.20 6.82 7.63
C TYR A 105 -21.91 8.18 7.00
N ASP A 106 -22.70 8.55 6.00
CA ASP A 106 -22.53 9.83 5.32
C ASP A 106 -23.73 10.75 5.58
N ALA A 107 -24.62 10.31 6.47
CA ALA A 107 -25.80 11.09 6.80
C ALA A 107 -26.42 11.71 5.55
N SER A 108 -26.47 10.93 4.48
CA SER A 108 -27.04 11.41 3.22
C SER A 108 -28.07 10.42 2.68
N GLY A 1 10.92 3.34 -22.45
CA GLY A 1 12.34 3.11 -22.29
C GLY A 1 12.80 1.83 -22.95
N SER A 2 13.63 1.06 -22.24
CA SER A 2 14.14 -0.20 -22.77
C SER A 2 13.72 -1.37 -21.89
N SER A 3 14.06 -2.58 -22.32
CA SER A 3 13.71 -3.79 -21.58
C SER A 3 14.73 -4.89 -21.83
N GLY A 4 14.74 -5.88 -20.95
CA GLY A 4 15.68 -6.99 -21.08
C GLY A 4 15.92 -7.71 -19.78
N SER A 5 17.13 -8.24 -19.61
CA SER A 5 17.49 -8.96 -18.39
C SER A 5 17.51 -8.02 -17.20
N SER A 6 16.51 -8.15 -16.33
CA SER A 6 16.40 -7.32 -15.14
C SER A 6 17.02 -8.00 -13.93
N GLY A 7 17.58 -7.21 -13.02
CA GLY A 7 18.20 -7.77 -11.83
C GLY A 7 18.19 -6.79 -10.67
N VAL A 8 19.05 -5.78 -10.73
CA VAL A 8 19.13 -4.79 -9.68
C VAL A 8 17.75 -4.45 -9.12
N VAL A 9 17.72 -4.04 -7.86
CA VAL A 9 16.45 -3.68 -7.21
C VAL A 9 16.21 -2.18 -7.28
N ASP A 10 14.99 -1.80 -7.70
CA ASP A 10 14.64 -0.40 -7.81
C ASP A 10 13.30 -0.13 -7.12
N PRO A 11 13.36 0.33 -5.86
CA PRO A 11 12.17 0.63 -5.07
C PRO A 11 11.43 1.86 -5.59
N SER A 12 11.91 2.43 -6.69
CA SER A 12 11.31 3.61 -7.28
C SER A 12 10.48 3.24 -8.51
N LYS A 13 10.47 1.95 -8.83
CA LYS A 13 9.71 1.46 -9.98
C LYS A 13 8.42 0.77 -9.54
N VAL A 14 8.28 0.57 -8.23
CA VAL A 14 7.10 -0.07 -7.68
C VAL A 14 5.98 0.94 -7.44
N LYS A 15 4.79 0.65 -7.96
CA LYS A 15 3.65 1.53 -7.79
C LYS A 15 2.45 0.78 -7.23
N ILE A 16 1.41 1.51 -6.87
CA ILE A 16 0.21 0.91 -6.31
C ILE A 16 -1.04 1.65 -6.78
N ALA A 17 -2.06 0.89 -7.17
CA ALA A 17 -3.32 1.48 -7.64
C ALA A 17 -4.52 0.66 -7.18
N GLY A 18 -5.46 1.32 -6.52
CA GLY A 18 -6.64 0.63 -6.03
C GLY A 18 -7.53 1.53 -5.20
N PRO A 19 -8.73 1.03 -4.86
CA PRO A 19 -9.70 1.78 -4.06
C PRO A 19 -9.25 1.95 -2.61
N GLY A 20 -8.53 0.95 -2.10
CA GLY A 20 -8.04 1.01 -0.73
C GLY A 20 -7.22 2.25 -0.45
N LEU A 21 -6.45 2.67 -1.45
CA LEU A 21 -5.61 3.85 -1.31
C LEU A 21 -6.39 5.12 -1.67
N GLY A 22 -7.53 4.95 -2.33
CA GLY A 22 -8.34 6.08 -2.72
C GLY A 22 -8.81 6.89 -1.53
N SER A 23 -9.55 7.96 -1.80
CA SER A 23 -10.07 8.83 -0.74
C SER A 23 -11.46 8.40 -0.32
N GLY A 24 -12.07 7.51 -1.10
CA GLY A 24 -13.40 7.03 -0.80
C GLY A 24 -13.39 5.81 0.10
N VAL A 25 -12.57 5.85 1.15
CA VAL A 25 -12.48 4.74 2.09
C VAL A 25 -13.38 4.95 3.30
N ARG A 26 -13.98 3.87 3.77
CA ARG A 26 -14.88 3.93 4.91
C ARG A 26 -14.35 3.08 6.07
N ALA A 27 -14.72 3.44 7.29
CA ALA A 27 -14.29 2.71 8.47
C ALA A 27 -14.99 1.37 8.57
N ARG A 28 -14.28 0.37 9.09
CA ARG A 28 -14.84 -0.97 9.24
C ARG A 28 -15.28 -1.53 7.89
N VAL A 29 -14.45 -1.32 6.87
CA VAL A 29 -14.76 -1.81 5.53
C VAL A 29 -13.54 -2.48 4.90
N LEU A 30 -13.80 -3.48 4.06
CA LEU A 30 -12.72 -4.20 3.39
C LEU A 30 -12.05 -3.33 2.34
N GLN A 31 -10.79 -2.98 2.60
CA GLN A 31 -10.02 -2.16 1.67
C GLN A 31 -8.82 -2.91 1.13
N SER A 32 -8.67 -2.91 -0.19
CA SER A 32 -7.56 -3.60 -0.83
C SER A 32 -7.15 -2.89 -2.12
N PHE A 33 -5.93 -3.17 -2.58
CA PHE A 33 -5.42 -2.56 -3.80
C PHE A 33 -4.41 -3.48 -4.48
N THR A 34 -3.81 -2.98 -5.56
CA THR A 34 -2.82 -3.76 -6.31
C THR A 34 -1.46 -3.07 -6.29
N VAL A 35 -0.43 -3.82 -5.94
CA VAL A 35 0.93 -3.29 -5.88
C VAL A 35 1.79 -3.87 -6.99
N ASP A 36 2.10 -3.04 -7.99
CA ASP A 36 2.92 -3.47 -9.11
C ASP A 36 4.40 -3.24 -8.82
N SER A 37 5.10 -4.33 -8.52
CA SER A 37 6.52 -4.26 -8.21
C SER A 37 7.33 -5.15 -9.15
N SER A 38 6.80 -5.38 -10.34
CA SER A 38 7.46 -6.21 -11.34
C SER A 38 8.73 -5.54 -11.86
N LYS A 39 8.67 -4.23 -12.01
CA LYS A 39 9.80 -3.46 -12.51
C LYS A 39 10.80 -3.18 -11.38
N ALA A 40 10.33 -3.28 -10.14
CA ALA A 40 11.17 -3.04 -8.98
C ALA A 40 12.20 -4.15 -8.81
N GLY A 41 11.79 -5.38 -9.11
CA GLY A 41 12.69 -6.51 -8.98
C GLY A 41 12.07 -7.67 -8.22
N LEU A 42 12.88 -8.36 -7.42
CA LEU A 42 12.40 -9.49 -6.64
C LEU A 42 12.45 -9.18 -5.15
N ALA A 43 12.52 -7.90 -4.82
CA ALA A 43 12.57 -7.47 -3.42
C ALA A 43 11.19 -7.55 -2.77
N PRO A 44 11.17 -7.76 -1.45
CA PRO A 44 9.93 -7.86 -0.68
C PRO A 44 9.20 -6.52 -0.57
N LEU A 45 7.95 -6.56 -0.13
CA LEU A 45 7.16 -5.34 0.02
C LEU A 45 6.56 -5.26 1.42
N GLU A 46 6.73 -4.10 2.05
CA GLU A 46 6.20 -3.88 3.40
C GLU A 46 5.18 -2.76 3.41
N VAL A 47 4.15 -2.91 4.24
CA VAL A 47 3.10 -1.90 4.35
C VAL A 47 2.71 -1.67 5.81
N ARG A 48 2.79 -0.41 6.24
CA ARG A 48 2.45 -0.05 7.61
C ARG A 48 1.23 0.85 7.65
N VAL A 49 0.44 0.75 8.71
CA VAL A 49 -0.76 1.57 8.87
C VAL A 49 -0.72 2.36 10.16
N LEU A 50 -0.78 3.68 10.05
CA LEU A 50 -0.75 4.56 11.21
C LEU A 50 -2.16 4.96 11.63
N GLY A 51 -2.27 5.68 12.75
CA GLY A 51 -3.56 6.11 13.23
C GLY A 51 -3.56 7.56 13.67
N PRO A 52 -4.75 8.17 13.73
CA PRO A 52 -4.91 9.57 14.14
C PRO A 52 -4.62 9.78 15.62
N ARG A 53 -5.10 8.85 16.45
CA ARG A 53 -4.89 8.95 17.88
C ARG A 53 -3.59 8.25 18.29
N GLY A 54 -3.05 7.45 17.38
CA GLY A 54 -1.81 6.74 17.66
C GLY A 54 -2.01 5.23 17.70
N LEU A 55 -2.88 4.73 16.83
CA LEU A 55 -3.16 3.30 16.78
C LEU A 55 -2.40 2.63 15.64
N VAL A 56 -2.00 1.38 15.83
CA VAL A 56 -1.27 0.64 14.82
C VAL A 56 -2.06 -0.57 14.35
N GLU A 57 -2.29 -0.65 13.04
CA GLU A 57 -3.05 -1.75 12.46
C GLU A 57 -2.18 -2.55 11.50
N PRO A 58 -2.32 -3.88 11.52
CA PRO A 58 -1.56 -4.79 10.66
C PRO A 58 -1.98 -4.67 9.19
N VAL A 59 -1.29 -5.41 8.33
CA VAL A 59 -1.59 -5.40 6.90
C VAL A 59 -1.40 -6.78 6.29
N ASN A 60 -2.02 -7.00 5.13
CA ASN A 60 -1.91 -8.27 4.43
C ASN A 60 -1.01 -8.15 3.20
N VAL A 61 -0.16 -9.15 3.00
CA VAL A 61 0.75 -9.16 1.85
C VAL A 61 0.72 -10.51 1.14
N VAL A 62 0.21 -10.51 -0.09
CA VAL A 62 0.14 -11.73 -0.89
C VAL A 62 0.47 -11.45 -2.35
N ASP A 63 1.43 -12.20 -2.88
CA ASP A 63 1.85 -12.04 -4.27
C ASP A 63 0.83 -12.65 -5.21
N ASN A 64 0.61 -11.99 -6.35
CA ASN A 64 -0.34 -12.47 -7.35
C ASN A 64 0.26 -13.59 -8.19
N GLY A 65 1.52 -13.40 -8.60
CA GLY A 65 2.19 -14.40 -9.41
C GLY A 65 2.52 -13.90 -10.80
N ASP A 66 1.82 -12.86 -11.22
CA ASP A 66 2.05 -12.27 -12.55
C ASP A 66 3.05 -11.12 -12.47
N GLY A 67 2.94 -10.32 -11.41
CA GLY A 67 3.84 -9.20 -11.24
C GLY A 67 3.26 -8.12 -10.35
N THR A 68 2.49 -8.54 -9.34
CA THR A 68 1.87 -7.61 -8.41
C THR A 68 1.66 -8.26 -7.04
N HIS A 69 1.16 -7.47 -6.09
CA HIS A 69 0.91 -7.97 -4.74
C HIS A 69 -0.35 -7.36 -4.16
N THR A 70 -1.23 -8.21 -3.65
CA THR A 70 -2.49 -7.74 -3.07
C THR A 70 -2.31 -7.38 -1.59
N VAL A 71 -2.91 -6.26 -1.19
CA VAL A 71 -2.83 -5.81 0.20
C VAL A 71 -4.20 -5.49 0.76
N THR A 72 -4.73 -6.40 1.56
CA THR A 72 -6.05 -6.23 2.16
C THR A 72 -5.93 -5.65 3.57
N TYR A 73 -6.88 -4.80 3.93
CA TYR A 73 -6.89 -4.18 5.25
C TYR A 73 -8.25 -3.58 5.57
N THR A 74 -8.45 -3.20 6.83
CA THR A 74 -9.71 -2.60 7.26
C THR A 74 -9.48 -1.56 8.35
N PRO A 75 -9.81 -0.30 8.04
CA PRO A 75 -9.65 0.82 8.97
C PRO A 75 -10.63 0.74 10.14
N SER A 76 -10.20 0.13 11.23
CA SER A 76 -11.05 -0.01 12.42
C SER A 76 -11.95 1.21 12.59
N GLN A 77 -11.34 2.38 12.71
CA GLN A 77 -12.09 3.62 12.88
C GLN A 77 -11.78 4.60 11.75
N GLU A 78 -12.57 5.67 11.67
CA GLU A 78 -12.38 6.68 10.63
C GLU A 78 -11.37 7.74 11.09
N GLY A 79 -10.97 8.59 10.16
CA GLY A 79 -10.00 9.63 10.49
C GLY A 79 -8.83 9.66 9.52
N PRO A 80 -7.91 10.61 9.72
CA PRO A 80 -6.73 10.76 8.88
C PRO A 80 -5.73 9.62 9.07
N TYR A 81 -5.83 8.61 8.24
CA TYR A 81 -4.94 7.46 8.32
C TYR A 81 -3.75 7.62 7.37
N MET A 82 -2.79 6.72 7.48
CA MET A 82 -1.61 6.75 6.63
C MET A 82 -1.08 5.34 6.35
N VAL A 83 -1.05 4.96 5.08
CA VAL A 83 -0.57 3.64 4.69
C VAL A 83 0.83 3.72 4.08
N SER A 84 1.84 3.47 4.91
CA SER A 84 3.23 3.52 4.46
C SER A 84 3.59 2.24 3.69
N VAL A 85 4.53 2.37 2.75
CA VAL A 85 4.96 1.24 1.96
C VAL A 85 6.47 1.27 1.71
N LYS A 86 7.12 0.14 1.91
CA LYS A 86 8.56 0.05 1.71
C LYS A 86 8.91 -1.07 0.72
N TYR A 87 10.17 -1.11 0.30
CA TYR A 87 10.63 -2.12 -0.64
C TYR A 87 12.13 -2.32 -0.54
N ALA A 88 12.54 -3.49 -0.07
CA ALA A 88 13.96 -3.81 0.08
C ALA A 88 14.65 -2.83 1.02
N ASP A 89 13.93 -2.39 2.04
CA ASP A 89 14.47 -1.45 3.01
C ASP A 89 14.62 -0.06 2.40
N GLU A 90 13.73 0.26 1.45
CA GLU A 90 13.77 1.55 0.79
C GLU A 90 12.37 2.10 0.59
N GLU A 91 12.01 3.10 1.39
CA GLU A 91 10.69 3.72 1.30
C GLU A 91 10.42 4.24 -0.11
N ILE A 92 9.48 3.60 -0.80
CA ILE A 92 9.12 4.01 -2.15
C ILE A 92 8.86 5.51 -2.23
N PRO A 93 9.09 6.08 -3.43
CA PRO A 93 8.88 7.52 -3.66
C PRO A 93 7.40 7.90 -3.65
N ARG A 94 6.54 6.93 -3.34
CA ARG A 94 5.10 7.16 -3.30
C ARG A 94 4.58 6.99 -1.88
N SER A 95 5.47 6.64 -0.95
CA SER A 95 5.09 6.43 0.43
C SER A 95 5.72 7.49 1.34
N PRO A 96 5.08 7.76 2.48
CA PRO A 96 3.83 7.08 2.86
C PRO A 96 2.65 7.50 1.99
N PHE A 97 1.48 6.93 2.26
CA PHE A 97 0.28 7.24 1.50
C PHE A 97 -0.81 7.80 2.40
N LYS A 98 -1.23 9.02 2.13
CA LYS A 98 -2.27 9.68 2.91
C LYS A 98 -3.65 9.11 2.58
N VAL A 99 -4.28 8.47 3.57
CA VAL A 99 -5.59 7.89 3.37
C VAL A 99 -6.56 8.33 4.47
N LYS A 100 -7.43 9.28 4.13
CA LYS A 100 -8.40 9.80 5.09
C LYS A 100 -9.66 8.92 5.12
N VAL A 101 -9.75 8.08 6.14
CA VAL A 101 -10.91 7.19 6.29
C VAL A 101 -12.18 7.98 6.59
N LEU A 102 -13.31 7.47 6.10
CA LEU A 102 -14.59 8.13 6.32
C LEU A 102 -15.53 7.23 7.12
N PRO A 103 -16.49 7.85 7.83
CA PRO A 103 -17.47 7.12 8.64
C PRO A 103 -18.46 6.34 7.79
N THR A 104 -18.55 5.04 8.04
CA THR A 104 -19.46 4.18 7.29
C THR A 104 -20.80 4.87 7.04
N TYR A 105 -21.18 5.75 7.97
CA TYR A 105 -22.43 6.48 7.85
C TYR A 105 -22.18 7.95 7.52
N ASP A 106 -23.00 8.51 6.63
CA ASP A 106 -22.87 9.90 6.23
C ASP A 106 -24.01 10.74 6.80
N ALA A 107 -23.87 11.14 8.06
CA ALA A 107 -24.89 11.95 8.72
C ALA A 107 -24.87 13.39 8.21
N SER A 108 -25.60 13.62 7.12
CA SER A 108 -25.67 14.96 6.52
C SER A 108 -27.11 15.39 6.31
N GLY A 1 27.88 -2.82 -24.91
CA GLY A 1 27.24 -1.71 -25.57
C GLY A 1 26.16 -1.07 -24.72
N SER A 2 25.19 -1.87 -24.30
CA SER A 2 24.09 -1.37 -23.48
C SER A 2 23.43 -2.50 -22.70
N SER A 3 23.64 -2.51 -21.38
CA SER A 3 23.06 -3.54 -20.53
C SER A 3 21.58 -3.29 -20.29
N GLY A 4 20.80 -4.37 -20.28
CA GLY A 4 19.38 -4.25 -20.06
C GLY A 4 18.99 -4.44 -18.60
N SER A 5 19.15 -5.66 -18.10
CA SER A 5 18.81 -5.97 -16.71
C SER A 5 19.95 -6.75 -16.04
N SER A 6 20.84 -6.04 -15.39
CA SER A 6 21.97 -6.66 -14.70
C SER A 6 21.60 -7.04 -13.28
N GLY A 7 20.39 -7.57 -13.10
CA GLY A 7 19.94 -7.96 -11.79
C GLY A 7 20.04 -6.83 -10.77
N VAL A 8 19.33 -5.74 -11.05
CA VAL A 8 19.34 -4.58 -10.16
C VAL A 8 17.94 -4.29 -9.62
N VAL A 9 17.88 -3.78 -8.39
CA VAL A 9 16.61 -3.46 -7.76
C VAL A 9 16.35 -1.95 -7.79
N ASP A 10 15.12 -1.58 -8.12
CA ASP A 10 14.75 -0.17 -8.19
C ASP A 10 13.43 0.08 -7.44
N PRO A 11 13.54 0.52 -6.19
CA PRO A 11 12.37 0.80 -5.34
C PRO A 11 11.60 2.03 -5.81
N SER A 12 12.10 2.68 -6.86
CA SER A 12 11.46 3.87 -7.41
C SER A 12 10.67 3.52 -8.67
N LYS A 13 10.39 2.24 -8.86
CA LYS A 13 9.64 1.78 -10.02
C LYS A 13 8.36 1.06 -9.60
N VAL A 14 8.22 0.83 -8.30
CA VAL A 14 7.04 0.16 -7.76
C VAL A 14 5.90 1.14 -7.54
N LYS A 15 4.73 0.80 -8.07
CA LYS A 15 3.55 1.65 -7.93
C LYS A 15 2.39 0.87 -7.32
N ILE A 16 1.35 1.59 -6.91
CA ILE A 16 0.18 0.98 -6.30
C ILE A 16 -1.10 1.72 -6.70
N ALA A 17 -2.12 0.95 -7.07
CA ALA A 17 -3.40 1.53 -7.47
C ALA A 17 -4.56 0.68 -6.97
N GLY A 18 -5.53 1.33 -6.33
CA GLY A 18 -6.69 0.62 -5.82
C GLY A 18 -7.61 1.52 -5.01
N PRO A 19 -8.81 1.02 -4.70
CA PRO A 19 -9.81 1.76 -3.93
C PRO A 19 -9.39 1.95 -2.48
N GLY A 20 -8.67 0.98 -1.94
CA GLY A 20 -8.22 1.06 -0.55
C GLY A 20 -7.43 2.34 -0.28
N LEU A 21 -6.53 2.69 -1.19
CA LEU A 21 -5.72 3.89 -1.03
C LEU A 21 -6.52 5.14 -1.39
N GLY A 22 -7.52 4.97 -2.25
CA GLY A 22 -8.34 6.10 -2.65
C GLY A 22 -8.84 6.90 -1.47
N SER A 23 -9.47 8.03 -1.76
CA SER A 23 -10.00 8.90 -0.71
C SER A 23 -11.41 8.47 -0.30
N GLY A 24 -12.05 7.69 -1.16
CA GLY A 24 -13.39 7.21 -0.86
C GLY A 24 -13.38 5.98 0.04
N VAL A 25 -12.58 6.02 1.09
CA VAL A 25 -12.49 4.90 2.02
C VAL A 25 -13.40 5.11 3.22
N ARG A 26 -14.00 4.02 3.68
CA ARG A 26 -14.91 4.09 4.83
C ARG A 26 -14.38 3.25 5.99
N ALA A 27 -14.87 3.54 7.20
CA ALA A 27 -14.44 2.82 8.38
C ALA A 27 -15.13 1.46 8.48
N ARG A 28 -14.44 0.50 9.08
CA ARG A 28 -14.99 -0.85 9.23
C ARG A 28 -15.39 -1.43 7.88
N VAL A 29 -14.67 -1.03 6.83
CA VAL A 29 -14.95 -1.52 5.48
C VAL A 29 -13.74 -2.23 4.89
N LEU A 30 -13.99 -3.33 4.18
CA LEU A 30 -12.92 -4.10 3.56
C LEU A 30 -12.24 -3.29 2.46
N GLN A 31 -10.99 -2.91 2.71
CA GLN A 31 -10.22 -2.14 1.73
C GLN A 31 -9.05 -2.95 1.19
N SER A 32 -8.89 -2.93 -0.13
CA SER A 32 -7.81 -3.67 -0.78
C SER A 32 -7.31 -2.92 -2.01
N PHE A 33 -6.05 -3.17 -2.37
CA PHE A 33 -5.45 -2.53 -3.53
C PHE A 33 -4.43 -3.46 -4.19
N THR A 34 -3.79 -2.95 -5.25
CA THR A 34 -2.80 -3.73 -5.98
C THR A 34 -1.44 -3.01 -6.00
N VAL A 35 -0.39 -3.75 -5.68
CA VAL A 35 0.95 -3.18 -5.67
C VAL A 35 1.81 -3.77 -6.78
N ASP A 36 2.04 -2.99 -7.83
CA ASP A 36 2.85 -3.44 -8.95
C ASP A 36 4.33 -3.17 -8.70
N SER A 37 5.03 -4.21 -8.27
CA SER A 37 6.46 -4.09 -7.98
C SER A 37 7.28 -4.92 -8.96
N SER A 38 6.72 -5.16 -10.15
CA SER A 38 7.39 -5.94 -11.17
C SER A 38 8.54 -5.15 -11.78
N LYS A 39 8.34 -3.85 -11.96
CA LYS A 39 9.35 -2.98 -12.54
C LYS A 39 10.47 -2.71 -11.53
N ALA A 40 10.17 -2.90 -10.25
CA ALA A 40 11.15 -2.69 -9.20
C ALA A 40 12.19 -3.80 -9.17
N GLY A 41 11.73 -5.03 -9.40
CA GLY A 41 12.64 -6.17 -9.41
C GLY A 41 12.06 -7.36 -8.67
N LEU A 42 12.89 -8.01 -7.86
CA LEU A 42 12.46 -9.18 -7.09
C LEU A 42 12.57 -8.92 -5.59
N ALA A 43 12.63 -7.65 -5.22
CA ALA A 43 12.73 -7.27 -3.82
C ALA A 43 11.40 -7.41 -3.11
N PRO A 44 11.44 -7.67 -1.79
CA PRO A 44 10.24 -7.83 -0.97
C PRO A 44 9.50 -6.52 -0.78
N LEU A 45 8.26 -6.62 -0.28
CA LEU A 45 7.44 -5.44 -0.06
C LEU A 45 6.95 -5.37 1.39
N GLU A 46 7.05 -4.20 2.00
CA GLU A 46 6.62 -4.01 3.38
C GLU A 46 5.46 -3.03 3.46
N VAL A 47 4.56 -3.26 4.41
CA VAL A 47 3.40 -2.39 4.59
C VAL A 47 3.20 -2.06 6.07
N ARG A 48 2.69 -0.87 6.34
CA ARG A 48 2.44 -0.43 7.70
C ARG A 48 1.30 0.59 7.75
N VAL A 49 0.38 0.39 8.69
CA VAL A 49 -0.77 1.27 8.84
C VAL A 49 -0.75 1.96 10.20
N LEU A 50 -0.80 3.30 10.18
CA LEU A 50 -0.79 4.08 11.41
C LEU A 50 -2.00 4.99 11.49
N GLY A 51 -2.80 4.82 12.54
CA GLY A 51 -3.98 5.64 12.72
C GLY A 51 -3.66 7.11 12.87
N PRO A 52 -4.70 7.95 12.88
CA PRO A 52 -4.54 9.41 13.02
C PRO A 52 -4.07 9.81 14.40
N ARG A 53 -4.72 9.28 15.43
CA ARG A 53 -4.36 9.59 16.81
C ARG A 53 -3.04 8.93 17.19
N GLY A 54 -2.84 7.70 16.72
CA GLY A 54 -1.62 6.98 17.01
C GLY A 54 -1.85 5.51 17.26
N LEU A 55 -2.83 4.95 16.56
CA LEU A 55 -3.17 3.54 16.71
C LEU A 55 -2.39 2.69 15.70
N VAL A 56 -2.16 1.43 16.04
CA VAL A 56 -1.43 0.52 15.16
C VAL A 56 -2.34 -0.63 14.70
N GLU A 57 -2.36 -0.87 13.39
CA GLU A 57 -3.17 -1.93 12.82
C GLU A 57 -2.37 -2.76 11.83
N PRO A 58 -2.59 -4.08 11.84
CA PRO A 58 -1.90 -5.01 10.95
C PRO A 58 -2.34 -4.86 9.49
N VAL A 59 -1.63 -5.53 8.59
CA VAL A 59 -1.95 -5.47 7.17
C VAL A 59 -1.75 -6.83 6.51
N ASN A 60 -2.46 -7.05 5.41
CA ASN A 60 -2.37 -8.30 4.68
C ASN A 60 -1.47 -8.16 3.46
N VAL A 61 -0.63 -9.16 3.22
CA VAL A 61 0.28 -9.15 2.09
C VAL A 61 0.26 -10.48 1.35
N VAL A 62 -0.17 -10.45 0.10
CA VAL A 62 -0.24 -11.66 -0.72
C VAL A 62 0.24 -11.39 -2.14
N ASP A 63 1.14 -12.23 -2.62
CA ASP A 63 1.68 -12.09 -3.97
C ASP A 63 0.73 -12.70 -5.01
N ASN A 64 0.59 -12.03 -6.14
CA ASN A 64 -0.28 -12.50 -7.21
C ASN A 64 0.40 -13.59 -8.02
N GLY A 65 1.67 -13.37 -8.37
CA GLY A 65 2.41 -14.34 -9.15
C GLY A 65 2.82 -13.81 -10.51
N ASP A 66 2.09 -12.83 -11.01
CA ASP A 66 2.38 -12.24 -12.31
C ASP A 66 3.37 -11.08 -12.16
N GLY A 67 3.16 -10.26 -11.13
CA GLY A 67 4.04 -9.13 -10.90
C GLY A 67 3.41 -8.08 -10.02
N THR A 68 2.58 -8.52 -9.06
CA THR A 68 1.91 -7.60 -8.16
C THR A 68 1.68 -8.24 -6.79
N HIS A 69 1.11 -7.48 -5.86
CA HIS A 69 0.84 -7.98 -4.52
C HIS A 69 -0.44 -7.36 -3.96
N THR A 70 -1.38 -8.21 -3.58
CA THR A 70 -2.65 -7.75 -3.02
C THR A 70 -2.53 -7.48 -1.53
N VAL A 71 -3.11 -6.38 -1.08
CA VAL A 71 -3.07 -6.01 0.33
C VAL A 71 -4.47 -5.68 0.85
N THR A 72 -4.97 -6.51 1.74
CA THR A 72 -6.30 -6.32 2.31
C THR A 72 -6.21 -5.77 3.73
N TYR A 73 -7.18 -4.94 4.11
CA TYR A 73 -7.20 -4.35 5.44
C TYR A 73 -8.56 -3.73 5.74
N THR A 74 -8.71 -3.21 6.95
CA THR A 74 -9.97 -2.58 7.36
C THR A 74 -9.74 -1.55 8.46
N PRO A 75 -9.98 -0.27 8.12
CA PRO A 75 -9.81 0.84 9.08
C PRO A 75 -10.85 0.81 10.19
N SER A 76 -10.50 0.20 11.31
CA SER A 76 -11.40 0.11 12.45
C SER A 76 -12.27 1.36 12.56
N GLN A 77 -11.61 2.51 12.72
CA GLN A 77 -12.32 3.78 12.84
C GLN A 77 -11.98 4.70 11.67
N GLU A 78 -12.75 5.78 11.54
CA GLU A 78 -12.53 6.74 10.46
C GLU A 78 -11.45 7.74 10.84
N GLY A 79 -10.96 8.48 9.84
CA GLY A 79 -9.93 9.48 10.10
C GLY A 79 -8.78 9.37 9.12
N PRO A 80 -7.89 10.38 9.14
CA PRO A 80 -6.73 10.43 8.24
C PRO A 80 -5.69 9.38 8.60
N TYR A 81 -5.80 8.21 7.98
CA TYR A 81 -4.87 7.11 8.23
C TYR A 81 -3.60 7.27 7.39
N MET A 82 -2.61 6.42 7.66
CA MET A 82 -1.35 6.47 6.94
C MET A 82 -0.84 5.07 6.66
N VAL A 83 -0.71 4.73 5.37
CA VAL A 83 -0.22 3.41 4.97
C VAL A 83 1.17 3.50 4.35
N SER A 84 2.19 3.25 5.17
CA SER A 84 3.57 3.30 4.70
C SER A 84 3.96 2.01 4.00
N VAL A 85 4.80 2.14 2.96
CA VAL A 85 5.24 0.99 2.21
C VAL A 85 6.73 1.08 1.87
N LYS A 86 7.44 -0.03 2.01
CA LYS A 86 8.87 -0.07 1.73
C LYS A 86 9.19 -1.13 0.68
N TYR A 87 10.42 -1.10 0.18
CA TYR A 87 10.85 -2.07 -0.82
C TYR A 87 12.36 -2.24 -0.81
N ALA A 88 12.81 -3.42 -0.38
CA ALA A 88 14.24 -3.72 -0.32
C ALA A 88 14.94 -2.79 0.67
N ASP A 89 14.28 -2.48 1.77
CA ASP A 89 14.84 -1.60 2.79
C ASP A 89 15.00 -0.19 2.26
N GLU A 90 14.06 0.23 1.41
CA GLU A 90 14.10 1.58 0.83
C GLU A 90 12.69 2.12 0.63
N GLU A 91 12.30 3.06 1.50
CA GLU A 91 10.98 3.66 1.43
C GLU A 91 10.70 4.19 0.03
N ILE A 92 9.75 3.58 -0.65
CA ILE A 92 9.39 3.98 -2.00
C ILE A 92 9.11 5.48 -2.07
N PRO A 93 9.31 6.07 -3.26
CA PRO A 93 9.09 7.50 -3.48
C PRO A 93 7.60 7.88 -3.45
N ARG A 94 6.77 6.90 -3.12
CA ARG A 94 5.33 7.12 -3.05
C ARG A 94 4.82 6.89 -1.63
N SER A 95 5.72 6.58 -0.72
CA SER A 95 5.36 6.32 0.67
C SER A 95 6.00 7.37 1.59
N PRO A 96 5.36 7.59 2.75
CA PRO A 96 4.13 6.90 3.13
C PRO A 96 2.94 7.32 2.28
N PHE A 97 1.78 6.71 2.52
CA PHE A 97 0.58 7.03 1.78
C PHE A 97 -0.49 7.59 2.70
N LYS A 98 -1.30 8.50 2.18
CA LYS A 98 -2.37 9.13 2.95
C LYS A 98 -3.72 8.50 2.61
N VAL A 99 -4.47 8.14 3.64
CA VAL A 99 -5.79 7.53 3.46
C VAL A 99 -6.81 8.15 4.40
N LYS A 100 -7.64 9.05 3.86
CA LYS A 100 -8.67 9.71 4.65
C LYS A 100 -9.91 8.84 4.76
N VAL A 101 -9.99 8.07 5.84
CA VAL A 101 -11.13 7.19 6.07
C VAL A 101 -12.37 7.98 6.43
N LEU A 102 -13.53 7.50 5.97
CA LEU A 102 -14.80 8.17 6.24
C LEU A 102 -15.73 7.27 7.05
N PRO A 103 -16.67 7.89 7.77
CA PRO A 103 -17.65 7.17 8.60
C PRO A 103 -18.66 6.39 7.76
N THR A 104 -18.64 5.07 7.87
CA THR A 104 -19.56 4.23 7.11
C THR A 104 -20.91 4.90 6.93
N TYR A 105 -21.31 5.69 7.92
CA TYR A 105 -22.58 6.40 7.86
C TYR A 105 -22.46 7.69 7.04
N ASP A 106 -21.86 7.57 5.86
CA ASP A 106 -21.68 8.72 4.98
C ASP A 106 -22.86 8.87 4.04
N ALA A 107 -24.06 8.56 4.54
CA ALA A 107 -25.28 8.67 3.74
C ALA A 107 -25.78 10.10 3.70
N SER A 108 -24.85 11.04 3.55
CA SER A 108 -25.20 12.46 3.49
C SER A 108 -24.85 13.05 2.13
N GLY A 1 16.74 -4.86 -27.61
CA GLY A 1 17.31 -3.53 -27.54
C GLY A 1 17.87 -3.21 -26.16
N SER A 2 18.63 -4.16 -25.61
CA SER A 2 19.23 -3.98 -24.29
C SER A 2 18.14 -3.88 -23.21
N SER A 3 17.14 -4.75 -23.32
CA SER A 3 16.04 -4.78 -22.36
C SER A 3 16.12 -6.02 -21.48
N GLY A 4 15.69 -5.88 -20.23
CA GLY A 4 15.71 -7.00 -19.31
C GLY A 4 16.16 -6.60 -17.92
N SER A 5 16.19 -7.56 -17.00
CA SER A 5 16.60 -7.31 -15.62
C SER A 5 18.02 -7.79 -15.38
N SER A 6 18.91 -6.85 -15.10
CA SER A 6 20.32 -7.17 -14.85
C SER A 6 20.57 -7.37 -13.36
N GLY A 7 19.66 -8.07 -12.70
CA GLY A 7 19.80 -8.31 -11.28
C GLY A 7 19.93 -7.03 -10.47
N VAL A 8 19.01 -6.10 -10.72
CA VAL A 8 19.02 -4.82 -10.00
C VAL A 8 17.65 -4.50 -9.43
N VAL A 9 17.62 -3.88 -8.26
CA VAL A 9 16.38 -3.52 -7.60
C VAL A 9 16.15 -2.01 -7.65
N ASP A 10 14.92 -1.62 -7.97
CA ASP A 10 14.57 -0.20 -8.05
C ASP A 10 13.25 0.07 -7.34
N PRO A 11 13.34 0.52 -6.08
CA PRO A 11 12.17 0.82 -5.26
C PRO A 11 11.43 2.07 -5.76
N SER A 12 11.96 2.69 -6.80
CA SER A 12 11.35 3.89 -7.37
C SER A 12 10.55 3.55 -8.63
N LYS A 13 10.33 2.27 -8.85
CA LYS A 13 9.58 1.81 -10.02
C LYS A 13 8.30 1.10 -9.60
N VAL A 14 8.17 0.84 -8.30
CA VAL A 14 6.99 0.16 -7.77
C VAL A 14 5.84 1.14 -7.56
N LYS A 15 4.64 0.74 -7.96
CA LYS A 15 3.46 1.58 -7.82
C LYS A 15 2.30 0.79 -7.22
N ILE A 16 1.25 1.50 -6.82
CA ILE A 16 0.07 0.86 -6.23
C ILE A 16 -1.19 1.59 -6.63
N ALA A 17 -2.21 0.83 -7.01
CA ALA A 17 -3.49 1.40 -7.41
C ALA A 17 -4.65 0.55 -6.92
N GLY A 18 -5.66 1.20 -6.34
CA GLY A 18 -6.82 0.49 -5.82
C GLY A 18 -7.74 1.38 -5.03
N PRO A 19 -8.89 0.83 -4.61
CA PRO A 19 -9.89 1.56 -3.83
C PRO A 19 -9.41 1.88 -2.42
N GLY A 20 -8.64 0.96 -1.84
CA GLY A 20 -8.13 1.16 -0.50
C GLY A 20 -7.34 2.45 -0.36
N LEU A 21 -6.51 2.75 -1.36
CA LEU A 21 -5.71 3.96 -1.34
C LEU A 21 -6.54 5.19 -1.72
N GLY A 22 -7.58 4.96 -2.52
CA GLY A 22 -8.45 6.04 -2.94
C GLY A 22 -8.89 6.90 -1.77
N SER A 23 -9.63 7.97 -2.07
CA SER A 23 -10.11 8.88 -1.05
C SER A 23 -11.51 8.47 -0.57
N GLY A 24 -12.19 7.65 -1.37
CA GLY A 24 -13.52 7.19 -1.01
C GLY A 24 -13.49 5.98 -0.10
N VAL A 25 -12.67 6.04 0.95
CA VAL A 25 -12.57 4.94 1.90
C VAL A 25 -13.50 5.12 3.08
N ARG A 26 -14.11 4.03 3.53
CA ARG A 26 -15.04 4.08 4.65
C ARG A 26 -14.54 3.21 5.81
N ALA A 27 -14.86 3.63 7.03
CA ALA A 27 -14.43 2.88 8.21
C ALA A 27 -15.19 1.57 8.33
N ARG A 28 -14.56 0.59 9.00
CA ARG A 28 -15.16 -0.72 9.18
C ARG A 28 -15.57 -1.32 7.84
N VAL A 29 -14.73 -1.13 6.84
CA VAL A 29 -15.00 -1.65 5.50
C VAL A 29 -13.76 -2.31 4.91
N LEU A 30 -13.96 -3.39 4.17
CA LEU A 30 -12.86 -4.12 3.55
C LEU A 30 -12.20 -3.27 2.46
N GLN A 31 -10.94 -2.91 2.70
CA GLN A 31 -10.20 -2.09 1.75
C GLN A 31 -8.98 -2.85 1.22
N SER A 32 -8.85 -2.91 -0.10
CA SER A 32 -7.73 -3.61 -0.73
C SER A 32 -7.21 -2.82 -1.93
N PHE A 33 -6.02 -3.19 -2.39
CA PHE A 33 -5.41 -2.52 -3.54
C PHE A 33 -4.36 -3.42 -4.19
N THR A 34 -3.92 -3.02 -5.39
CA THR A 34 -2.92 -3.79 -6.12
C THR A 34 -1.57 -3.09 -6.11
N VAL A 35 -0.53 -3.84 -5.78
CA VAL A 35 0.82 -3.30 -5.73
C VAL A 35 1.69 -3.86 -6.85
N ASP A 36 1.94 -3.05 -7.87
CA ASP A 36 2.77 -3.49 -9.00
C ASP A 36 4.24 -3.20 -8.74
N SER A 37 4.99 -4.24 -8.40
CA SER A 37 6.41 -4.10 -8.13
C SER A 37 7.24 -4.91 -9.11
N SER A 38 6.68 -5.14 -10.29
CA SER A 38 7.36 -5.91 -11.33
C SER A 38 8.53 -5.12 -11.92
N LYS A 39 8.32 -3.81 -12.10
CA LYS A 39 9.34 -2.94 -12.66
C LYS A 39 10.45 -2.69 -11.64
N ALA A 40 10.13 -2.87 -10.36
CA ALA A 40 11.10 -2.68 -9.29
C ALA A 40 12.14 -3.78 -9.27
N GLY A 41 11.68 -5.01 -9.47
CA GLY A 41 12.59 -6.15 -9.48
C GLY A 41 12.01 -7.36 -8.76
N LEU A 42 12.83 -8.01 -7.96
CA LEU A 42 12.40 -9.19 -7.21
C LEU A 42 12.51 -8.95 -5.71
N ALA A 43 12.59 -7.68 -5.32
CA ALA A 43 12.69 -7.32 -3.91
C ALA A 43 11.34 -7.44 -3.22
N PRO A 44 11.36 -7.71 -1.90
CA PRO A 44 10.16 -7.87 -1.09
C PRO A 44 9.42 -6.54 -0.90
N LEU A 45 8.18 -6.63 -0.42
CA LEU A 45 7.37 -5.44 -0.19
C LEU A 45 6.87 -5.39 1.24
N GLU A 46 6.88 -4.21 1.84
CA GLU A 46 6.42 -4.03 3.21
C GLU A 46 5.33 -2.96 3.29
N VAL A 47 4.41 -3.12 4.22
CA VAL A 47 3.32 -2.17 4.40
C VAL A 47 3.01 -1.96 5.89
N ARG A 48 2.50 -0.77 6.21
CA ARG A 48 2.17 -0.45 7.59
C ARG A 48 1.06 0.60 7.65
N VAL A 49 0.12 0.42 8.56
CA VAL A 49 -1.00 1.34 8.72
C VAL A 49 -1.00 1.98 10.11
N LEU A 50 -0.98 3.31 10.13
CA LEU A 50 -0.98 4.04 11.39
C LEU A 50 -2.27 4.82 11.57
N GLY A 51 -2.65 5.05 12.83
CA GLY A 51 -3.87 5.78 13.11
C GLY A 51 -3.61 7.23 13.44
N PRO A 52 -4.68 8.03 13.48
CA PRO A 52 -4.59 9.47 13.78
C PRO A 52 -4.21 9.74 15.22
N ARG A 53 -4.85 9.02 16.15
CA ARG A 53 -4.58 9.19 17.56
C ARG A 53 -3.28 8.48 17.96
N GLY A 54 -2.97 7.40 17.24
CA GLY A 54 -1.76 6.66 17.53
C GLY A 54 -1.99 5.16 17.56
N LEU A 55 -2.99 4.71 16.79
CA LEU A 55 -3.31 3.29 16.74
C LEU A 55 -2.51 2.58 15.65
N VAL A 56 -2.12 1.34 15.91
CA VAL A 56 -1.35 0.56 14.95
C VAL A 56 -2.14 -0.65 14.47
N GLU A 57 -2.42 -0.69 13.17
CA GLU A 57 -3.17 -1.80 12.59
C GLU A 57 -2.30 -2.61 11.64
N PRO A 58 -2.48 -3.94 11.65
CA PRO A 58 -1.71 -4.85 10.80
C PRO A 58 -2.08 -4.71 9.32
N VAL A 59 -1.38 -5.44 8.47
CA VAL A 59 -1.63 -5.41 7.03
C VAL A 59 -1.42 -6.78 6.40
N ASN A 60 -2.11 -7.02 5.30
CA ASN A 60 -2.00 -8.31 4.60
C ASN A 60 -1.05 -8.18 3.40
N VAL A 61 -0.23 -9.21 3.21
CA VAL A 61 0.73 -9.22 2.10
C VAL A 61 0.69 -10.56 1.36
N VAL A 62 0.15 -10.55 0.16
CA VAL A 62 0.06 -11.77 -0.65
C VAL A 62 0.55 -11.51 -2.08
N ASP A 63 1.45 -12.38 -2.54
CA ASP A 63 2.00 -12.26 -3.88
C ASP A 63 1.08 -12.90 -4.91
N ASN A 64 0.83 -12.19 -6.01
CA ASN A 64 -0.03 -12.69 -7.07
C ASN A 64 0.67 -13.78 -7.88
N GLY A 65 1.93 -13.53 -8.22
CA GLY A 65 2.69 -14.50 -8.98
C GLY A 65 3.11 -13.96 -10.34
N ASP A 66 2.35 -13.00 -10.86
CA ASP A 66 2.64 -12.40 -12.15
C ASP A 66 3.59 -11.22 -12.00
N GLY A 67 3.33 -10.38 -11.02
CA GLY A 67 4.17 -9.22 -10.78
C GLY A 67 3.49 -8.16 -9.94
N THR A 68 2.66 -8.60 -9.01
CA THR A 68 1.94 -7.68 -8.13
C THR A 68 1.71 -8.30 -6.76
N HIS A 69 1.12 -7.52 -5.86
CA HIS A 69 0.84 -7.98 -4.51
C HIS A 69 -0.47 -7.40 -3.99
N THR A 70 -1.32 -8.25 -3.43
CA THR A 70 -2.60 -7.83 -2.88
C THR A 70 -2.49 -7.52 -1.39
N VAL A 71 -3.08 -6.39 -1.00
CA VAL A 71 -3.06 -5.97 0.39
C VAL A 71 -4.45 -5.63 0.89
N THR A 72 -5.02 -6.51 1.71
CA THR A 72 -6.36 -6.30 2.27
C THR A 72 -6.30 -5.85 3.72
N TYR A 73 -7.17 -4.92 4.08
CA TYR A 73 -7.20 -4.41 5.45
C TYR A 73 -8.58 -3.83 5.77
N THR A 74 -8.71 -3.26 6.96
CA THR A 74 -9.97 -2.65 7.39
C THR A 74 -9.74 -1.60 8.47
N PRO A 75 -9.99 -0.34 8.12
CA PRO A 75 -9.82 0.79 9.05
C PRO A 75 -10.86 0.79 10.16
N SER A 76 -10.53 0.13 11.28
CA SER A 76 -11.43 0.04 12.41
C SER A 76 -12.24 1.32 12.56
N GLN A 77 -11.55 2.45 12.69
CA GLN A 77 -12.21 3.74 12.84
C GLN A 77 -11.84 4.67 11.69
N GLU A 78 -12.58 5.77 11.56
CA GLU A 78 -12.32 6.74 10.50
C GLU A 78 -11.26 7.74 10.93
N GLY A 79 -10.83 8.58 10.00
CA GLY A 79 -9.81 9.57 10.30
C GLY A 79 -8.65 9.54 9.32
N PRO A 80 -7.73 10.51 9.45
CA PRO A 80 -6.55 10.60 8.59
C PRO A 80 -5.56 9.47 8.83
N TYR A 81 -5.72 8.37 8.11
CA TYR A 81 -4.84 7.22 8.26
C TYR A 81 -3.61 7.36 7.37
N MET A 82 -2.58 6.56 7.65
CA MET A 82 -1.35 6.60 6.88
C MET A 82 -0.85 5.19 6.58
N VAL A 83 -0.76 4.85 5.30
CA VAL A 83 -0.30 3.53 4.89
C VAL A 83 1.13 3.58 4.35
N SER A 84 2.09 3.30 5.21
CA SER A 84 3.50 3.33 4.83
C SER A 84 3.88 2.05 4.09
N VAL A 85 4.75 2.18 3.09
CA VAL A 85 5.19 1.04 2.30
C VAL A 85 6.69 1.13 2.01
N LYS A 86 7.36 -0.01 2.02
CA LYS A 86 8.79 -0.06 1.75
C LYS A 86 9.11 -1.12 0.69
N TYR A 87 10.34 -1.09 0.18
CA TYR A 87 10.77 -2.05 -0.83
C TYR A 87 12.28 -2.26 -0.79
N ALA A 88 12.69 -3.47 -0.44
CA ALA A 88 14.12 -3.79 -0.36
C ALA A 88 14.83 -2.90 0.65
N ASP A 89 14.14 -2.57 1.74
CA ASP A 89 14.70 -1.72 2.78
C ASP A 89 14.89 -0.30 2.28
N GLU A 90 13.97 0.15 1.43
CA GLU A 90 14.03 1.50 0.87
C GLU A 90 12.64 2.06 0.65
N GLU A 91 12.22 2.98 1.51
CA GLU A 91 10.90 3.59 1.40
C GLU A 91 10.67 4.11 -0.02
N ILE A 92 9.62 3.59 -0.66
CA ILE A 92 9.29 4.00 -2.02
C ILE A 92 9.02 5.50 -2.09
N PRO A 93 9.23 6.09 -3.28
CA PRO A 93 9.02 7.51 -3.51
C PRO A 93 7.54 7.89 -3.48
N ARG A 94 6.69 6.92 -3.14
CA ARG A 94 5.26 7.16 -3.07
C ARG A 94 4.72 6.89 -1.66
N SER A 95 5.65 6.68 -0.72
CA SER A 95 5.27 6.41 0.66
C SER A 95 5.90 7.43 1.60
N PRO A 96 5.24 7.66 2.75
CA PRO A 96 4.00 6.95 3.10
C PRO A 96 2.82 7.40 2.24
N PHE A 97 1.67 6.78 2.47
CA PHE A 97 0.47 7.12 1.71
C PHE A 97 -0.60 7.73 2.62
N LYS A 98 -1.12 8.89 2.22
CA LYS A 98 -2.14 9.57 2.99
C LYS A 98 -3.53 9.09 2.61
N VAL A 99 -4.18 8.36 3.50
CA VAL A 99 -5.52 7.84 3.26
C VAL A 99 -6.48 8.27 4.35
N LYS A 100 -7.30 9.28 4.06
CA LYS A 100 -8.27 9.79 5.01
C LYS A 100 -9.54 8.94 4.99
N VAL A 101 -9.70 8.09 5.99
CA VAL A 101 -10.88 7.23 6.09
C VAL A 101 -12.12 8.03 6.42
N LEU A 102 -13.25 7.63 5.84
CA LEU A 102 -14.52 8.32 6.07
C LEU A 102 -15.48 7.43 6.86
N PRO A 103 -16.44 8.07 7.56
CA PRO A 103 -17.43 7.37 8.36
C PRO A 103 -18.43 6.60 7.51
N THR A 104 -18.51 5.29 7.71
CA THR A 104 -19.43 4.45 6.95
C THR A 104 -20.72 5.18 6.65
N TYR A 105 -21.13 6.07 7.55
CA TYR A 105 -22.35 6.84 7.38
C TYR A 105 -22.05 8.31 7.11
N ASP A 106 -23.02 9.02 6.57
CA ASP A 106 -22.86 10.44 6.27
C ASP A 106 -23.42 11.30 7.39
N ALA A 107 -22.52 11.95 8.13
CA ALA A 107 -22.93 12.82 9.23
C ALA A 107 -23.28 14.21 8.74
N SER A 108 -23.98 14.28 7.61
CA SER A 108 -24.38 15.56 7.03
C SER A 108 -25.85 15.54 6.63
N GLY A 1 20.83 -0.68 -30.13
CA GLY A 1 21.16 -1.90 -29.43
C GLY A 1 21.60 -1.65 -28.01
N SER A 2 22.88 -1.38 -27.82
CA SER A 2 23.43 -1.12 -26.48
C SER A 2 23.08 -2.27 -25.53
N SER A 3 23.21 -3.50 -26.03
CA SER A 3 22.90 -4.67 -25.22
C SER A 3 23.52 -4.56 -23.83
N GLY A 4 23.06 -5.39 -22.91
CA GLY A 4 23.58 -5.36 -21.56
C GLY A 4 22.57 -5.86 -20.54
N SER A 5 22.87 -7.00 -19.92
CA SER A 5 21.99 -7.59 -18.93
C SER A 5 22.35 -7.10 -17.52
N SER A 6 21.32 -6.81 -16.73
CA SER A 6 21.53 -6.34 -15.36
C SER A 6 20.44 -6.86 -14.44
N GLY A 7 20.74 -6.89 -13.14
CA GLY A 7 19.78 -7.37 -12.16
C GLY A 7 19.82 -6.57 -10.87
N VAL A 8 19.45 -5.30 -10.95
CA VAL A 8 19.44 -4.44 -9.77
C VAL A 8 18.01 -4.16 -9.30
N VAL A 9 17.89 -3.76 -8.03
CA VAL A 9 16.59 -3.46 -7.46
C VAL A 9 16.29 -1.96 -7.49
N ASP A 10 15.09 -1.60 -7.92
CA ASP A 10 14.69 -0.20 -7.99
C ASP A 10 13.36 0.03 -7.28
N PRO A 11 13.45 0.44 -6.00
CA PRO A 11 12.26 0.71 -5.18
C PRO A 11 11.49 1.95 -5.64
N SER A 12 12.02 2.61 -6.67
CA SER A 12 11.39 3.80 -7.20
C SER A 12 10.58 3.48 -8.46
N LYS A 13 10.43 2.19 -8.74
CA LYS A 13 9.68 1.75 -9.91
C LYS A 13 8.41 1.02 -9.49
N VAL A 14 8.26 0.80 -8.19
CA VAL A 14 7.08 0.11 -7.66
C VAL A 14 5.94 1.10 -7.40
N LYS A 15 4.77 0.80 -7.94
CA LYS A 15 3.60 1.65 -7.78
C LYS A 15 2.43 0.86 -7.18
N ILE A 16 1.40 1.59 -6.75
CA ILE A 16 0.22 0.95 -6.17
C ILE A 16 -1.05 1.70 -6.56
N ALA A 17 -2.08 0.95 -6.92
CA ALA A 17 -3.36 1.54 -7.31
C ALA A 17 -4.53 0.70 -6.82
N GLY A 18 -5.62 1.38 -6.44
CA GLY A 18 -6.79 0.67 -5.95
C GLY A 18 -7.68 1.55 -5.09
N PRO A 19 -8.81 1.00 -4.64
CA PRO A 19 -9.77 1.72 -3.80
C PRO A 19 -9.23 1.98 -2.40
N GLY A 20 -8.53 0.99 -1.85
CA GLY A 20 -7.99 1.13 -0.52
C GLY A 20 -7.20 2.41 -0.34
N LEU A 21 -6.61 2.90 -1.43
CA LEU A 21 -5.83 4.12 -1.39
C LEU A 21 -6.68 5.32 -1.82
N GLY A 22 -7.74 5.05 -2.57
CA GLY A 22 -8.62 6.11 -3.03
C GLY A 22 -9.17 6.94 -1.89
N SER A 23 -9.72 8.11 -2.22
CA SER A 23 -10.29 8.99 -1.22
C SER A 23 -11.72 8.60 -0.89
N GLY A 24 -12.10 7.39 -1.29
CA GLY A 24 -13.44 6.91 -1.03
C GLY A 24 -13.46 5.71 -0.12
N VAL A 25 -12.66 5.75 0.94
CA VAL A 25 -12.59 4.65 1.89
C VAL A 25 -13.50 4.88 3.09
N ARG A 26 -14.01 3.80 3.66
CA ARG A 26 -14.91 3.89 4.80
C ARG A 26 -14.38 3.06 5.97
N ALA A 27 -14.75 3.46 7.19
CA ALA A 27 -14.31 2.75 8.38
C ALA A 27 -15.03 1.42 8.53
N ARG A 28 -14.37 0.47 9.18
CA ARG A 28 -14.95 -0.86 9.40
C ARG A 28 -15.39 -1.47 8.07
N VAL A 29 -14.58 -1.27 7.03
CA VAL A 29 -14.88 -1.80 5.70
C VAL A 29 -13.65 -2.46 5.09
N LEU A 30 -13.87 -3.54 4.34
CA LEU A 30 -12.78 -4.26 3.69
C LEU A 30 -12.14 -3.40 2.61
N GLN A 31 -10.88 -3.02 2.81
CA GLN A 31 -10.15 -2.20 1.86
C GLN A 31 -8.94 -2.96 1.31
N SER A 32 -8.82 -2.98 -0.01
CA SER A 32 -7.70 -3.66 -0.67
C SER A 32 -7.24 -2.90 -1.91
N PHE A 33 -6.04 -3.22 -2.38
CA PHE A 33 -5.48 -2.57 -3.55
C PHE A 33 -4.46 -3.46 -4.25
N THR A 34 -3.85 -2.95 -5.30
CA THR A 34 -2.86 -3.71 -6.06
C THR A 34 -1.51 -3.01 -6.03
N VAL A 35 -0.46 -3.77 -5.72
CA VAL A 35 0.89 -3.23 -5.66
C VAL A 35 1.76 -3.79 -6.79
N ASP A 36 2.01 -2.98 -7.80
CA ASP A 36 2.82 -3.40 -8.94
C ASP A 36 4.30 -3.15 -8.66
N SER A 37 5.01 -4.23 -8.33
CA SER A 37 6.44 -4.14 -8.03
C SER A 37 7.25 -4.99 -9.01
N SER A 38 6.73 -5.15 -10.22
CA SER A 38 7.40 -5.94 -11.24
C SER A 38 8.57 -5.17 -11.85
N LYS A 39 8.41 -3.85 -11.95
CA LYS A 39 9.45 -2.99 -12.51
C LYS A 39 10.52 -2.70 -11.47
N ALA A 40 10.21 -2.95 -10.20
CA ALA A 40 11.14 -2.71 -9.12
C ALA A 40 12.17 -3.83 -9.02
N GLY A 41 11.71 -5.07 -9.24
CA GLY A 41 12.61 -6.20 -9.17
C GLY A 41 11.98 -7.39 -8.45
N LEU A 42 12.78 -8.09 -7.67
CA LEU A 42 12.30 -9.25 -6.93
C LEU A 42 12.36 -9.00 -5.42
N ALA A 43 12.44 -7.73 -5.05
CA ALA A 43 12.50 -7.35 -3.64
C ALA A 43 11.13 -7.47 -2.98
N PRO A 44 11.11 -7.73 -1.67
CA PRO A 44 9.88 -7.87 -0.89
C PRO A 44 9.16 -6.54 -0.73
N LEU A 45 7.90 -6.61 -0.29
CA LEU A 45 7.09 -5.41 -0.08
C LEU A 45 6.53 -5.36 1.34
N GLU A 46 6.59 -4.19 1.95
CA GLU A 46 6.09 -4.02 3.31
C GLU A 46 5.00 -2.93 3.36
N VAL A 47 4.03 -3.12 4.23
CA VAL A 47 2.94 -2.16 4.38
C VAL A 47 2.59 -1.94 5.84
N ARG A 48 2.54 -0.67 6.25
CA ARG A 48 2.21 -0.32 7.63
C ARG A 48 1.02 0.64 7.69
N VAL A 49 0.15 0.43 8.66
CA VAL A 49 -1.03 1.28 8.82
C VAL A 49 -1.03 1.96 10.18
N LEU A 50 -0.96 3.29 10.18
CA LEU A 50 -0.95 4.06 11.41
C LEU A 50 -2.19 4.94 11.52
N GLY A 51 -2.92 4.79 12.63
CA GLY A 51 -4.12 5.57 12.83
C GLY A 51 -3.84 7.06 12.95
N PRO A 52 -4.90 7.87 13.04
CA PRO A 52 -4.79 9.32 13.17
C PRO A 52 -4.23 9.75 14.52
N ARG A 53 -4.71 9.11 15.58
CA ARG A 53 -4.27 9.42 16.93
C ARG A 53 -2.88 8.84 17.19
N GLY A 54 -2.63 7.64 16.66
CA GLY A 54 -1.35 6.99 16.85
C GLY A 54 -1.48 5.51 17.09
N LEU A 55 -2.48 4.89 16.46
CA LEU A 55 -2.72 3.46 16.60
C LEU A 55 -1.95 2.67 15.54
N VAL A 56 -1.67 1.42 15.83
CA VAL A 56 -0.95 0.55 14.90
C VAL A 56 -1.81 -0.63 14.48
N GLU A 57 -2.09 -0.72 13.18
CA GLU A 57 -2.90 -1.82 12.65
C GLU A 57 -2.09 -2.67 11.67
N PRO A 58 -2.34 -3.98 11.69
CA PRO A 58 -1.65 -4.94 10.82
C PRO A 58 -2.06 -4.77 9.35
N VAL A 59 -1.31 -5.42 8.46
CA VAL A 59 -1.61 -5.36 7.03
C VAL A 59 -1.39 -6.71 6.37
N ASN A 60 -2.23 -7.02 5.39
CA ASN A 60 -2.12 -8.29 4.67
C ASN A 60 -1.27 -8.14 3.41
N VAL A 61 -0.42 -9.12 3.15
CA VAL A 61 0.45 -9.10 1.99
C VAL A 61 0.42 -10.44 1.25
N VAL A 62 -0.03 -10.40 0.00
CA VAL A 62 -0.10 -11.62 -0.81
C VAL A 62 0.42 -11.36 -2.22
N ASP A 63 1.18 -12.31 -2.74
CA ASP A 63 1.74 -12.20 -4.08
C ASP A 63 0.79 -12.79 -5.13
N ASN A 64 0.67 -12.09 -6.25
CA ASN A 64 -0.21 -12.54 -7.33
C ASN A 64 0.47 -13.60 -8.18
N GLY A 65 1.71 -13.35 -8.55
CA GLY A 65 2.46 -14.30 -9.36
C GLY A 65 2.83 -13.74 -10.71
N ASP A 66 2.06 -12.76 -11.18
CA ASP A 66 2.31 -12.14 -12.47
C ASP A 66 3.29 -10.97 -12.33
N GLY A 67 3.08 -10.15 -11.30
CA GLY A 67 3.95 -9.01 -11.07
C GLY A 67 3.32 -7.98 -10.17
N THR A 68 2.53 -8.45 -9.20
CA THR A 68 1.85 -7.55 -8.26
C THR A 68 1.64 -8.23 -6.92
N HIS A 69 1.07 -7.49 -5.97
CA HIS A 69 0.81 -8.02 -4.65
C HIS A 69 -0.47 -7.42 -4.06
N THR A 70 -1.38 -8.29 -3.62
CA THR A 70 -2.64 -7.85 -3.04
C THR A 70 -2.50 -7.56 -1.56
N VAL A 71 -3.02 -6.41 -1.12
CA VAL A 71 -2.94 -6.03 0.28
C VAL A 71 -4.33 -5.70 0.83
N THR A 72 -4.82 -6.55 1.72
CA THR A 72 -6.14 -6.36 2.32
C THR A 72 -6.01 -5.80 3.74
N TYR A 73 -6.99 -4.97 4.13
CA TYR A 73 -6.99 -4.37 5.46
C TYR A 73 -8.35 -3.78 5.78
N THR A 74 -8.51 -3.32 7.02
CA THR A 74 -9.77 -2.73 7.45
C THR A 74 -9.54 -1.66 8.52
N PRO A 75 -9.84 -0.40 8.18
CA PRO A 75 -9.67 0.73 9.10
C PRO A 75 -10.67 0.69 10.25
N SER A 76 -10.26 0.10 11.36
CA SER A 76 -11.12 0.00 12.53
C SER A 76 -12.01 1.23 12.67
N GLN A 77 -11.42 2.40 12.49
CA GLN A 77 -12.16 3.66 12.58
C GLN A 77 -11.78 4.60 11.44
N GLU A 78 -12.53 5.70 11.32
CA GLU A 78 -12.27 6.67 10.26
C GLU A 78 -11.22 7.68 10.71
N GLY A 79 -10.88 8.60 9.80
CA GLY A 79 -9.89 9.61 10.12
C GLY A 79 -8.71 9.59 9.16
N PRO A 80 -7.81 10.58 9.29
CA PRO A 80 -6.63 10.69 8.45
C PRO A 80 -5.60 9.58 8.72
N TYR A 81 -5.81 8.43 8.11
CA TYR A 81 -4.92 7.29 8.29
C TYR A 81 -3.66 7.46 7.45
N MET A 82 -2.70 6.56 7.66
CA MET A 82 -1.44 6.61 6.92
C MET A 82 -0.94 5.20 6.60
N VAL A 83 -0.89 4.86 5.32
CA VAL A 83 -0.43 3.55 4.89
C VAL A 83 0.99 3.62 4.32
N SER A 84 1.97 3.33 5.17
CA SER A 84 3.37 3.37 4.76
C SER A 84 3.73 2.12 3.96
N VAL A 85 4.64 2.29 3.00
CA VAL A 85 5.07 1.18 2.16
C VAL A 85 6.58 1.23 1.91
N LYS A 86 7.22 0.07 1.98
CA LYS A 86 8.66 -0.02 1.76
C LYS A 86 8.99 -1.10 0.73
N TYR A 87 10.24 -1.13 0.29
CA TYR A 87 10.68 -2.11 -0.69
C TYR A 87 12.18 -2.35 -0.59
N ALA A 88 12.55 -3.54 -0.12
CA ALA A 88 13.95 -3.90 0.02
C ALA A 88 14.66 -2.96 1.00
N ASP A 89 13.97 -2.60 2.08
CA ASP A 89 14.53 -1.72 3.08
C ASP A 89 14.73 -0.31 2.53
N GLU A 90 13.85 0.08 1.61
CA GLU A 90 13.93 1.40 0.99
C GLU A 90 12.53 1.99 0.77
N GLU A 91 12.16 2.95 1.61
CA GLU A 91 10.85 3.59 1.50
C GLU A 91 10.61 4.12 0.09
N ILE A 92 9.60 3.57 -0.58
CA ILE A 92 9.27 3.99 -1.94
C ILE A 92 9.01 5.49 -2.00
N PRO A 93 9.24 6.08 -3.18
CA PRO A 93 9.04 7.51 -3.40
C PRO A 93 7.56 7.90 -3.40
N ARG A 94 6.70 6.92 -3.09
CA ARG A 94 5.27 7.16 -3.04
C ARG A 94 4.72 6.92 -1.64
N SER A 95 5.62 6.64 -0.71
CA SER A 95 5.22 6.40 0.68
C SER A 95 5.83 7.44 1.61
N PRO A 96 5.16 7.66 2.75
CA PRO A 96 3.91 6.96 3.09
C PRO A 96 2.75 7.38 2.21
N PHE A 97 1.57 6.81 2.47
CA PHE A 97 0.38 7.13 1.70
C PHE A 97 -0.69 7.73 2.59
N LYS A 98 -1.18 8.92 2.20
CA LYS A 98 -2.21 9.60 2.96
C LYS A 98 -3.60 9.09 2.59
N VAL A 99 -4.22 8.37 3.53
CA VAL A 99 -5.56 7.81 3.30
C VAL A 99 -6.54 8.29 4.36
N LYS A 100 -7.36 9.26 4.01
CA LYS A 100 -8.35 9.80 4.94
C LYS A 100 -9.62 8.96 4.94
N VAL A 101 -9.69 8.01 5.87
CA VAL A 101 -10.85 7.14 5.98
C VAL A 101 -12.10 7.92 6.32
N LEU A 102 -13.24 7.48 5.80
CA LEU A 102 -14.51 8.14 6.05
C LEU A 102 -15.42 7.27 6.92
N PRO A 103 -16.36 7.92 7.62
CA PRO A 103 -17.31 7.22 8.50
C PRO A 103 -18.32 6.39 7.72
N THR A 104 -18.37 5.10 8.01
CA THR A 104 -19.29 4.20 7.32
C THR A 104 -20.60 4.90 6.99
N TYR A 105 -21.03 5.80 7.87
CA TYR A 105 -22.27 6.54 7.68
C TYR A 105 -22.07 7.69 6.70
N ASP A 106 -23.07 7.93 5.86
CA ASP A 106 -23.00 9.00 4.86
C ASP A 106 -24.19 9.95 5.02
N ALA A 107 -23.98 11.21 4.65
CA ALA A 107 -25.03 12.21 4.75
C ALA A 107 -25.84 12.29 3.45
N SER A 108 -26.05 11.13 2.82
CA SER A 108 -26.79 11.07 1.58
C SER A 108 -28.13 11.80 1.71
N GLY A 1 21.26 -7.57 -26.52
CA GLY A 1 21.50 -7.47 -25.10
C GLY A 1 22.14 -8.73 -24.52
N SER A 2 22.71 -8.60 -23.33
CA SER A 2 23.36 -9.74 -22.68
C SER A 2 22.67 -10.06 -21.36
N SER A 3 22.99 -11.23 -20.80
CA SER A 3 22.40 -11.67 -19.55
C SER A 3 23.48 -12.11 -18.56
N GLY A 4 23.20 -11.97 -17.28
CA GLY A 4 24.15 -12.36 -16.26
C GLY A 4 24.57 -11.19 -15.37
N SER A 5 24.68 -11.45 -14.08
CA SER A 5 25.06 -10.41 -13.12
C SER A 5 24.38 -9.09 -13.46
N SER A 6 23.10 -9.16 -13.81
CA SER A 6 22.34 -7.97 -14.15
C SER A 6 20.92 -8.05 -13.60
N GLY A 7 20.61 -7.16 -12.66
CA GLY A 7 19.29 -7.15 -12.05
C GLY A 7 19.24 -6.33 -10.77
N VAL A 8 19.48 -5.03 -10.92
CA VAL A 8 19.47 -4.12 -9.77
C VAL A 8 18.05 -3.91 -9.26
N VAL A 9 17.93 -3.54 -7.99
CA VAL A 9 16.62 -3.29 -7.38
C VAL A 9 16.28 -1.80 -7.39
N ASP A 10 15.13 -1.48 -7.96
CA ASP A 10 14.68 -0.09 -8.04
C ASP A 10 13.33 0.08 -7.34
N PRO A 11 13.36 0.55 -6.09
CA PRO A 11 12.16 0.77 -5.29
C PRO A 11 11.32 1.94 -5.81
N SER A 12 11.78 2.54 -6.90
CA SER A 12 11.07 3.68 -7.50
C SER A 12 10.19 3.22 -8.65
N LYS A 13 10.30 1.94 -9.01
CA LYS A 13 9.50 1.38 -10.09
C LYS A 13 8.26 0.68 -9.55
N VAL A 14 8.18 0.57 -8.23
CA VAL A 14 7.04 -0.08 -7.59
C VAL A 14 5.93 0.93 -7.29
N LYS A 15 4.74 0.65 -7.80
CA LYS A 15 3.60 1.53 -7.59
C LYS A 15 2.40 0.75 -7.04
N ILE A 16 1.38 1.48 -6.59
CA ILE A 16 0.18 0.86 -6.04
C ILE A 16 -1.08 1.61 -6.47
N ALA A 17 -2.08 0.86 -6.90
CA ALA A 17 -3.34 1.45 -7.34
C ALA A 17 -4.53 0.61 -6.90
N GLY A 18 -5.50 1.25 -6.26
CA GLY A 18 -6.67 0.53 -5.80
C GLY A 18 -7.60 1.42 -4.98
N PRO A 19 -8.76 0.86 -4.59
CA PRO A 19 -9.76 1.59 -3.79
C PRO A 19 -9.28 1.85 -2.37
N GLY A 20 -8.52 0.91 -1.82
CA GLY A 20 -8.02 1.05 -0.47
C GLY A 20 -7.18 2.30 -0.29
N LEU A 21 -6.48 2.69 -1.35
CA LEU A 21 -5.63 3.88 -1.31
C LEU A 21 -6.40 5.12 -1.76
N GLY A 22 -7.56 4.89 -2.39
CA GLY A 22 -8.36 5.99 -2.86
C GLY A 22 -8.90 6.86 -1.73
N SER A 23 -9.74 7.82 -2.07
CA SER A 23 -10.31 8.72 -1.08
C SER A 23 -11.69 8.25 -0.64
N GLY A 24 -12.27 7.33 -1.42
CA GLY A 24 -13.58 6.81 -1.10
C GLY A 24 -13.52 5.61 -0.16
N VAL A 25 -12.72 5.75 0.90
CA VAL A 25 -12.58 4.68 1.88
C VAL A 25 -13.49 4.89 3.07
N ARG A 26 -14.05 3.80 3.59
CA ARG A 26 -14.94 3.86 4.74
C ARG A 26 -14.39 3.07 5.91
N ALA A 27 -14.73 3.50 7.12
CA ALA A 27 -14.27 2.82 8.33
C ALA A 27 -14.95 1.47 8.51
N ARG A 28 -14.28 0.54 9.18
CA ARG A 28 -14.82 -0.78 9.40
C ARG A 28 -15.28 -1.42 8.10
N VAL A 29 -14.48 -1.25 7.05
CA VAL A 29 -14.79 -1.81 5.74
C VAL A 29 -13.57 -2.47 5.11
N LEU A 30 -13.82 -3.51 4.31
CA LEU A 30 -12.74 -4.23 3.64
C LEU A 30 -12.09 -3.36 2.58
N GLN A 31 -10.83 -2.99 2.79
CA GLN A 31 -10.09 -2.17 1.85
C GLN A 31 -8.87 -2.91 1.33
N SER A 32 -8.75 -2.98 0.01
CA SER A 32 -7.61 -3.67 -0.63
C SER A 32 -7.16 -2.92 -1.88
N PHE A 33 -5.94 -3.22 -2.33
CA PHE A 33 -5.39 -2.57 -3.51
C PHE A 33 -4.39 -3.49 -4.20
N THR A 34 -3.76 -2.99 -5.26
CA THR A 34 -2.77 -3.75 -6.00
C THR A 34 -1.39 -3.08 -5.95
N VAL A 35 -0.37 -3.89 -5.70
CA VAL A 35 1.00 -3.38 -5.63
C VAL A 35 1.84 -3.92 -6.77
N ASP A 36 2.13 -3.07 -7.75
CA ASP A 36 2.94 -3.46 -8.90
C ASP A 36 4.42 -3.20 -8.64
N SER A 37 5.19 -4.26 -8.47
CA SER A 37 6.62 -4.15 -8.22
C SER A 37 7.43 -4.97 -9.22
N SER A 38 6.86 -5.15 -10.41
CA SER A 38 7.52 -5.93 -11.45
C SER A 38 8.73 -5.17 -11.99
N LYS A 39 8.61 -3.85 -12.10
CA LYS A 39 9.69 -3.02 -12.60
C LYS A 39 10.68 -2.68 -11.49
N ALA A 40 10.33 -3.04 -10.26
CA ALA A 40 11.20 -2.79 -9.11
C ALA A 40 12.28 -3.84 -8.99
N GLY A 41 11.94 -5.08 -9.34
CA GLY A 41 12.91 -6.16 -9.28
C GLY A 41 12.37 -7.36 -8.52
N LEU A 42 13.22 -7.96 -7.70
CA LEU A 42 12.83 -9.13 -6.91
C LEU A 42 12.88 -8.82 -5.42
N ALA A 43 12.86 -7.54 -5.08
CA ALA A 43 12.90 -7.12 -3.69
C ALA A 43 11.54 -7.28 -3.02
N PRO A 44 11.55 -7.54 -1.71
CA PRO A 44 10.33 -7.72 -0.92
C PRO A 44 9.54 -6.43 -0.76
N LEU A 45 8.30 -6.56 -0.28
CA LEU A 45 7.44 -5.39 -0.09
C LEU A 45 6.89 -5.35 1.34
N GLU A 46 7.05 -4.21 1.99
CA GLU A 46 6.57 -4.05 3.36
C GLU A 46 5.35 -3.12 3.41
N VAL A 47 4.53 -3.28 4.44
CA VAL A 47 3.34 -2.46 4.60
C VAL A 47 3.10 -2.10 6.06
N ARG A 48 2.77 -0.85 6.31
CA ARG A 48 2.52 -0.37 7.66
C ARG A 48 1.37 0.63 7.69
N VAL A 49 0.55 0.55 8.73
CA VAL A 49 -0.59 1.46 8.88
C VAL A 49 -0.53 2.20 10.22
N LEU A 50 -0.71 3.52 10.16
CA LEU A 50 -0.67 4.34 11.36
C LEU A 50 -2.09 4.72 11.79
N GLY A 51 -2.19 5.47 12.89
CA GLY A 51 -3.49 5.89 13.38
C GLY A 51 -3.56 7.38 13.62
N PRO A 52 -4.77 7.95 13.54
CA PRO A 52 -4.99 9.38 13.74
C PRO A 52 -4.79 9.80 15.20
N ARG A 53 -4.98 8.85 16.11
CA ARG A 53 -4.83 9.12 17.53
C ARG A 53 -3.77 8.21 18.14
N GLY A 54 -3.00 7.54 17.28
CA GLY A 54 -1.97 6.64 17.76
C GLY A 54 -2.41 5.19 17.75
N LEU A 55 -3.32 4.86 16.85
CA LEU A 55 -3.83 3.49 16.75
C LEU A 55 -3.06 2.72 15.69
N VAL A 56 -2.87 1.42 15.94
CA VAL A 56 -2.16 0.55 15.01
C VAL A 56 -3.08 -0.52 14.44
N GLU A 57 -2.91 -0.81 13.16
CA GLU A 57 -3.73 -1.82 12.49
C GLU A 57 -2.85 -2.78 11.69
N PRO A 58 -3.28 -4.06 11.65
CA PRO A 58 -2.55 -5.10 10.93
C PRO A 58 -2.63 -4.91 9.41
N VAL A 59 -1.87 -5.73 8.68
CA VAL A 59 -1.85 -5.66 7.23
C VAL A 59 -1.70 -7.05 6.61
N ASN A 60 -2.08 -7.17 5.34
CA ASN A 60 -2.00 -8.44 4.63
C ASN A 60 -1.15 -8.31 3.38
N VAL A 61 -0.35 -9.33 3.09
CA VAL A 61 0.51 -9.33 1.92
C VAL A 61 0.42 -10.65 1.17
N VAL A 62 -0.06 -10.59 -0.07
CA VAL A 62 -0.20 -11.78 -0.90
C VAL A 62 0.21 -11.50 -2.34
N ASP A 63 1.04 -12.37 -2.90
CA ASP A 63 1.51 -12.23 -4.27
C ASP A 63 0.46 -12.71 -5.26
N ASN A 64 0.24 -11.95 -6.33
CA ASN A 64 -0.74 -12.30 -7.34
C ASN A 64 -0.22 -13.43 -8.23
N GLY A 65 1.05 -13.35 -8.60
CA GLY A 65 1.64 -14.37 -9.45
C GLY A 65 2.00 -13.85 -10.83
N ASP A 66 1.34 -12.77 -11.23
CA ASP A 66 1.59 -12.18 -12.55
C ASP A 66 2.68 -11.10 -12.46
N GLY A 67 2.60 -10.28 -11.42
CA GLY A 67 3.57 -9.23 -11.23
C GLY A 67 3.10 -8.15 -10.29
N THR A 68 2.32 -8.54 -9.29
CA THR A 68 1.79 -7.59 -8.31
C THR A 68 1.56 -8.27 -6.97
N HIS A 69 1.12 -7.49 -5.98
CA HIS A 69 0.85 -8.01 -4.65
C HIS A 69 -0.39 -7.36 -4.05
N THR A 70 -1.34 -8.18 -3.60
CA THR A 70 -2.56 -7.69 -3.00
C THR A 70 -2.39 -7.43 -1.50
N VAL A 71 -2.98 -6.34 -1.04
CA VAL A 71 -2.89 -5.98 0.38
C VAL A 71 -4.26 -5.64 0.95
N THR A 72 -4.78 -6.53 1.78
CA THR A 72 -6.10 -6.32 2.39
C THR A 72 -5.97 -5.71 3.78
N TYR A 73 -6.87 -4.80 4.11
CA TYR A 73 -6.85 -4.14 5.41
C TYR A 73 -8.22 -3.55 5.74
N THR A 74 -8.39 -3.15 6.99
CA THR A 74 -9.66 -2.57 7.44
C THR A 74 -9.42 -1.49 8.49
N PRO A 75 -9.74 -0.24 8.13
CA PRO A 75 -9.57 0.91 9.03
C PRO A 75 -10.56 0.89 10.18
N SER A 76 -10.13 0.34 11.32
CA SER A 76 -10.98 0.26 12.50
C SER A 76 -11.91 1.47 12.59
N GLN A 77 -11.32 2.66 12.58
CA GLN A 77 -12.09 3.89 12.66
C GLN A 77 -11.67 4.87 11.57
N GLU A 78 -12.55 5.82 11.26
CA GLU A 78 -12.27 6.81 10.24
C GLU A 78 -11.23 7.82 10.71
N GLY A 79 -10.79 8.69 9.81
CA GLY A 79 -9.80 9.69 10.17
C GLY A 79 -8.61 9.69 9.22
N PRO A 80 -7.69 10.64 9.43
CA PRO A 80 -6.49 10.77 8.60
C PRO A 80 -5.50 9.62 8.83
N TYR A 81 -5.73 8.51 8.13
CA TYR A 81 -4.87 7.34 8.25
C TYR A 81 -3.64 7.49 7.37
N MET A 82 -2.71 6.54 7.51
CA MET A 82 -1.49 6.56 6.71
C MET A 82 -0.97 5.14 6.48
N VAL A 83 -0.67 4.83 5.22
CA VAL A 83 -0.17 3.51 4.85
C VAL A 83 1.25 3.59 4.31
N SER A 84 2.23 3.33 5.16
CA SER A 84 3.63 3.37 4.76
C SER A 84 4.03 2.08 4.04
N VAL A 85 4.70 2.25 2.91
CA VAL A 85 5.15 1.09 2.13
C VAL A 85 6.64 1.19 1.80
N LYS A 86 7.35 0.08 1.99
CA LYS A 86 8.78 0.04 1.71
C LYS A 86 9.12 -1.06 0.71
N TYR A 87 10.34 -1.03 0.19
CA TYR A 87 10.77 -2.02 -0.77
C TYR A 87 12.30 -2.20 -0.74
N ALA A 88 12.76 -3.30 -0.15
CA ALA A 88 14.18 -3.58 -0.06
C ALA A 88 14.87 -2.57 0.86
N ASP A 89 14.23 -2.27 1.99
CA ASP A 89 14.78 -1.33 2.95
C ASP A 89 14.91 0.06 2.34
N GLU A 90 13.98 0.41 1.45
CA GLU A 90 14.00 1.71 0.79
C GLU A 90 12.57 2.23 0.59
N GLU A 91 12.19 3.21 1.40
CA GLU A 91 10.86 3.80 1.32
C GLU A 91 10.57 4.29 -0.10
N ILE A 92 9.63 3.64 -0.77
CA ILE A 92 9.26 4.01 -2.12
C ILE A 92 8.98 5.50 -2.23
N PRO A 93 9.17 6.06 -3.43
CA PRO A 93 8.94 7.48 -3.69
C PRO A 93 7.46 7.84 -3.67
N ARG A 94 6.63 6.90 -3.24
CA ARG A 94 5.19 7.12 -3.17
C ARG A 94 4.69 6.92 -1.74
N SER A 95 5.60 6.55 -0.84
CA SER A 95 5.24 6.32 0.55
C SER A 95 5.87 7.38 1.45
N PRO A 96 5.22 7.65 2.59
CA PRO A 96 3.97 6.97 2.97
C PRO A 96 2.79 7.38 2.08
N PHE A 97 1.65 6.74 2.29
CA PHE A 97 0.45 7.03 1.52
C PHE A 97 -0.65 7.61 2.40
N LYS A 98 -1.04 8.85 2.11
CA LYS A 98 -2.09 9.52 2.89
C LYS A 98 -3.46 9.02 2.48
N VAL A 99 -4.16 8.37 3.42
CA VAL A 99 -5.49 7.84 3.16
C VAL A 99 -6.47 8.31 4.22
N LYS A 100 -7.31 9.28 3.85
CA LYS A 100 -8.30 9.82 4.78
C LYS A 100 -9.56 8.95 4.79
N VAL A 101 -9.66 8.08 5.80
CA VAL A 101 -10.81 7.19 5.93
C VAL A 101 -12.07 7.98 6.26
N LEU A 102 -13.21 7.51 5.75
CA LEU A 102 -14.49 8.16 5.99
C LEU A 102 -15.39 7.29 6.86
N PRO A 103 -16.33 7.93 7.56
CA PRO A 103 -17.28 7.23 8.43
C PRO A 103 -18.30 6.40 7.65
N THR A 104 -18.32 5.10 7.91
CA THR A 104 -19.25 4.20 7.23
C THR A 104 -20.56 4.90 6.91
N TYR A 105 -21.00 5.77 7.82
CA TYR A 105 -22.24 6.50 7.64
C TYR A 105 -22.01 7.78 6.84
N ASP A 106 -22.47 7.79 5.60
CA ASP A 106 -22.32 8.95 4.73
C ASP A 106 -23.68 9.55 4.38
N ALA A 107 -24.16 10.45 5.23
CA ALA A 107 -25.45 11.10 5.01
C ALA A 107 -25.29 12.36 4.15
N SER A 108 -24.46 12.26 3.12
CA SER A 108 -24.22 13.39 2.24
C SER A 108 -25.48 13.78 1.49
#